data_9NZB
#
_entry.id   9NZB
#
_cell.length_a   64.828
_cell.length_b   198.038
_cell.length_c   65.351
_cell.angle_alpha   90.00
_cell.angle_beta   91.33
_cell.angle_gamma   90.00
#
_symmetry.space_group_name_H-M   'P 1 21 1'
#
loop_
_entity.id
_entity.type
_entity.pdbx_description
1 polymer 'Acyl-CoA lyase beta chain'
2 water water
#
_entity_poly.entity_id   1
_entity_poly.type   'polypeptide(L)'
_entity_poly.pdbx_seq_one_letter_code
;SNAMNRQIVRSALFVPATRPERIPKALASGADRVIVDLEDAVEEGLKVEARANLRRFLVDTPEARVLVRINAAEHPGHAD
DLALCRDHAGVIGLLLPKVESAAQVRHAAVASGKPVWPIVESARGLAALGEIAAAAGVERLSFGSLDLALDLDLNSGSNA
AEQILGHARYALLLQTRLAGLAPPLDGVYPAIQNRAGLVEAVRFARDMGFGGLLCIHPSQVEPIHQTLMPSPAELEWARR
VAEAGASGAGVFVVDGEMVDAPVLGRARRLLERAGEGG
;
_entity_poly.pdbx_strand_id   A,B,C,D,E,F
#
# COMPACT_ATOMS: atom_id res chain seq x y z
N MET A 4 40.85 8.55 25.73
CA MET A 4 40.96 9.99 26.13
C MET A 4 39.55 10.52 26.42
N ASN A 5 39.35 11.82 26.24
CA ASN A 5 38.05 12.44 26.48
C ASN A 5 37.06 12.18 25.35
N ARG A 6 37.36 11.28 24.40
CA ARG A 6 36.40 11.08 23.31
C ARG A 6 36.41 9.64 22.80
N GLN A 7 37.36 8.82 23.24
CA GLN A 7 37.38 7.45 22.76
C GLN A 7 36.39 6.58 23.52
N ILE A 8 36.14 5.42 22.93
CA ILE A 8 35.36 4.38 23.58
C ILE A 8 36.21 3.82 24.72
N VAL A 9 35.56 3.65 25.88
CA VAL A 9 36.12 2.95 27.00
C VAL A 9 35.32 1.65 27.07
N ARG A 10 35.96 0.51 26.79
CA ARG A 10 35.26 -0.77 26.73
C ARG A 10 34.95 -1.32 28.12
N SER A 11 35.83 -1.00 29.08
CA SER A 11 35.74 -1.54 30.42
C SER A 11 36.35 -0.54 31.40
N ALA A 12 35.67 -0.35 32.54
CA ALA A 12 36.12 0.50 33.64
C ALA A 12 35.96 -0.33 34.90
N LEU A 13 37.09 -0.81 35.44
CA LEU A 13 37.13 -1.78 36.53
C LEU A 13 37.31 -1.11 37.87
N PHE A 14 36.36 -1.37 38.77
CA PHE A 14 36.45 -0.86 40.13
C PHE A 14 37.46 -1.66 40.97
N VAL A 15 38.17 -0.94 41.85
CA VAL A 15 39.03 -1.55 42.83
C VAL A 15 38.95 -0.69 44.09
N PRO A 16 38.67 -1.26 45.27
CA PRO A 16 38.60 -0.45 46.49
C PRO A 16 39.96 0.04 46.97
N ALA A 17 40.02 1.30 47.44
CA ALA A 17 41.26 1.89 47.92
C ALA A 17 41.71 1.24 49.23
N THR A 18 40.85 0.38 49.82
CA THR A 18 41.22 -0.35 51.02
C THR A 18 42.13 -1.53 50.69
N ARG A 19 42.20 -1.91 49.41
CA ARG A 19 43.02 -3.03 48.94
C ARG A 19 44.01 -2.49 47.93
N PRO A 20 45.03 -1.71 48.36
CA PRO A 20 45.95 -1.07 47.42
C PRO A 20 46.74 -2.05 46.58
N GLU A 21 46.95 -3.26 47.11
CA GLU A 21 47.71 -4.27 46.38
C GLU A 21 46.93 -4.74 45.15
N ARG A 22 45.61 -4.53 45.16
N ARG A 22 45.61 -4.52 45.14
CA ARG A 22 44.76 -4.93 44.05
CA ARG A 22 44.79 -4.95 44.01
C ARG A 22 44.75 -3.88 42.93
C ARG A 22 44.75 -3.88 42.93
N ILE A 23 45.23 -2.66 43.21
CA ILE A 23 45.22 -1.60 42.20
C ILE A 23 46.08 -2.01 41.00
N PRO A 24 47.38 -2.41 41.18
CA PRO A 24 48.20 -2.84 40.05
C PRO A 24 47.60 -4.07 39.36
N LYS A 25 46.91 -4.93 40.13
CA LYS A 25 46.29 -6.11 39.56
C LYS A 25 45.18 -5.69 38.60
N ALA A 26 44.44 -4.65 38.99
CA ALA A 26 43.37 -4.12 38.16
C ALA A 26 43.96 -3.56 36.88
N LEU A 27 45.06 -2.82 37.01
CA LEU A 27 45.73 -2.23 35.86
C LEU A 27 46.27 -3.30 34.93
N ALA A 28 46.70 -4.45 35.48
CA ALA A 28 47.27 -5.52 34.66
C ALA A 28 46.21 -6.39 33.99
N SER A 29 44.93 -6.19 34.33
CA SER A 29 43.83 -6.96 33.75
C SER A 29 43.59 -6.57 32.30
N GLY A 30 44.11 -5.42 31.88
CA GLY A 30 43.90 -4.95 30.53
C GLY A 30 42.67 -4.06 30.41
N ALA A 31 41.98 -3.79 31.53
CA ALA A 31 40.81 -2.92 31.51
C ALA A 31 41.22 -1.58 30.89
N ASP A 32 40.33 -0.96 30.10
CA ASP A 32 40.61 0.33 29.48
C ASP A 32 40.82 1.41 30.54
N ARG A 33 40.04 1.32 31.61
CA ARG A 33 40.18 2.25 32.72
C ARG A 33 40.05 1.49 34.03
N VAL A 34 40.78 1.96 35.04
CA VAL A 34 40.68 1.43 36.38
C VAL A 34 40.14 2.57 37.26
N ILE A 35 39.12 2.24 38.06
CA ILE A 35 38.47 3.20 38.95
C ILE A 35 38.83 2.82 40.38
N VAL A 36 39.59 3.67 41.06
CA VAL A 36 39.91 3.40 42.44
C VAL A 36 38.76 3.99 43.25
N ASP A 37 38.14 3.17 44.08
CA ASP A 37 36.94 3.59 44.79
C ASP A 37 37.23 4.04 46.22
N LEU A 38 36.73 5.24 46.57
CA LEU A 38 36.78 5.79 47.92
C LEU A 38 35.37 5.84 48.49
N GLU A 39 34.38 5.43 47.68
CA GLU A 39 33.00 5.61 48.10
C GLU A 39 32.40 4.34 48.72
N ASP A 40 31.34 3.77 48.10
CA ASP A 40 30.55 2.71 48.72
C ASP A 40 31.31 1.41 49.03
N ALA A 41 32.41 1.11 48.34
CA ALA A 41 33.16 -0.10 48.66
C ALA A 41 34.07 0.09 49.88
N VAL A 42 34.17 1.32 50.41
CA VAL A 42 35.02 1.57 51.56
C VAL A 42 34.16 1.97 52.76
N GLU A 43 34.22 1.16 53.83
CA GLU A 43 33.49 1.41 55.08
C GLU A 43 33.90 2.79 55.61
N GLU A 44 32.95 3.49 56.24
N GLU A 44 32.94 3.50 56.22
CA GLU A 44 33.17 4.85 56.74
CA GLU A 44 33.15 4.84 56.75
C GLU A 44 34.46 4.95 57.54
C GLU A 44 34.45 4.96 57.55
N GLY A 45 34.67 4.00 58.46
CA GLY A 45 35.83 4.02 59.33
C GLY A 45 37.17 3.88 58.60
N LEU A 46 37.16 3.50 57.33
CA LEU A 46 38.40 3.30 56.59
C LEU A 46 38.64 4.32 55.49
N LYS A 47 37.78 5.35 55.37
CA LYS A 47 37.91 6.30 54.25
C LYS A 47 39.23 7.10 54.30
N VAL A 48 39.65 7.56 55.48
CA VAL A 48 40.87 8.34 55.55
C VAL A 48 42.09 7.47 55.20
N GLU A 49 42.12 6.25 55.73
CA GLU A 49 43.19 5.31 55.44
C GLU A 49 43.22 5.00 53.94
N ALA A 50 42.03 4.86 53.36
CA ALA A 50 41.90 4.52 51.95
C ALA A 50 42.46 5.63 51.07
N ARG A 51 42.15 6.88 51.45
CA ARG A 51 42.63 8.03 50.70
C ARG A 51 44.16 8.05 50.76
N ALA A 52 44.74 7.77 51.94
CA ALA A 52 46.18 7.71 52.12
C ALA A 52 46.80 6.59 51.26
N ASN A 53 46.08 5.46 51.15
CA ASN A 53 46.52 4.34 50.34
C ASN A 53 46.58 4.75 48.87
N LEU A 54 45.57 5.52 48.42
CA LEU A 54 45.51 5.96 47.04
C LEU A 54 46.62 6.97 46.78
N ARG A 55 46.81 7.91 47.70
CA ARG A 55 47.91 8.85 47.60
C ARG A 55 49.26 8.14 47.44
N ARG A 56 49.51 7.14 48.28
CA ARG A 56 50.77 6.41 48.25
C ARG A 56 50.95 5.73 46.88
N PHE A 57 49.88 5.10 46.36
CA PHE A 57 49.93 4.44 45.07
C PHE A 57 50.31 5.42 43.95
N LEU A 58 49.65 6.59 43.90
CA LEU A 58 49.90 7.59 42.86
C LEU A 58 51.31 8.14 42.94
N VAL A 59 51.84 8.36 44.15
CA VAL A 59 53.19 8.88 44.33
C VAL A 59 54.22 7.83 43.92
N ASP A 60 53.96 6.56 44.26
CA ASP A 60 54.87 5.46 43.98
C ASP A 60 54.78 4.95 42.54
N THR A 61 53.66 5.25 41.86
CA THR A 61 53.44 4.76 40.51
C THR A 61 52.97 5.95 39.66
N PRO A 62 53.84 6.96 39.42
CA PRO A 62 53.42 8.17 38.70
C PRO A 62 52.98 8.02 37.24
N GLU A 63 53.33 6.91 36.59
CA GLU A 63 52.91 6.66 35.22
C GLU A 63 51.54 6.00 35.17
N ALA A 64 51.04 5.56 36.32
CA ALA A 64 49.73 4.92 36.33
C ALA A 64 48.67 5.98 36.05
N ARG A 65 47.59 5.56 35.37
CA ARG A 65 46.51 6.48 35.07
C ARG A 65 45.24 5.81 35.56
N VAL A 66 44.51 6.51 36.44
CA VAL A 66 43.30 5.93 37.00
C VAL A 66 42.20 6.99 37.12
N LEU A 67 40.96 6.49 37.22
CA LEU A 67 39.83 7.32 37.61
C LEU A 67 39.65 7.08 39.11
N VAL A 68 38.94 8.01 39.78
CA VAL A 68 38.65 7.86 41.19
C VAL A 68 37.15 8.03 41.38
N ARG A 69 36.51 7.11 42.09
CA ARG A 69 35.11 7.31 42.45
C ARG A 69 35.13 7.97 43.83
N ILE A 70 34.74 9.22 43.88
CA ILE A 70 34.76 9.99 45.12
C ILE A 70 33.43 9.88 45.87
N ASN A 71 33.49 10.32 47.12
CA ASN A 71 32.33 10.49 47.97
C ASN A 71 31.62 11.74 47.48
N ALA A 72 30.28 11.71 47.47
CA ALA A 72 29.46 12.83 47.04
C ALA A 72 29.48 13.96 48.08
N ALA A 73 28.95 15.14 47.70
CA ALA A 73 29.01 16.37 48.50
C ALA A 73 28.45 16.25 49.91
N GLU A 74 27.49 15.34 50.13
CA GLU A 74 26.91 15.22 51.46
C GLU A 74 27.94 14.69 52.45
N HIS A 75 28.95 13.97 51.92
CA HIS A 75 29.94 13.34 52.76
C HIS A 75 31.01 14.36 53.14
N PRO A 76 31.47 14.35 54.40
CA PRO A 76 32.48 15.32 54.85
C PRO A 76 33.85 15.18 54.19
N GLY A 77 34.11 14.06 53.52
CA GLY A 77 35.39 13.81 52.87
C GLY A 77 35.41 14.26 51.41
N HIS A 78 34.30 14.83 50.90
CA HIS A 78 34.19 15.27 49.52
C HIS A 78 35.33 16.22 49.16
N ALA A 79 35.59 17.22 50.01
CA ALA A 79 36.64 18.18 49.69
C ALA A 79 38.00 17.47 49.61
N ASP A 80 38.30 16.58 50.56
CA ASP A 80 39.57 15.87 50.57
C ASP A 80 39.72 14.98 49.35
N ASP A 81 38.61 14.36 48.94
CA ASP A 81 38.63 13.52 47.75
C ASP A 81 38.93 14.37 46.52
N LEU A 82 38.29 15.55 46.44
CA LEU A 82 38.50 16.43 45.29
C LEU A 82 39.95 16.95 45.26
N ALA A 83 40.52 17.27 46.45
CA ALA A 83 41.89 17.75 46.52
C ALA A 83 42.85 16.68 46.01
N LEU A 84 42.58 15.41 46.36
CA LEU A 84 43.39 14.30 45.90
C LEU A 84 43.33 14.22 44.38
N CYS A 85 42.12 14.33 43.81
CA CYS A 85 41.99 14.29 42.36
C CYS A 85 42.75 15.46 41.71
N ARG A 86 42.67 16.64 42.33
CA ARG A 86 43.29 17.84 41.80
C ARG A 86 44.81 17.77 41.79
N ASP A 87 45.41 17.16 42.82
CA ASP A 87 46.85 17.26 43.04
C ASP A 87 47.68 16.13 42.45
N HIS A 88 47.07 15.07 41.88
CA HIS A 88 47.85 13.98 41.34
C HIS A 88 47.56 13.85 39.84
N ALA A 89 48.63 13.97 39.02
CA ALA A 89 48.49 13.92 37.57
C ALA A 89 47.93 12.59 37.10
N GLY A 90 48.20 11.52 37.86
CA GLY A 90 47.75 10.17 37.52
C GLY A 90 46.24 10.00 37.55
N VAL A 91 45.53 10.92 38.22
CA VAL A 91 44.07 10.90 38.24
C VAL A 91 43.59 11.63 36.98
N ILE A 92 43.02 10.88 36.03
CA ILE A 92 42.59 11.43 34.74
C ILE A 92 41.09 11.70 34.68
N GLY A 93 40.39 11.49 35.79
CA GLY A 93 38.96 11.75 35.84
C GLY A 93 38.37 11.20 37.13
N LEU A 94 37.13 11.58 37.40
CA LEU A 94 36.49 11.11 38.60
C LEU A 94 35.04 10.75 38.32
N LEU A 95 34.58 9.71 38.99
CA LEU A 95 33.20 9.30 38.96
C LEU A 95 32.50 10.01 40.11
N LEU A 96 31.40 10.65 39.78
CA LEU A 96 30.64 11.36 40.78
C LEU A 96 29.37 10.57 41.01
N PRO A 97 29.23 9.88 42.15
CA PRO A 97 28.02 9.10 42.42
C PRO A 97 26.83 9.93 42.88
N LYS A 98 25.66 9.32 42.79
CA LYS A 98 24.40 9.90 43.24
C LYS A 98 24.22 11.31 42.68
N VAL A 99 24.49 11.51 41.38
N VAL A 99 24.50 11.51 41.38
CA VAL A 99 24.40 12.84 40.81
CA VAL A 99 24.41 12.83 40.80
C VAL A 99 22.93 13.20 40.61
C VAL A 99 22.94 13.20 40.61
N GLU A 100 22.55 14.38 41.12
CA GLU A 100 21.18 14.84 41.00
C GLU A 100 21.07 16.25 40.41
N SER A 101 22.19 16.94 40.15
CA SER A 101 22.08 18.28 39.61
C SER A 101 23.34 18.66 38.83
N ALA A 102 23.19 19.68 37.98
CA ALA A 102 24.30 20.20 37.22
C ALA A 102 25.30 20.85 38.18
N ALA A 103 24.78 21.51 39.22
CA ALA A 103 25.63 22.19 40.19
C ALA A 103 26.62 21.22 40.84
N GLN A 104 26.15 20.00 41.15
CA GLN A 104 27.01 19.01 41.79
C GLN A 104 28.17 18.65 40.85
N VAL A 105 27.87 18.55 39.56
CA VAL A 105 28.88 18.23 38.57
C VAL A 105 29.92 19.35 38.48
N ARG A 106 29.43 20.58 38.33
CA ARG A 106 30.31 21.73 38.14
C ARG A 106 31.23 21.89 39.34
N HIS A 107 30.70 21.71 40.54
CA HIS A 107 31.50 21.85 41.74
C HIS A 107 32.67 20.87 41.71
N ALA A 108 32.39 19.61 41.30
CA ALA A 108 33.38 18.55 41.25
C ALA A 108 34.41 18.82 40.15
N ALA A 109 33.94 19.29 38.99
CA ALA A 109 34.82 19.54 37.85
C ALA A 109 35.76 20.70 38.12
N VAL A 110 35.24 21.77 38.72
CA VAL A 110 36.06 22.94 38.96
C VAL A 110 37.01 22.68 40.12
N ALA A 111 36.52 22.07 41.20
CA ALA A 111 37.40 21.83 42.34
C ALA A 111 38.54 20.86 41.97
N SER A 112 38.27 19.86 41.14
CA SER A 112 39.31 18.89 40.79
C SER A 112 40.14 19.32 39.58
N GLY A 113 39.54 20.10 38.67
CA GLY A 113 40.19 20.47 37.42
C GLY A 113 40.25 19.26 36.50
N LYS A 114 39.53 18.19 36.85
CA LYS A 114 39.56 16.97 36.04
C LYS A 114 38.20 16.65 35.43
N PRO A 115 38.16 15.82 34.36
CA PRO A 115 36.91 15.39 33.74
C PRO A 115 36.02 14.63 34.73
N VAL A 116 34.70 14.80 34.62
CA VAL A 116 33.77 14.12 35.50
C VAL A 116 32.93 13.11 34.72
N TRP A 117 32.74 11.93 35.31
CA TRP A 117 31.81 10.91 34.83
C TRP A 117 30.65 10.87 35.82
N PRO A 118 29.52 11.55 35.55
CA PRO A 118 28.37 11.51 36.46
C PRO A 118 27.80 10.11 36.45
N ILE A 119 27.47 9.57 37.62
CA ILE A 119 26.85 8.25 37.72
C ILE A 119 25.41 8.44 38.18
N VAL A 120 24.45 8.17 37.29
CA VAL A 120 23.03 8.26 37.61
C VAL A 120 22.67 7.06 38.47
N GLU A 121 22.16 7.30 39.68
CA GLU A 121 21.87 6.23 40.62
C GLU A 121 20.47 6.39 41.24
N SER A 122 19.67 7.34 40.76
CA SER A 122 18.38 7.62 41.35
C SER A 122 17.41 8.15 40.30
N ALA A 123 16.13 8.12 40.66
CA ALA A 123 15.06 8.62 39.80
C ALA A 123 15.23 10.13 39.64
N ARG A 124 15.66 10.82 40.70
CA ARG A 124 15.78 12.26 40.66
C ARG A 124 16.92 12.64 39.71
N GLY A 125 17.97 11.81 39.67
CA GLY A 125 19.09 12.05 38.78
C GLY A 125 18.67 11.83 37.32
N LEU A 126 17.84 10.81 37.11
CA LEU A 126 17.34 10.53 35.79
C LEU A 126 16.46 11.67 35.31
N ALA A 127 15.65 12.25 36.19
CA ALA A 127 14.77 13.34 35.79
C ALA A 127 15.56 14.60 35.43
N ALA A 128 16.76 14.77 36.02
CA ALA A 128 17.60 15.94 35.78
C ALA A 128 18.74 15.63 34.82
N LEU A 129 18.64 14.55 34.06
CA LEU A 129 19.78 14.12 33.27
C LEU A 129 20.14 15.14 32.19
N GLY A 130 19.15 15.82 31.64
CA GLY A 130 19.38 16.87 30.65
C GLY A 130 20.40 17.89 31.14
N GLU A 131 20.15 18.47 32.33
CA GLU A 131 21.06 19.49 32.84
C GLU A 131 22.40 18.88 33.26
N ILE A 132 22.37 17.69 33.85
CA ILE A 132 23.58 16.99 34.29
C ILE A 132 24.52 16.76 33.11
N ALA A 133 23.99 16.19 32.02
CA ALA A 133 24.81 15.84 30.87
C ALA A 133 25.40 17.07 30.19
N ALA A 134 24.70 18.21 30.28
CA ALA A 134 25.10 19.44 29.62
C ALA A 134 26.07 20.26 30.46
N ALA A 135 26.37 19.81 31.68
CA ALA A 135 27.26 20.56 32.57
C ALA A 135 28.70 20.58 32.04
N ALA A 136 29.38 21.72 32.22
CA ALA A 136 30.76 21.82 31.75
C ALA A 136 31.63 20.87 32.58
N GLY A 137 32.49 20.10 31.90
CA GLY A 137 33.41 19.19 32.56
C GLY A 137 33.02 17.71 32.42
N VAL A 138 31.81 17.44 31.94
CA VAL A 138 31.35 16.07 31.81
C VAL A 138 32.06 15.40 30.63
N GLU A 139 32.63 14.21 30.86
CA GLU A 139 33.26 13.46 29.78
C GLU A 139 32.24 12.49 29.14
N ARG A 140 31.63 11.66 29.97
CA ARG A 140 30.67 10.65 29.54
C ARG A 140 29.82 10.26 30.74
N LEU A 141 28.75 9.52 30.49
CA LEU A 141 27.80 9.10 31.51
C LEU A 141 27.87 7.61 31.78
N SER A 142 27.47 7.24 33.00
CA SER A 142 27.21 5.85 33.33
C SER A 142 26.13 5.80 34.39
N PHE A 143 25.68 4.60 34.76
CA PHE A 143 24.65 4.57 35.80
C PHE A 143 24.90 3.38 36.71
N GLY A 144 24.36 3.54 37.92
CA GLY A 144 24.38 2.54 38.95
C GLY A 144 23.12 1.71 38.82
N SER A 145 23.24 0.60 38.09
CA SER A 145 22.14 -0.31 37.79
C SER A 145 21.48 -0.85 39.05
N LEU A 146 22.27 -1.32 40.01
CA LEU A 146 21.70 -1.86 41.24
C LEU A 146 21.07 -0.75 42.07
N ASP A 147 21.76 0.39 42.20
CA ASP A 147 21.26 1.48 43.03
C ASP A 147 19.96 2.05 42.47
N LEU A 148 19.88 2.19 41.15
CA LEU A 148 18.68 2.71 40.53
C LEU A 148 17.53 1.72 40.72
N ALA A 149 17.81 0.42 40.59
CA ALA A 149 16.79 -0.60 40.78
C ALA A 149 16.24 -0.50 42.20
N LEU A 150 17.11 -0.29 43.19
CA LEU A 150 16.67 -0.16 44.56
C LEU A 150 15.81 1.09 44.74
N ASP A 151 16.20 2.20 44.10
CA ASP A 151 15.50 3.46 44.24
C ASP A 151 14.08 3.36 43.67
N LEU A 152 13.90 2.50 42.66
CA LEU A 152 12.61 2.28 42.01
C LEU A 152 11.91 0.99 42.44
N ASP A 153 12.41 0.33 43.49
CA ASP A 153 11.82 -0.89 44.03
C ASP A 153 11.63 -1.98 42.97
N LEU A 154 12.64 -2.17 42.12
CA LEU A 154 12.59 -3.16 41.06
C LEU A 154 13.18 -4.48 41.57
N ASN A 155 12.78 -5.59 40.94
CA ASN A 155 13.35 -6.88 41.26
C ASN A 155 14.56 -7.07 40.32
N SER A 156 15.75 -6.68 40.78
CA SER A 156 16.97 -6.72 39.97
C SER A 156 17.14 -8.07 39.30
N GLY A 157 17.48 -8.03 38.01
CA GLY A 157 17.71 -9.22 37.22
C GLY A 157 16.49 -9.70 36.46
N SER A 158 15.28 -9.26 36.85
CA SER A 158 14.07 -9.72 36.18
C SER A 158 13.91 -9.01 34.84
N ASN A 159 13.13 -9.63 33.96
CA ASN A 159 12.86 -9.04 32.66
C ASN A 159 12.15 -7.70 32.84
N ALA A 160 11.23 -7.62 33.80
CA ALA A 160 10.49 -6.39 34.01
C ALA A 160 11.41 -5.28 34.50
N ALA A 161 12.34 -5.61 35.40
CA ALA A 161 13.28 -4.61 35.89
C ALA A 161 14.16 -4.11 34.73
N GLU A 162 14.57 -5.00 33.84
CA GLU A 162 15.40 -4.60 32.71
C GLU A 162 14.62 -3.66 31.78
N GLN A 163 13.32 -3.89 31.63
CA GLN A 163 12.50 -3.02 30.79
C GLN A 163 12.52 -1.61 31.40
N ILE A 164 12.37 -1.52 32.73
CA ILE A 164 12.38 -0.21 33.38
C ILE A 164 13.77 0.43 33.27
N LEU A 165 14.83 -0.36 33.47
CA LEU A 165 16.19 0.16 33.37
C LEU A 165 16.46 0.61 31.94
N GLY A 166 15.71 0.06 30.98
CA GLY A 166 15.83 0.46 29.58
C GLY A 166 15.57 1.95 29.40
N HIS A 167 14.69 2.52 30.26
CA HIS A 167 14.39 3.94 30.21
C HIS A 167 15.61 4.75 30.61
N ALA A 168 16.33 4.27 31.62
CA ALA A 168 17.52 4.94 32.05
C ALA A 168 18.55 4.87 30.95
N ARG A 169 18.66 3.69 30.35
CA ARG A 169 19.60 3.49 29.27
C ARG A 169 19.30 4.45 28.12
N TYR A 170 18.02 4.53 27.71
CA TYR A 170 17.62 5.41 26.63
C TYR A 170 18.00 6.85 26.96
N ALA A 171 17.75 7.26 28.20
CA ALA A 171 18.09 8.61 28.61
C ALA A 171 19.59 8.86 28.50
N LEU A 172 20.43 7.97 29.04
CA LEU A 172 21.88 8.11 28.90
C LEU A 172 22.29 8.24 27.43
N LEU A 173 21.73 7.40 26.56
CA LEU A 173 22.09 7.42 25.15
C LEU A 173 21.65 8.70 24.44
N LEU A 174 20.42 9.16 24.73
CA LEU A 174 19.88 10.36 24.14
C LEU A 174 20.69 11.58 24.62
N GLN A 175 20.90 11.70 25.93
CA GLN A 175 21.63 12.86 26.46
C GLN A 175 23.08 12.86 25.97
N THR A 176 23.69 11.67 25.80
CA THR A 176 25.04 11.58 25.28
C THR A 176 25.09 12.29 23.93
N ARG A 177 24.12 11.96 23.07
CA ARG A 177 24.09 12.54 21.74
C ARG A 177 23.79 14.03 21.79
N LEU A 178 22.84 14.45 22.63
CA LEU A 178 22.44 15.85 22.70
C LEU A 178 23.57 16.74 23.20
N ALA A 179 24.30 16.25 24.20
CA ALA A 179 25.37 17.03 24.81
C ALA A 179 26.72 16.86 24.13
N GLY A 180 26.83 15.95 23.15
CA GLY A 180 28.09 15.70 22.45
C GLY A 180 29.14 15.01 23.34
N LEU A 181 28.72 14.09 24.20
CA LEU A 181 29.64 13.42 25.10
C LEU A 181 30.29 12.21 24.44
N ALA A 182 31.30 11.68 25.11
CA ALA A 182 31.98 10.46 24.72
C ALA A 182 31.06 9.27 25.03
N PRO A 183 31.31 8.09 24.43
CA PRO A 183 30.40 6.94 24.61
C PRO A 183 30.21 6.51 26.05
N PRO A 184 28.93 6.33 26.45
CA PRO A 184 28.60 5.95 27.82
C PRO A 184 28.93 4.51 28.14
N LEU A 185 28.95 4.25 29.44
CA LEU A 185 29.18 2.91 29.93
C LEU A 185 27.90 2.40 30.58
N ASP A 186 27.60 1.12 30.29
CA ASP A 186 26.46 0.44 30.87
C ASP A 186 26.85 0.08 32.30
N GLY A 187 25.85 -0.18 33.12
CA GLY A 187 26.08 -0.51 34.52
C GLY A 187 26.72 -1.88 34.73
N VAL A 188 27.22 -2.04 35.96
CA VAL A 188 27.83 -3.28 36.39
C VAL A 188 26.86 -4.45 36.27
N TYR A 189 27.43 -5.58 35.81
CA TYR A 189 26.76 -6.87 35.80
C TYR A 189 27.33 -7.60 37.00
N PRO A 190 26.58 -7.68 38.12
CA PRO A 190 27.13 -8.23 39.37
C PRO A 190 27.49 -9.70 39.53
N ALA A 191 26.91 -10.57 38.70
CA ALA A 191 27.13 -12.01 38.85
C ALA A 191 28.46 -12.42 38.23
N ILE A 192 29.53 -12.35 39.04
CA ILE A 192 30.89 -12.63 38.59
C ILE A 192 31.03 -14.05 38.06
N GLN A 193 30.23 -14.99 38.57
CA GLN A 193 30.35 -16.39 38.18
C GLN A 193 29.59 -16.71 36.90
N ASN A 194 28.70 -15.80 36.48
CA ASN A 194 27.85 -16.10 35.31
C ASN A 194 28.43 -15.43 34.05
N ARG A 195 29.48 -16.03 33.49
CA ARG A 195 30.15 -15.49 32.31
C ARG A 195 29.18 -15.37 31.13
N ALA A 196 28.29 -16.35 30.94
CA ALA A 196 27.33 -16.34 29.84
C ALA A 196 26.40 -15.14 29.96
N GLY A 197 25.98 -14.86 31.20
CA GLY A 197 25.09 -13.74 31.45
C GLY A 197 25.79 -12.41 31.16
N LEU A 198 27.07 -12.32 31.52
CA LEU A 198 27.85 -11.12 31.26
C LEU A 198 27.91 -10.87 29.75
N VAL A 199 28.19 -11.93 28.99
CA VAL A 199 28.28 -11.79 27.54
C VAL A 199 26.97 -11.23 26.99
N GLU A 200 25.83 -11.77 27.44
CA GLU A 200 24.53 -11.29 26.96
C GLU A 200 24.36 -9.82 27.30
N ALA A 201 24.79 -9.41 28.51
CA ALA A 201 24.64 -8.03 28.93
C ALA A 201 25.49 -7.11 28.04
N VAL A 202 26.69 -7.55 27.72
CA VAL A 202 27.60 -6.78 26.89
C VAL A 202 27.02 -6.63 25.49
N ARG A 203 26.52 -7.74 24.93
CA ARG A 203 25.94 -7.69 23.59
C ARG A 203 24.80 -6.69 23.54
N PHE A 204 23.93 -6.70 24.54
CA PHE A 204 22.79 -5.80 24.58
C PHE A 204 23.27 -4.34 24.66
N ALA A 205 24.22 -4.06 25.54
CA ALA A 205 24.74 -2.70 25.69
C ALA A 205 25.36 -2.20 24.38
N ARG A 206 26.20 -3.03 23.77
CA ARG A 206 26.87 -2.70 22.53
C ARG A 206 25.85 -2.37 21.42
N ASP A 207 24.81 -3.21 21.32
CA ASP A 207 23.78 -3.08 20.31
C ASP A 207 22.95 -1.81 20.47
N MET A 208 22.93 -1.24 21.69
CA MET A 208 22.17 -0.02 21.87
C MET A 208 23.07 1.22 21.91
N GLY A 209 24.37 1.07 21.63
CA GLY A 209 25.21 2.24 21.46
C GLY A 209 26.12 2.58 22.63
N PHE A 210 26.15 1.73 23.67
CA PHE A 210 27.09 1.92 24.76
C PHE A 210 28.48 1.55 24.27
N GLY A 211 29.51 2.25 24.76
CA GLY A 211 30.87 1.92 24.38
C GLY A 211 31.43 0.74 25.17
N GLY A 212 30.98 0.56 26.42
CA GLY A 212 31.47 -0.53 27.25
C GLY A 212 30.66 -0.67 28.53
N LEU A 213 31.22 -1.43 29.48
CA LEU A 213 30.60 -1.67 30.78
C LEU A 213 31.52 -1.32 31.95
N LEU A 214 30.89 -0.86 33.05
CA LEU A 214 31.55 -0.76 34.33
C LEU A 214 31.72 -2.21 34.78
N CYS A 215 32.79 -2.55 35.51
CA CYS A 215 32.99 -3.94 35.92
C CYS A 215 33.63 -3.98 37.31
N ILE A 216 33.51 -5.15 37.98
CA ILE A 216 33.92 -5.26 39.37
C ILE A 216 34.91 -6.37 39.65
N HIS A 217 35.34 -7.14 38.66
CA HIS A 217 36.33 -8.16 38.92
C HIS A 217 37.17 -8.30 37.66
N PRO A 218 38.52 -8.44 37.78
CA PRO A 218 39.37 -8.59 36.60
C PRO A 218 38.91 -9.65 35.60
N SER A 219 38.27 -10.71 36.11
CA SER A 219 37.82 -11.81 35.26
C SER A 219 36.72 -11.35 34.29
N GLN A 220 36.11 -10.18 34.54
CA GLN A 220 35.06 -9.74 33.63
C GLN A 220 35.63 -9.05 32.39
N VAL A 221 36.91 -8.66 32.42
CA VAL A 221 37.49 -7.87 31.35
C VAL A 221 37.54 -8.65 30.04
N GLU A 222 38.08 -9.86 30.08
CA GLU A 222 38.23 -10.67 28.87
C GLU A 222 36.90 -10.81 28.13
N PRO A 223 35.82 -11.34 28.77
CA PRO A 223 34.54 -11.47 28.08
C PRO A 223 33.96 -10.16 27.56
N ILE A 224 34.16 -9.05 28.27
CA ILE A 224 33.65 -7.78 27.78
C ILE A 224 34.36 -7.45 26.48
N HIS A 225 35.69 -7.51 26.51
CA HIS A 225 36.48 -7.17 25.33
C HIS A 225 36.17 -8.10 24.15
N GLN A 226 36.01 -9.39 24.43
CA GLN A 226 35.73 -10.38 23.39
C GLN A 226 34.39 -10.06 22.73
N THR A 227 33.37 -9.68 23.52
CA THR A 227 32.04 -9.50 22.99
C THR A 227 31.95 -8.18 22.21
N LEU A 228 32.76 -7.18 22.57
CA LEU A 228 32.75 -5.90 21.89
C LEU A 228 33.60 -5.88 20.61
N MET A 229 34.53 -6.83 20.50
CA MET A 229 35.48 -6.87 19.40
C MET A 229 34.76 -7.02 18.05
N PRO A 230 35.02 -6.14 17.06
CA PRO A 230 34.44 -6.29 15.72
C PRO A 230 35.07 -7.50 15.03
N SER A 231 34.48 -7.94 13.92
CA SER A 231 34.97 -9.12 13.21
C SER A 231 36.31 -8.82 12.55
N PRO A 232 37.10 -9.85 12.18
CA PRO A 232 38.38 -9.62 11.50
C PRO A 232 38.19 -8.81 10.22
N ALA A 233 37.06 -9.04 9.52
CA ALA A 233 36.80 -8.38 8.25
C ALA A 233 36.53 -6.90 8.46
N GLU A 234 35.75 -6.58 9.50
CA GLU A 234 35.44 -5.20 9.82
C GLU A 234 36.72 -4.44 10.19
N LEU A 235 37.64 -5.09 10.90
CA LEU A 235 38.88 -4.44 11.31
C LEU A 235 39.82 -4.25 10.13
N GLU A 236 39.95 -5.28 9.28
CA GLU A 236 40.80 -5.18 8.10
C GLU A 236 40.36 -3.95 7.31
N TRP A 237 39.05 -3.83 7.09
CA TRP A 237 38.47 -2.69 6.40
C TRP A 237 38.69 -1.38 7.16
N ALA A 238 38.42 -1.38 8.47
CA ALA A 238 38.53 -0.19 9.29
C ALA A 238 39.94 0.40 9.26
N ARG A 239 40.95 -0.45 9.38
CA ARG A 239 42.34 0.01 9.37
C ARG A 239 42.65 0.70 8.05
N ARG A 240 42.28 0.07 6.93
CA ARG A 240 42.54 0.63 5.62
C ARG A 240 41.81 1.97 5.45
N VAL A 241 40.58 2.06 5.97
CA VAL A 241 39.80 3.29 5.87
C VAL A 241 40.42 4.38 6.75
N ALA A 242 40.97 3.99 7.90
CA ALA A 242 41.58 4.95 8.81
C ALA A 242 42.75 5.64 8.12
N GLU A 243 43.66 4.84 7.54
CA GLU A 243 44.83 5.37 6.85
C GLU A 243 44.38 6.33 5.75
N ALA A 244 43.40 5.88 4.96
CA ALA A 244 42.86 6.68 3.86
C ALA A 244 41.86 7.70 4.40
N PHE A 252 38.81 9.76 -0.53
CA PHE A 252 39.49 8.54 -1.07
C PHE A 252 38.45 7.44 -1.22
N VAL A 253 38.67 6.53 -2.18
CA VAL A 253 37.76 5.42 -2.42
C VAL A 253 38.35 4.16 -1.77
N VAL A 254 37.64 3.62 -0.77
CA VAL A 254 38.07 2.42 -0.09
C VAL A 254 36.96 1.39 -0.20
N ASP A 255 37.00 0.59 -1.27
CA ASP A 255 36.02 -0.45 -1.54
C ASP A 255 34.75 0.13 -2.17
N GLY A 256 34.75 1.45 -2.45
CA GLY A 256 33.59 2.07 -3.08
C GLY A 256 33.23 3.43 -2.48
N GLU A 257 32.89 3.43 -1.18
CA GLU A 257 32.47 4.65 -0.49
C GLU A 257 33.66 5.59 -0.29
N MET A 258 33.33 6.88 -0.13
CA MET A 258 34.31 7.93 0.11
C MET A 258 34.80 7.86 1.54
N VAL A 259 35.93 8.54 1.82
CA VAL A 259 36.50 8.61 3.14
C VAL A 259 36.04 9.94 3.75
N ASP A 260 34.76 9.98 4.14
CA ASP A 260 34.15 11.16 4.73
C ASP A 260 33.99 10.96 6.24
N ALA A 261 33.60 12.04 6.93
CA ALA A 261 33.42 12.02 8.39
C ALA A 261 32.59 10.81 8.82
N PRO A 262 31.43 10.54 8.17
CA PRO A 262 30.60 9.38 8.54
C PRO A 262 31.31 8.02 8.44
N VAL A 263 32.26 7.90 7.51
CA VAL A 263 32.99 6.67 7.29
C VAL A 263 34.17 6.56 8.25
N LEU A 264 34.85 7.68 8.53
CA LEU A 264 35.96 7.68 9.48
C LEU A 264 35.42 7.46 10.89
N GLY A 265 34.28 8.11 11.19
CA GLY A 265 33.62 7.94 12.49
C GLY A 265 33.21 6.48 12.67
N ARG A 266 32.79 5.86 11.56
CA ARG A 266 32.41 4.45 11.52
C ARG A 266 33.65 3.56 11.66
N ALA A 267 34.63 3.81 10.80
CA ALA A 267 35.86 3.04 10.81
C ALA A 267 36.60 3.25 12.13
N ARG A 268 36.60 4.48 12.65
CA ARG A 268 37.34 4.74 13.88
C ARG A 268 36.59 4.19 15.08
N ARG A 269 35.27 4.01 14.95
CA ARG A 269 34.51 3.45 16.06
C ARG A 269 34.85 1.96 16.14
N LEU A 270 34.99 1.31 14.98
CA LEU A 270 35.37 -0.09 14.94
C LEU A 270 36.73 -0.27 15.61
N LEU A 271 37.69 0.61 15.29
CA LEU A 271 39.03 0.51 15.84
C LEU A 271 39.01 0.69 17.36
N GLU A 272 38.17 1.61 17.86
CA GLU A 272 38.08 1.84 19.30
C GLU A 272 37.43 0.65 20.00
N ARG A 273 36.45 -0.02 19.33
CA ARG A 273 35.81 -1.18 19.91
C ARG A 273 36.79 -2.36 19.98
N ALA A 274 37.82 -2.33 19.12
CA ALA A 274 38.84 -3.36 19.10
C ALA A 274 39.99 -2.98 20.02
N GLY A 275 39.94 -1.76 20.58
CA GLY A 275 40.97 -1.25 21.46
C GLY A 275 42.17 -0.70 20.67
N GLU A 276 41.93 -0.33 19.40
CA GLU A 276 42.97 0.19 18.52
C GLU A 276 42.70 1.66 18.17
N GLY A 277 42.36 2.46 19.18
CA GLY A 277 42.11 3.88 18.97
C GLY A 277 43.34 4.69 19.37
N GLY A 278 43.25 6.02 19.23
CA GLY A 278 44.33 6.93 19.58
C GLY A 278 45.53 6.79 18.67
N MET B 4 -4.72 1.84 55.17
CA MET B 4 -3.59 2.77 55.42
C MET B 4 -3.26 3.51 54.11
N ASN B 5 -2.92 4.79 54.25
CA ASN B 5 -2.65 5.69 53.15
C ASN B 5 -1.28 5.51 52.51
N ARG B 6 -0.39 4.68 53.09
CA ARG B 6 0.93 4.54 52.50
C ARG B 6 1.34 3.08 52.30
N GLN B 7 0.45 2.15 52.63
CA GLN B 7 0.82 0.75 52.51
C GLN B 7 0.56 0.25 51.09
N ILE B 8 1.14 -0.92 50.84
CA ILE B 8 0.90 -1.68 49.63
C ILE B 8 -0.58 -2.05 49.60
N VAL B 9 -1.19 -1.92 48.42
CA VAL B 9 -2.52 -2.42 48.17
C VAL B 9 -2.29 -3.47 47.09
N ARG B 10 -2.46 -4.75 47.46
CA ARG B 10 -2.18 -5.87 46.58
C ARG B 10 -3.28 -6.06 45.54
N SER B 11 -4.50 -5.74 45.96
CA SER B 11 -5.67 -5.94 45.13
C SER B 11 -6.75 -4.93 45.47
N ALA B 12 -7.35 -4.38 44.41
CA ALA B 12 -8.46 -3.45 44.52
C ALA B 12 -9.54 -3.98 43.59
N LEU B 13 -10.62 -4.50 44.19
CA LEU B 13 -11.68 -5.19 43.48
C LEU B 13 -12.87 -4.29 43.16
N PHE B 14 -13.19 -4.20 41.88
CA PHE B 14 -14.33 -3.43 41.43
C PHE B 14 -15.63 -4.20 41.60
N VAL B 15 -16.67 -3.48 42.06
CA VAL B 15 -18.03 -3.99 42.15
C VAL B 15 -18.94 -2.89 41.62
N PRO B 16 -19.83 -3.14 40.64
CA PRO B 16 -20.69 -2.07 40.14
C PRO B 16 -21.74 -1.67 41.18
N ALA B 17 -22.08 -0.37 41.22
CA ALA B 17 -23.08 0.12 42.17
C ALA B 17 -24.47 -0.37 41.79
N THR B 18 -24.61 -0.97 40.59
CA THR B 18 -25.85 -1.58 40.18
C THR B 18 -26.02 -2.95 40.83
N ARG B 19 -25.00 -3.42 41.55
CA ARG B 19 -25.04 -4.73 42.20
C ARG B 19 -24.62 -4.55 43.65
N PRO B 20 -25.38 -3.77 44.45
CA PRO B 20 -25.01 -3.50 45.84
C PRO B 20 -24.89 -4.77 46.67
N GLU B 21 -25.69 -5.78 46.30
CA GLU B 21 -25.69 -7.03 47.03
C GLU B 21 -24.35 -7.76 46.84
N ARG B 22 -23.54 -7.37 45.84
CA ARG B 22 -22.25 -8.02 45.65
C ARG B 22 -21.16 -7.36 46.49
N ILE B 23 -21.43 -6.21 47.09
CA ILE B 23 -20.40 -5.51 47.84
C ILE B 23 -19.97 -6.36 49.05
N PRO B 24 -20.87 -6.91 49.89
CA PRO B 24 -20.45 -7.74 51.02
C PRO B 24 -19.55 -8.90 50.62
N LYS B 25 -19.80 -9.52 49.45
CA LYS B 25 -18.98 -10.64 49.01
C LYS B 25 -17.55 -10.16 48.70
N ALA B 26 -17.47 -9.02 48.02
CA ALA B 26 -16.19 -8.43 47.68
C ALA B 26 -15.41 -8.08 48.95
N LEU B 27 -16.11 -7.57 49.96
CA LEU B 27 -15.48 -7.17 51.22
C LEU B 27 -14.98 -8.37 52.03
N ALA B 28 -15.44 -9.59 51.73
CA ALA B 28 -15.03 -10.80 52.43
C ALA B 28 -14.10 -11.66 51.56
N SER B 29 -13.79 -11.19 50.35
CA SER B 29 -12.94 -11.92 49.42
C SER B 29 -11.48 -11.92 49.84
N GLY B 30 -11.10 -11.04 50.77
CA GLY B 30 -9.69 -10.91 51.13
C GLY B 30 -9.03 -9.80 50.32
N ALA B 31 -9.76 -9.21 49.37
CA ALA B 31 -9.21 -8.10 48.60
C ALA B 31 -8.80 -6.98 49.55
N ASP B 32 -7.66 -6.35 49.28
CA ASP B 32 -7.16 -5.30 50.15
C ASP B 32 -8.09 -4.08 50.11
N ARG B 33 -8.67 -3.80 48.94
CA ARG B 33 -9.63 -2.70 48.83
C ARG B 33 -10.78 -3.13 47.93
N VAL B 34 -11.96 -2.60 48.23
CA VAL B 34 -13.13 -2.79 47.40
C VAL B 34 -13.48 -1.43 46.80
N ILE B 35 -13.69 -1.43 45.48
CA ILE B 35 -14.03 -0.22 44.75
C ILE B 35 -15.45 -0.34 44.22
N VAL B 36 -16.34 0.50 44.73
CA VAL B 36 -17.70 0.51 44.22
C VAL B 36 -17.68 1.46 43.03
N ASP B 37 -18.16 0.98 41.88
CA ASP B 37 -18.05 1.71 40.66
C ASP B 37 -19.34 2.40 40.24
N LEU B 38 -19.25 3.71 40.00
CA LEU B 38 -20.36 4.53 39.52
C LEU B 38 -20.10 4.95 38.06
N GLU B 39 -18.94 4.55 37.52
CA GLU B 39 -18.53 5.02 36.21
C GLU B 39 -18.89 4.01 35.12
N ASP B 40 -17.89 3.47 34.42
CA ASP B 40 -18.10 2.62 33.24
C ASP B 40 -18.98 1.39 33.45
N ALA B 41 -18.97 0.75 34.62
CA ALA B 41 -19.80 -0.43 34.83
C ALA B 41 -21.28 -0.09 34.95
N VAL B 42 -21.62 1.21 35.00
CA VAL B 42 -23.00 1.62 35.17
C VAL B 42 -23.46 2.42 33.95
N GLU B 43 -24.48 1.89 33.26
CA GLU B 43 -25.08 2.55 32.11
C GLU B 43 -25.57 3.94 32.53
N GLU B 44 -25.49 4.88 31.58
CA GLU B 44 -25.84 6.28 31.80
C GLU B 44 -27.22 6.43 32.44
N GLY B 45 -28.20 5.67 31.98
CA GLY B 45 -29.56 5.78 32.50
C GLY B 45 -29.71 5.32 33.95
N LEU B 46 -28.73 4.57 34.49
CA LEU B 46 -28.84 4.00 35.83
C LEU B 46 -27.92 4.69 36.83
N LYS B 47 -27.15 5.70 36.40
CA LYS B 47 -26.20 6.32 37.32
C LYS B 47 -26.86 6.93 38.55
N VAL B 48 -28.04 7.54 38.41
CA VAL B 48 -28.67 8.16 39.57
C VAL B 48 -29.14 7.08 40.55
N GLU B 49 -29.74 6.00 40.02
CA GLU B 49 -30.24 4.88 40.80
C GLU B 49 -29.08 4.18 41.52
N ALA B 50 -27.97 4.01 40.80
CA ALA B 50 -26.79 3.35 41.34
C ALA B 50 -26.19 4.19 42.47
N ARG B 51 -26.16 5.52 42.31
CA ARG B 51 -25.60 6.37 43.34
C ARG B 51 -26.45 6.19 44.60
N ALA B 52 -27.78 6.12 44.43
CA ALA B 52 -28.66 5.93 45.57
C ALA B 52 -28.43 4.55 46.19
N ASN B 53 -28.22 3.52 45.37
CA ASN B 53 -27.94 2.19 45.88
C ASN B 53 -26.74 2.22 46.83
N LEU B 54 -25.69 2.95 46.45
CA LEU B 54 -24.47 3.03 47.25
C LEU B 54 -24.75 3.78 48.54
N ARG B 55 -25.41 4.92 48.41
CA ARG B 55 -25.74 5.73 49.57
C ARG B 55 -26.52 4.88 50.57
N ARG B 56 -27.52 4.12 50.10
CA ARG B 56 -28.29 3.30 51.02
C ARG B 56 -27.42 2.20 51.61
N PHE B 57 -26.50 1.65 50.83
CA PHE B 57 -25.63 0.60 51.31
C PHE B 57 -24.73 1.12 52.42
N LEU B 58 -24.18 2.32 52.22
CA LEU B 58 -23.30 2.92 53.20
C LEU B 58 -24.06 3.26 54.49
N VAL B 59 -25.29 3.74 54.35
CA VAL B 59 -26.08 4.11 55.53
C VAL B 59 -26.44 2.83 56.29
N ASP B 60 -26.83 1.79 55.54
CA ASP B 60 -27.23 0.52 56.13
C ASP B 60 -26.03 -0.27 56.65
N THR B 61 -24.82 0.01 56.14
CA THR B 61 -23.66 -0.79 56.50
C THR B 61 -22.50 0.14 56.92
N PRO B 62 -22.59 0.79 58.11
CA PRO B 62 -21.55 1.71 58.56
C PRO B 62 -20.13 1.20 58.76
N GLU B 63 -19.93 -0.09 59.01
N GLU B 63 -20.00 -0.12 58.97
CA GLU B 63 -18.57 -0.60 59.19
CA GLU B 63 -18.74 -0.80 59.18
C GLU B 63 -17.90 -0.79 57.83
C GLU B 63 -17.98 -1.04 57.86
N ALA B 64 -18.66 -0.84 56.73
CA ALA B 64 -18.04 -1.05 55.41
C ALA B 64 -17.03 0.06 55.11
N ARG B 65 -15.87 -0.32 54.55
CA ARG B 65 -14.85 0.62 54.10
C ARG B 65 -14.60 0.37 52.62
N VAL B 66 -14.92 1.36 51.77
CA VAL B 66 -14.75 1.17 50.34
C VAL B 66 -14.16 2.43 49.69
N LEU B 67 -13.60 2.20 48.50
CA LEU B 67 -13.22 3.25 47.59
C LEU B 67 -14.40 3.38 46.63
N VAL B 68 -14.55 4.55 46.01
CA VAL B 68 -15.59 4.78 45.03
C VAL B 68 -14.96 5.30 43.75
N ARG B 69 -15.26 4.63 42.63
CA ARG B 69 -14.85 5.14 41.32
C ARG B 69 -15.98 6.05 40.84
N ILE B 70 -15.73 7.35 40.85
CA ILE B 70 -16.72 8.34 40.46
C ILE B 70 -16.66 8.61 38.96
N ASN B 71 -17.64 9.36 38.46
CA ASN B 71 -17.66 9.78 37.08
C ASN B 71 -16.63 10.89 36.90
N ALA B 72 -16.08 10.98 35.69
CA ALA B 72 -15.03 11.95 35.38
C ALA B 72 -15.54 13.37 35.56
N ALA B 73 -14.58 14.28 35.60
CA ALA B 73 -14.81 15.69 35.86
C ALA B 73 -15.84 16.29 34.93
N GLU B 74 -15.89 15.85 33.66
CA GLU B 74 -16.80 16.45 32.69
C GLU B 74 -18.20 15.83 32.66
N HIS B 75 -18.44 14.79 33.46
CA HIS B 75 -19.76 14.16 33.49
C HIS B 75 -20.66 14.98 34.40
N PRO B 76 -21.96 15.17 34.06
CA PRO B 76 -22.87 15.95 34.90
C PRO B 76 -23.06 15.45 36.33
N GLY B 77 -22.77 14.17 36.59
CA GLY B 77 -22.95 13.60 37.91
C GLY B 77 -21.70 13.69 38.80
N HIS B 78 -20.66 14.36 38.31
CA HIS B 78 -19.40 14.46 39.03
C HIS B 78 -19.62 15.08 40.41
N ALA B 79 -20.41 16.15 40.47
CA ALA B 79 -20.66 16.84 41.74
C ALA B 79 -21.43 15.95 42.73
N ASP B 80 -22.46 15.23 42.25
CA ASP B 80 -23.26 14.37 43.11
C ASP B 80 -22.42 13.20 43.63
N ASP B 81 -21.57 12.63 42.76
CA ASP B 81 -20.68 11.55 43.16
C ASP B 81 -19.74 12.05 44.28
N LEU B 82 -19.19 13.25 44.12
CA LEU B 82 -18.28 13.80 45.12
C LEU B 82 -18.98 14.02 46.46
N ALA B 83 -20.25 14.46 46.41
CA ALA B 83 -20.99 14.73 47.63
C ALA B 83 -21.21 13.41 48.39
N LEU B 84 -21.41 12.31 47.64
CA LEU B 84 -21.59 11.01 48.26
C LEU B 84 -20.31 10.65 49.00
N CYS B 85 -19.15 10.85 48.35
CA CYS B 85 -17.86 10.56 48.98
C CYS B 85 -17.65 11.43 50.24
N ARG B 86 -18.06 12.70 50.18
CA ARG B 86 -17.88 13.61 51.30
C ARG B 86 -18.72 13.24 52.52
N ASP B 87 -19.95 12.78 52.26
CA ASP B 87 -20.95 12.60 53.30
C ASP B 87 -20.93 11.24 53.99
N HIS B 88 -20.15 10.28 53.51
CA HIS B 88 -20.11 8.95 54.13
C HIS B 88 -18.71 8.62 54.60
N ALA B 89 -18.60 8.37 55.91
CA ALA B 89 -17.30 8.08 56.54
C ALA B 89 -16.69 6.76 56.05
N GLY B 90 -17.53 5.85 55.55
CA GLY B 90 -17.09 4.55 55.05
C GLY B 90 -16.37 4.64 53.69
N VAL B 91 -16.52 5.79 53.02
CA VAL B 91 -15.78 6.03 51.78
C VAL B 91 -14.41 6.53 52.20
N ILE B 92 -13.38 5.72 51.95
CA ILE B 92 -12.03 6.00 52.41
C ILE B 92 -11.15 6.55 51.29
N GLY B 93 -11.72 6.74 50.09
CA GLY B 93 -10.95 7.27 48.98
C GLY B 93 -11.77 7.19 47.70
N LEU B 94 -11.33 7.88 46.64
CA LEU B 94 -12.06 7.80 45.39
C LEU B 94 -11.09 7.66 44.23
N LEU B 95 -11.52 6.90 43.23
CA LEU B 95 -10.79 6.77 41.99
C LEU B 95 -11.35 7.81 41.02
N LEU B 96 -10.46 8.62 40.45
CA LEU B 96 -10.83 9.67 39.54
C LEU B 96 -10.45 9.22 38.13
N PRO B 97 -11.44 8.89 37.29
CA PRO B 97 -11.14 8.45 35.94
C PRO B 97 -10.65 9.56 35.02
N LYS B 98 -9.90 9.12 34.02
CA LYS B 98 -9.36 9.95 32.96
C LYS B 98 -8.82 11.27 33.51
N VAL B 99 -7.94 11.17 34.49
CA VAL B 99 -7.37 12.39 35.08
C VAL B 99 -6.48 13.05 34.03
N GLU B 100 -6.64 14.37 33.85
CA GLU B 100 -5.90 15.11 32.85
C GLU B 100 -5.27 16.38 33.38
N SER B 101 -5.49 16.72 34.66
CA SER B 101 -4.82 17.89 35.19
C SER B 101 -4.76 17.83 36.71
N ALA B 102 -3.84 18.62 37.28
CA ALA B 102 -3.75 18.78 38.72
C ALA B 102 -5.05 19.39 39.24
N ALA B 103 -5.63 20.33 38.47
CA ALA B 103 -6.86 20.99 38.87
C ALA B 103 -8.02 19.99 39.06
N GLN B 104 -8.09 18.94 38.22
CA GLN B 104 -9.14 17.94 38.39
C GLN B 104 -8.97 17.20 39.70
N VAL B 105 -7.72 16.89 40.05
CA VAL B 105 -7.42 16.19 41.28
C VAL B 105 -7.77 17.06 42.48
N ARG B 106 -7.35 18.34 42.47
CA ARG B 106 -7.59 19.24 43.59
C ARG B 106 -9.10 19.44 43.79
N HIS B 107 -9.87 19.55 42.71
CA HIS B 107 -11.32 19.71 42.82
C HIS B 107 -11.94 18.50 43.53
N ALA B 108 -11.56 17.28 43.11
CA ALA B 108 -12.08 16.05 43.68
C ALA B 108 -11.64 15.90 45.14
N ALA B 109 -10.39 16.24 45.45
CA ALA B 109 -9.86 16.13 46.80
C ALA B 109 -10.57 17.10 47.75
N VAL B 110 -10.75 18.35 47.32
CA VAL B 110 -11.39 19.34 48.20
C VAL B 110 -12.89 19.08 48.36
N ALA B 111 -13.58 18.73 47.28
CA ALA B 111 -15.02 18.54 47.33
C ALA B 111 -15.39 17.28 48.13
N SER B 112 -14.51 16.27 48.16
CA SER B 112 -14.83 15.04 48.85
C SER B 112 -14.23 15.01 50.24
N GLY B 113 -13.09 15.70 50.41
CA GLY B 113 -12.31 15.65 51.63
C GLY B 113 -11.67 14.26 51.81
N LYS B 114 -11.58 13.49 50.73
CA LYS B 114 -11.04 12.13 50.82
C LYS B 114 -9.82 11.98 49.90
N PRO B 115 -8.95 11.00 50.17
CA PRO B 115 -7.78 10.75 49.32
C PRO B 115 -8.23 10.43 47.89
N VAL B 116 -7.41 10.81 46.92
CA VAL B 116 -7.74 10.60 45.53
C VAL B 116 -6.75 9.63 44.90
N TRP B 117 -7.30 8.72 44.08
CA TRP B 117 -6.54 7.75 43.31
C TRP B 117 -6.73 8.08 41.84
N PRO B 118 -5.83 8.87 41.23
CA PRO B 118 -5.99 9.21 39.82
C PRO B 118 -5.82 7.98 38.95
N ILE B 119 -6.66 7.84 37.93
CA ILE B 119 -6.50 6.75 36.98
C ILE B 119 -5.99 7.36 35.70
N VAL B 120 -4.79 6.98 35.30
CA VAL B 120 -4.21 7.50 34.08
C VAL B 120 -4.74 6.63 32.95
N GLU B 121 -5.52 7.24 32.04
CA GLU B 121 -6.16 6.50 30.95
C GLU B 121 -6.10 7.23 29.61
N SER B 122 -5.28 8.27 29.47
CA SER B 122 -5.23 9.02 28.23
C SER B 122 -3.84 9.59 28.02
N ALA B 123 -3.55 9.93 26.76
CA ALA B 123 -2.28 10.58 26.42
C ALA B 123 -2.13 11.85 27.23
N ARG B 124 -3.23 12.60 27.37
CA ARG B 124 -3.20 13.89 28.08
C ARG B 124 -2.80 13.69 29.53
N GLY B 125 -3.37 12.67 30.17
CA GLY B 125 -3.04 12.33 31.56
C GLY B 125 -1.54 12.01 31.68
N LEU B 126 -1.00 11.25 30.72
CA LEU B 126 0.42 10.92 30.73
C LEU B 126 1.28 12.17 30.65
N ALA B 127 0.93 13.09 29.73
CA ALA B 127 1.68 14.31 29.52
C ALA B 127 1.68 15.21 30.76
N ALA B 128 0.59 15.18 31.54
CA ALA B 128 0.49 16.05 32.71
C ALA B 128 0.73 15.27 34.00
N LEU B 129 1.36 14.09 33.90
CA LEU B 129 1.43 13.21 35.06
C LEU B 129 2.30 13.80 36.17
N GLY B 130 3.34 14.56 35.80
CA GLY B 130 4.18 15.17 36.83
C GLY B 130 3.35 16.06 37.75
N GLU B 131 2.52 16.93 37.15
CA GLU B 131 1.68 17.83 37.93
C GLU B 131 0.59 17.06 38.67
N ILE B 132 0.00 16.05 38.03
CA ILE B 132 -1.05 15.23 38.62
C ILE B 132 -0.54 14.53 39.87
N ALA B 133 0.59 13.83 39.75
CA ALA B 133 1.18 13.05 40.84
C ALA B 133 1.55 13.92 42.04
N ALA B 134 1.90 15.18 41.77
CA ALA B 134 2.34 16.10 42.82
C ALA B 134 1.19 16.88 43.46
N ALA B 135 -0.04 16.71 42.96
CA ALA B 135 -1.19 17.43 43.49
C ALA B 135 -1.53 16.98 44.90
N ALA B 136 -1.93 17.95 45.75
CA ALA B 136 -2.34 17.65 47.10
C ALA B 136 -3.57 16.73 47.10
N GLY B 137 -3.51 15.67 47.92
CA GLY B 137 -4.63 14.75 48.07
C GLY B 137 -4.42 13.41 47.36
N VAL B 138 -3.40 13.31 46.51
CA VAL B 138 -3.15 12.07 45.79
C VAL B 138 -2.55 11.02 46.74
N GLU B 139 -3.16 9.83 46.79
CA GLU B 139 -2.62 8.75 47.59
C GLU B 139 -1.66 7.91 46.72
N ARG B 140 -2.16 7.48 45.56
CA ARG B 140 -1.38 6.63 44.67
C ARG B 140 -2.01 6.69 43.28
N LEU B 141 -1.27 6.17 42.28
CA LEU B 141 -1.72 6.17 40.89
C LEU B 141 -2.16 4.77 40.46
N SER B 142 -3.05 4.73 39.46
N SER B 142 -3.05 4.73 39.46
CA SER B 142 -3.49 3.48 38.89
CA SER B 142 -3.54 3.49 38.89
C SER B 142 -3.53 3.63 37.37
C SER B 142 -3.54 3.63 37.38
N PHE B 143 -3.43 2.50 36.67
CA PHE B 143 -3.38 2.49 35.21
C PHE B 143 -4.64 1.94 34.57
N GLY B 144 -5.25 2.72 33.66
CA GLY B 144 -6.41 2.32 32.88
C GLY B 144 -5.92 1.88 31.50
N SER B 145 -5.37 0.67 31.44
CA SER B 145 -4.74 0.16 30.24
C SER B 145 -5.70 0.02 29.06
N LEU B 146 -6.93 -0.45 29.30
CA LEU B 146 -7.86 -0.63 28.19
C LEU B 146 -8.26 0.73 27.62
N ASP B 147 -8.57 1.69 28.50
CA ASP B 147 -8.95 3.03 28.04
C ASP B 147 -7.77 3.74 27.38
N LEU B 148 -6.55 3.51 27.88
CA LEU B 148 -5.40 4.15 27.24
C LEU B 148 -5.19 3.54 25.86
N ALA B 149 -5.39 2.22 25.73
CA ALA B 149 -5.22 1.57 24.44
C ALA B 149 -6.19 2.16 23.43
N LEU B 150 -7.42 2.47 23.85
CA LEU B 150 -8.40 3.11 22.97
C LEU B 150 -7.96 4.52 22.59
N ASP B 151 -7.42 5.27 23.56
CA ASP B 151 -7.05 6.65 23.32
C ASP B 151 -5.90 6.72 22.31
N LEU B 152 -5.02 5.71 22.30
CA LEU B 152 -3.86 5.70 21.42
C LEU B 152 -4.06 4.81 20.21
N ASP B 153 -5.27 4.29 20.01
CA ASP B 153 -5.57 3.45 18.84
C ASP B 153 -4.69 2.19 18.78
N LEU B 154 -4.43 1.57 19.94
CA LEU B 154 -3.63 0.35 19.99
C LEU B 154 -4.52 -0.88 19.76
N ASN B 155 -3.90 -1.99 19.37
CA ASN B 155 -4.57 -3.27 19.23
C ASN B 155 -4.34 -4.00 20.55
N SER B 156 -5.28 -3.87 21.50
CA SER B 156 -5.12 -4.45 22.83
C SER B 156 -4.73 -5.92 22.77
N GLY B 157 -3.81 -6.30 23.66
CA GLY B 157 -3.35 -7.68 23.76
C GLY B 157 -2.14 -7.97 22.85
N SER B 158 -1.92 -7.14 21.83
CA SER B 158 -0.82 -7.38 20.92
C SER B 158 0.49 -6.99 21.58
N ASN B 159 1.58 -7.55 21.06
N ASN B 159 1.58 -7.55 21.06
CA ASN B 159 2.95 -7.29 21.50
CA ASN B 159 2.93 -7.29 21.53
C ASN B 159 3.28 -5.81 21.40
C ASN B 159 3.25 -5.79 21.41
N ALA B 160 2.91 -5.19 20.26
CA ALA B 160 3.21 -3.78 20.04
C ALA B 160 2.45 -2.91 21.05
N ALA B 161 1.19 -3.27 21.30
CA ALA B 161 0.37 -2.53 22.23
C ALA B 161 0.97 -2.62 23.64
N GLU B 162 1.39 -3.83 24.04
CA GLU B 162 1.99 -3.99 25.37
C GLU B 162 3.31 -3.22 25.48
N GLN B 163 4.04 -3.06 24.37
CA GLN B 163 5.28 -2.30 24.38
C GLN B 163 4.92 -0.85 24.69
N ILE B 164 3.89 -0.32 24.01
CA ILE B 164 3.48 1.07 24.27
C ILE B 164 3.00 1.22 25.71
N LEU B 165 2.18 0.26 26.16
CA LEU B 165 1.61 0.36 27.51
C LEU B 165 2.73 0.34 28.55
N GLY B 166 3.81 -0.40 28.27
CA GLY B 166 4.96 -0.45 29.16
C GLY B 166 5.58 0.92 29.36
N HIS B 167 5.65 1.71 28.28
CA HIS B 167 6.19 3.06 28.33
C HIS B 167 5.31 3.91 29.23
N ALA B 168 4.00 3.71 29.17
CA ALA B 168 3.09 4.48 29.98
C ALA B 168 3.21 4.05 31.44
N ARG B 169 3.40 2.74 31.68
CA ARG B 169 3.54 2.24 33.04
C ARG B 169 4.77 2.87 33.72
N TYR B 170 5.83 3.03 32.94
CA TYR B 170 7.04 3.65 33.46
C TYR B 170 6.75 5.04 34.03
N ALA B 171 5.88 5.80 33.34
CA ALA B 171 5.57 7.15 33.78
C ALA B 171 4.95 7.12 35.19
N LEU B 172 4.01 6.18 35.42
CA LEU B 172 3.38 6.04 36.72
C LEU B 172 4.42 5.66 37.78
N LEU B 173 5.34 4.77 37.43
CA LEU B 173 6.35 4.30 38.38
C LEU B 173 7.35 5.40 38.72
N LEU B 174 7.77 6.15 37.70
CA LEU B 174 8.72 7.23 37.92
C LEU B 174 8.07 8.34 38.75
N GLN B 175 6.85 8.74 38.36
CA GLN B 175 6.19 9.84 39.05
C GLN B 175 5.84 9.44 40.50
N THR B 176 5.51 8.16 40.73
CA THR B 176 5.30 7.68 42.09
C THR B 176 6.52 8.00 42.95
N ARG B 177 7.71 7.65 42.44
CA ARG B 177 8.94 7.85 43.19
C ARG B 177 9.24 9.34 43.38
N LEU B 178 9.08 10.14 42.33
CA LEU B 178 9.42 11.55 42.40
C LEU B 178 8.47 12.31 43.34
N ALA B 179 7.18 11.92 43.35
CA ALA B 179 6.18 12.60 44.16
C ALA B 179 6.01 11.98 45.54
N GLY B 180 6.70 10.86 45.81
CA GLY B 180 6.64 10.20 47.11
C GLY B 180 5.26 9.60 47.41
N LEU B 181 4.64 9.01 46.40
CA LEU B 181 3.32 8.43 46.57
C LEU B 181 3.41 6.99 47.10
N ALA B 182 2.25 6.42 47.47
CA ALA B 182 2.19 5.04 47.91
C ALA B 182 2.29 4.17 46.65
N PRO B 183 2.57 2.85 46.81
CA PRO B 183 2.75 1.97 45.66
C PRO B 183 1.55 1.95 44.72
N PRO B 184 1.77 2.14 43.41
CA PRO B 184 0.69 2.17 42.45
C PRO B 184 0.10 0.80 42.13
N LEU B 185 -1.03 0.82 41.43
CA LEU B 185 -1.68 -0.41 40.99
C LEU B 185 -1.65 -0.48 39.47
N ASP B 186 -1.33 -1.70 38.99
CA ASP B 186 -1.33 -1.96 37.57
C ASP B 186 -2.78 -2.18 37.15
N GLY B 187 -2.99 -2.18 35.84
CA GLY B 187 -4.33 -2.27 35.28
C GLY B 187 -4.96 -3.65 35.42
N VAL B 188 -6.29 -3.65 35.24
CA VAL B 188 -7.08 -4.87 35.28
C VAL B 188 -6.57 -5.85 34.25
N TYR B 189 -6.47 -7.12 34.67
CA TYR B 189 -6.18 -8.20 33.75
C TYR B 189 -7.57 -8.76 33.41
N PRO B 190 -8.09 -8.56 32.18
CA PRO B 190 -9.48 -8.93 31.88
C PRO B 190 -9.89 -10.38 31.69
N ALA B 191 -8.93 -11.27 31.37
CA ALA B 191 -9.20 -12.68 31.11
C ALA B 191 -9.34 -13.43 32.43
N ILE B 192 -10.56 -13.40 32.99
CA ILE B 192 -10.86 -14.01 34.27
C ILE B 192 -10.54 -15.51 34.28
N GLN B 193 -10.70 -16.17 33.12
CA GLN B 193 -10.50 -17.62 33.05
C GLN B 193 -9.06 -18.02 32.77
N ASN B 194 -8.17 -17.06 32.53
CA ASN B 194 -6.79 -17.38 32.23
C ASN B 194 -5.95 -17.09 33.47
N ARG B 195 -5.98 -18.03 34.42
CA ARG B 195 -5.27 -17.86 35.67
C ARG B 195 -3.76 -17.73 35.41
N ALA B 196 -3.23 -18.54 34.48
CA ALA B 196 -1.81 -18.52 34.15
C ALA B 196 -1.39 -17.12 33.70
N GLY B 197 -2.19 -16.50 32.82
CA GLY B 197 -1.87 -15.18 32.30
C GLY B 197 -1.93 -14.13 33.40
N LEU B 198 -2.87 -14.31 34.34
CA LEU B 198 -3.00 -13.39 35.45
C LEU B 198 -1.71 -13.43 36.28
N VAL B 199 -1.27 -14.65 36.62
CA VAL B 199 -0.08 -14.84 37.42
C VAL B 199 1.12 -14.15 36.77
N GLU B 200 1.25 -14.26 35.44
CA GLU B 200 2.36 -13.63 34.73
C GLU B 200 2.24 -12.12 34.77
N ALA B 201 1.02 -11.60 34.63
CA ALA B 201 0.80 -10.15 34.68
C ALA B 201 1.16 -9.61 36.06
N VAL B 202 0.84 -10.37 37.12
CA VAL B 202 1.12 -9.92 38.48
C VAL B 202 2.63 -9.93 38.73
N ARG B 203 3.30 -10.98 38.23
CA ARG B 203 4.74 -11.12 38.44
C ARG B 203 5.46 -9.97 37.74
N PHE B 204 5.03 -9.65 36.51
CA PHE B 204 5.66 -8.59 35.74
C PHE B 204 5.45 -7.26 36.47
N ALA B 205 4.20 -6.99 36.90
CA ALA B 205 3.89 -5.77 37.63
C ALA B 205 4.77 -5.61 38.87
N ARG B 206 4.78 -6.65 39.71
CA ARG B 206 5.54 -6.64 40.96
C ARG B 206 7.02 -6.37 40.69
N ASP B 207 7.56 -7.02 39.67
CA ASP B 207 8.96 -6.91 39.32
C ASP B 207 9.34 -5.49 38.89
N MET B 208 8.37 -4.70 38.38
CA MET B 208 8.68 -3.34 37.97
C MET B 208 8.31 -2.31 39.04
N GLY B 209 7.84 -2.76 40.21
CA GLY B 209 7.61 -1.83 41.31
C GLY B 209 6.15 -1.53 41.62
N PHE B 210 5.21 -2.19 40.95
CA PHE B 210 3.81 -1.98 41.28
C PHE B 210 3.52 -2.67 42.59
N GLY B 211 2.62 -2.11 43.41
CA GLY B 211 2.25 -2.74 44.67
C GLY B 211 1.19 -3.82 44.48
N GLY B 212 0.34 -3.67 43.47
CA GLY B 212 -0.73 -4.62 43.22
C GLY B 212 -1.43 -4.34 41.90
N LEU B 213 -2.59 -5.00 41.72
CA LEU B 213 -3.45 -4.88 40.56
C LEU B 213 -4.89 -4.53 40.92
N LEU B 214 -5.51 -3.75 40.02
CA LEU B 214 -6.94 -3.55 40.02
C LEU B 214 -7.50 -4.88 39.55
N CYS B 215 -8.65 -5.33 40.07
CA CYS B 215 -9.23 -6.58 39.63
C CYS B 215 -10.75 -6.47 39.47
N ILE B 216 -11.33 -7.40 38.69
CA ILE B 216 -12.74 -7.32 38.33
C ILE B 216 -13.55 -8.52 38.80
N HIS B 217 -12.91 -9.52 39.39
CA HIS B 217 -13.66 -10.67 39.85
C HIS B 217 -12.98 -11.21 41.10
N PRO B 218 -13.76 -11.65 42.11
CA PRO B 218 -13.18 -12.15 43.36
C PRO B 218 -12.24 -13.34 43.17
N SER B 219 -12.40 -14.09 42.06
CA SER B 219 -11.56 -15.24 41.77
C SER B 219 -10.14 -14.79 41.44
N GLN B 220 -9.95 -13.49 41.18
CA GLN B 220 -8.63 -13.00 40.85
C GLN B 220 -7.80 -12.70 42.09
N VAL B 221 -8.45 -12.56 43.25
CA VAL B 221 -7.75 -12.12 44.46
C VAL B 221 -6.68 -13.11 44.91
N GLU B 222 -7.05 -14.38 45.10
CA GLU B 222 -6.14 -15.41 45.60
C GLU B 222 -4.88 -15.50 44.76
N PRO B 223 -4.98 -15.68 43.42
CA PRO B 223 -3.79 -15.73 42.58
C PRO B 223 -2.92 -14.47 42.67
N ILE B 224 -3.53 -13.29 42.81
CA ILE B 224 -2.75 -12.07 42.95
C ILE B 224 -1.92 -12.13 44.24
N HIS B 225 -2.60 -12.38 45.37
CA HIS B 225 -1.94 -12.45 46.67
C HIS B 225 -0.86 -13.54 46.73
N GLN B 226 -1.12 -14.68 46.09
CA GLN B 226 -0.16 -15.77 46.11
C GLN B 226 1.08 -15.44 45.30
N THR B 227 0.92 -14.71 44.20
CA THR B 227 2.04 -14.35 43.33
C THR B 227 2.89 -13.26 43.98
N LEU B 228 2.24 -12.39 44.76
CA LEU B 228 2.94 -11.29 45.43
C LEU B 228 3.61 -11.72 46.74
N MET B 229 3.19 -12.86 47.28
CA MET B 229 3.70 -13.36 48.56
C MET B 229 5.21 -13.60 48.47
N PRO B 230 6.04 -12.90 49.28
CA PRO B 230 7.49 -13.10 49.26
C PRO B 230 7.85 -14.53 49.67
N SER B 231 9.12 -14.89 49.44
CA SER B 231 9.62 -16.22 49.76
C SER B 231 9.81 -16.37 51.27
N PRO B 232 10.10 -17.59 51.78
CA PRO B 232 10.32 -17.79 53.21
C PRO B 232 11.46 -16.96 53.81
N ALA B 233 12.56 -16.81 53.03
CA ALA B 233 13.75 -16.10 53.49
C ALA B 233 13.54 -14.58 53.51
N GLU B 234 12.80 -14.05 52.53
CA GLU B 234 12.57 -12.61 52.45
C GLU B 234 11.79 -12.11 53.67
N LEU B 235 10.82 -12.91 54.15
CA LEU B 235 10.02 -12.51 55.28
C LEU B 235 10.83 -12.65 56.57
N GLU B 236 11.62 -13.72 56.69
CA GLU B 236 12.46 -13.91 57.86
C GLU B 236 13.22 -12.62 58.15
N TRP B 237 13.92 -12.14 57.12
CA TRP B 237 14.68 -10.91 57.19
C TRP B 237 13.78 -9.70 57.49
N ALA B 238 12.57 -9.69 56.92
CA ALA B 238 11.64 -8.59 57.10
C ALA B 238 11.12 -8.52 58.53
N ARG B 239 10.79 -9.67 59.13
CA ARG B 239 10.26 -9.72 60.48
C ARG B 239 11.32 -9.31 61.51
N ARG B 240 12.59 -9.62 61.23
CA ARG B 240 13.69 -9.29 62.13
C ARG B 240 13.94 -7.78 62.15
N VAL B 241 14.06 -7.18 60.95
CA VAL B 241 14.32 -5.76 60.82
C VAL B 241 13.19 -4.95 61.46
N ALA B 242 11.99 -5.55 61.51
CA ALA B 242 10.84 -4.89 62.13
C ALA B 242 11.04 -4.82 63.64
N GLU B 243 11.26 -5.98 64.27
CA GLU B 243 11.48 -6.04 65.70
C GLU B 243 12.92 -5.62 66.02
N ASP B 260 18.67 1.12 58.82
CA ASP B 260 18.64 2.15 57.72
C ASP B 260 17.19 2.55 57.46
N ALA B 261 16.99 3.81 57.04
CA ALA B 261 15.65 4.31 56.76
C ALA B 261 15.09 3.68 55.50
N PRO B 262 15.82 3.65 54.37
CA PRO B 262 15.32 3.03 53.14
C PRO B 262 15.14 1.52 53.28
N VAL B 263 15.92 0.90 54.18
CA VAL B 263 15.84 -0.54 54.43
C VAL B 263 14.52 -0.84 55.14
N LEU B 264 14.12 0.04 56.08
CA LEU B 264 12.87 -0.11 56.79
C LEU B 264 11.72 -0.07 55.78
N GLY B 265 11.88 0.76 54.74
CA GLY B 265 10.89 0.90 53.69
C GLY B 265 10.72 -0.41 52.92
N ARG B 266 11.85 -1.06 52.60
CA ARG B 266 11.86 -2.33 51.88
C ARG B 266 11.33 -3.45 52.76
N ALA B 267 11.69 -3.46 54.05
CA ALA B 267 11.23 -4.49 54.98
C ALA B 267 9.71 -4.39 55.12
N ARG B 268 9.20 -3.16 55.30
CA ARG B 268 7.77 -2.92 55.45
C ARG B 268 7.02 -3.34 54.19
N ARG B 269 7.61 -3.04 53.02
CA ARG B 269 7.01 -3.40 51.74
C ARG B 269 6.82 -4.91 51.67
N LEU B 270 7.82 -5.67 52.13
CA LEU B 270 7.78 -7.13 52.10
C LEU B 270 6.63 -7.67 52.96
N LEU B 271 6.51 -7.15 54.18
CA LEU B 271 5.48 -7.58 55.12
C LEU B 271 4.09 -7.24 54.57
N GLU B 272 3.96 -6.06 53.95
CA GLU B 272 2.68 -5.64 53.37
C GLU B 272 2.33 -6.53 52.17
N ARG B 273 3.34 -7.02 51.47
CA ARG B 273 3.09 -7.91 50.33
C ARG B 273 2.62 -9.28 50.81
N ALA B 274 2.87 -9.58 52.09
CA ALA B 274 2.50 -10.84 52.72
C ALA B 274 1.18 -10.70 53.48
N GLY B 275 0.64 -9.48 53.53
CA GLY B 275 -0.64 -9.20 54.18
C GLY B 275 -0.50 -9.02 55.69
N GLU B 276 0.68 -8.57 56.14
CA GLU B 276 0.92 -8.34 57.56
C GLU B 276 1.03 -6.82 57.79
N MET C 4 -7.41 13.49 3.76
CA MET C 4 -6.61 14.49 3.01
C MET C 4 -5.48 14.95 3.94
N ASN C 5 -5.87 15.73 4.94
CA ASN C 5 -4.96 16.22 5.96
C ASN C 5 -5.34 15.51 7.27
N ARG C 6 -6.29 14.57 7.18
CA ARG C 6 -6.76 13.87 8.36
C ARG C 6 -6.89 12.37 8.13
N GLN C 7 -6.86 11.92 6.88
CA GLN C 7 -7.08 10.51 6.62
C GLN C 7 -5.81 9.69 6.85
N ILE C 8 -6.04 8.39 7.05
CA ILE C 8 -4.99 7.40 7.08
C ILE C 8 -4.28 7.44 5.73
N VAL C 9 -2.95 7.37 5.78
CA VAL C 9 -2.13 7.18 4.61
C VAL C 9 -1.46 5.84 4.86
N ARG C 10 -1.84 4.81 4.11
CA ARG C 10 -1.33 3.47 4.35
C ARG C 10 0.11 3.28 3.87
N SER C 11 0.44 3.99 2.80
CA SER C 11 1.71 3.85 2.12
C SER C 11 2.06 5.17 1.45
N ALA C 12 3.34 5.52 1.58
CA ALA C 12 3.92 6.71 0.98
C ALA C 12 5.20 6.24 0.34
N LEU C 13 5.17 6.13 -1.00
CA LEU C 13 6.25 5.57 -1.79
C LEU C 13 7.21 6.60 -2.34
N PHE C 14 8.50 6.40 -2.05
CA PHE C 14 9.53 7.29 -2.53
C PHE C 14 9.97 6.96 -3.95
N VAL C 15 10.27 8.03 -4.70
N VAL C 15 10.29 8.05 -4.68
CA VAL C 15 10.82 7.93 -6.04
CA VAL C 15 10.80 7.99 -6.04
C VAL C 15 11.88 9.04 -6.15
C VAL C 15 11.90 9.05 -6.11
N PRO C 16 13.16 8.70 -6.43
CA PRO C 16 14.22 9.71 -6.51
C PRO C 16 13.96 10.65 -7.70
N ALA C 17 14.15 11.96 -7.46
CA ALA C 17 13.90 12.99 -8.47
C ALA C 17 14.87 12.88 -9.64
N THR C 18 15.94 12.09 -9.50
CA THR C 18 16.88 11.86 -10.58
C THR C 18 16.30 10.83 -11.55
N ARG C 19 15.20 10.17 -11.16
CA ARG C 19 14.59 9.14 -11.98
C ARG C 19 13.12 9.45 -12.19
N PRO C 20 12.79 10.56 -12.87
CA PRO C 20 11.39 10.98 -13.07
C PRO C 20 10.59 9.99 -13.92
N GLU C 21 11.31 9.13 -14.66
CA GLU C 21 10.65 8.13 -15.49
C GLU C 21 10.03 7.04 -14.63
N ARG C 22 10.36 7.00 -13.33
CA ARG C 22 9.81 5.99 -12.45
C ARG C 22 8.59 6.53 -11.70
N ILE C 23 8.31 7.83 -11.81
CA ILE C 23 7.18 8.41 -11.09
C ILE C 23 5.88 7.79 -11.59
N PRO C 24 5.66 7.61 -12.91
CA PRO C 24 4.42 7.00 -13.41
C PRO C 24 4.05 5.67 -12.75
N LYS C 25 5.03 4.77 -12.63
CA LYS C 25 4.81 3.46 -12.05
C LYS C 25 4.43 3.62 -10.58
N ALA C 26 5.05 4.59 -9.89
CA ALA C 26 4.75 4.83 -8.49
C ALA C 26 3.30 5.28 -8.34
N LEU C 27 2.87 6.20 -9.21
CA LEU C 27 1.53 6.77 -9.15
C LEU C 27 0.47 5.74 -9.51
N ALA C 28 0.83 4.71 -10.31
CA ALA C 28 -0.12 3.68 -10.69
C ALA C 28 0.01 2.42 -9.82
N SER C 29 0.87 2.47 -8.79
CA SER C 29 1.10 1.31 -7.93
C SER C 29 -0.02 1.12 -6.92
N GLY C 30 -0.89 2.13 -6.74
CA GLY C 30 -1.93 2.06 -5.73
C GLY C 30 -1.47 2.72 -4.43
N ALA C 31 -0.22 3.19 -4.38
CA ALA C 31 0.27 3.86 -3.19
C ALA C 31 -0.64 5.04 -2.83
N ASP C 32 -0.93 5.23 -1.54
CA ASP C 32 -1.78 6.33 -1.08
C ASP C 32 -1.16 7.69 -1.39
N ARG C 33 0.18 7.77 -1.31
CA ARG C 33 0.91 8.98 -1.61
C ARG C 33 2.22 8.60 -2.28
N VAL C 34 2.66 9.43 -3.22
CA VAL C 34 3.95 9.27 -3.85
C VAL C 34 4.82 10.44 -3.38
N ILE C 35 6.05 10.16 -2.93
CA ILE C 35 6.97 11.20 -2.46
C ILE C 35 8.13 11.31 -3.46
N VAL C 36 8.27 12.47 -4.12
CA VAL C 36 9.41 12.71 -5.00
C VAL C 36 10.52 13.22 -4.10
N ASP C 37 11.66 12.51 -4.11
CA ASP C 37 12.74 12.78 -3.18
C ASP C 37 13.85 13.65 -3.76
N LEU C 38 14.17 14.74 -3.06
CA LEU C 38 15.27 15.62 -3.43
C LEU C 38 16.41 15.47 -2.42
N GLU C 39 16.22 14.62 -1.40
CA GLU C 39 17.19 14.49 -0.31
C GLU C 39 18.14 13.30 -0.52
N ASP C 40 18.11 12.35 0.44
CA ASP C 40 19.05 11.23 0.53
C ASP C 40 19.27 10.45 -0.76
N ALA C 41 18.21 10.17 -1.52
CA ALA C 41 18.37 9.37 -2.73
C ALA C 41 19.01 10.16 -3.88
N VAL C 42 19.36 11.43 -3.62
CA VAL C 42 19.96 12.24 -4.67
C VAL C 42 21.32 12.75 -4.23
N GLU C 43 22.36 12.40 -5.01
CA GLU C 43 23.74 12.80 -4.74
C GLU C 43 23.84 14.33 -4.76
N GLU C 44 24.69 14.87 -3.88
N GLU C 44 24.69 14.87 -3.86
CA GLU C 44 24.82 16.31 -3.76
CA GLU C 44 24.88 16.31 -3.73
C GLU C 44 25.03 16.96 -5.12
C GLU C 44 25.05 16.96 -5.10
N GLY C 45 25.95 16.41 -5.93
CA GLY C 45 26.24 16.96 -7.23
C GLY C 45 25.06 16.96 -8.21
N LEU C 46 23.97 16.24 -7.90
CA LEU C 46 22.86 16.14 -8.82
C LEU C 46 21.57 16.78 -8.29
N LYS C 47 21.64 17.46 -7.13
CA LYS C 47 20.46 18.06 -6.53
C LYS C 47 19.87 19.19 -7.38
N VAL C 48 20.72 20.07 -7.90
CA VAL C 48 20.23 21.17 -8.72
C VAL C 48 19.51 20.61 -9.93
N GLU C 49 20.07 19.53 -10.51
CA GLU C 49 19.51 18.90 -11.69
C GLU C 49 18.22 18.14 -11.35
N ALA C 50 18.23 17.40 -10.24
CA ALA C 50 17.07 16.64 -9.82
C ALA C 50 15.87 17.56 -9.60
N ARG C 51 16.13 18.77 -9.08
CA ARG C 51 15.09 19.75 -8.82
C ARG C 51 14.46 20.17 -10.15
N ALA C 52 15.30 20.24 -11.18
CA ALA C 52 14.86 20.61 -12.51
C ALA C 52 13.97 19.52 -13.10
N ASN C 53 14.34 18.25 -12.87
CA ASN C 53 13.58 17.11 -13.36
C ASN C 53 12.17 17.10 -12.77
N LEU C 54 12.07 17.41 -11.48
CA LEU C 54 10.78 17.43 -10.81
C LEU C 54 9.92 18.55 -11.37
N ARG C 55 10.52 19.73 -11.48
CA ARG C 55 9.81 20.89 -12.00
C ARG C 55 9.29 20.59 -13.39
N ARG C 56 10.07 19.83 -14.18
CA ARG C 56 9.69 19.50 -15.54
C ARG C 56 8.54 18.49 -15.51
N PHE C 57 8.54 17.61 -14.49
CA PHE C 57 7.51 16.60 -14.36
C PHE C 57 6.18 17.26 -13.97
N LEU C 58 6.25 18.23 -13.07
CA LEU C 58 5.05 18.90 -12.58
C LEU C 58 4.36 19.69 -13.70
N VAL C 59 5.15 20.46 -14.49
CA VAL C 59 4.59 21.25 -15.57
C VAL C 59 4.01 20.31 -16.63
N ASP C 60 4.77 19.27 -17.00
CA ASP C 60 4.36 18.31 -18.02
C ASP C 60 3.20 17.44 -17.56
N THR C 61 3.08 17.20 -16.24
CA THR C 61 2.01 16.34 -15.73
C THR C 61 1.21 17.15 -14.70
N PRO C 62 0.38 18.12 -15.14
CA PRO C 62 -0.38 18.97 -14.22
C PRO C 62 -1.41 18.29 -13.32
N GLU C 63 -1.79 17.04 -13.65
CA GLU C 63 -2.78 16.35 -12.86
C GLU C 63 -2.12 15.56 -11.72
N ALA C 64 -0.82 15.30 -11.85
CA ALA C 64 -0.13 14.51 -10.83
C ALA C 64 -0.19 15.22 -9.48
N ARG C 65 -0.39 14.43 -8.41
CA ARG C 65 -0.41 14.94 -7.05
C ARG C 65 0.68 14.19 -6.27
N VAL C 66 1.67 14.93 -5.73
CA VAL C 66 2.74 14.27 -5.02
C VAL C 66 3.18 15.09 -3.80
N LEU C 67 3.90 14.38 -2.94
CA LEU C 67 4.62 14.95 -1.83
C LEU C 67 6.05 15.11 -2.31
N VAL C 68 6.82 16.00 -1.68
CA VAL C 68 8.21 16.22 -2.02
C VAL C 68 9.04 16.15 -0.75
N ARG C 69 10.08 15.32 -0.75
CA ARG C 69 10.98 15.32 0.39
C ARG C 69 12.09 16.31 0.03
N ILE C 70 12.11 17.45 0.73
CA ILE C 70 13.07 18.50 0.49
C ILE C 70 14.32 18.23 1.30
N ASN C 71 15.37 19.03 1.05
CA ASN C 71 16.61 18.94 1.81
C ASN C 71 16.38 19.59 3.17
N ALA C 72 17.20 19.20 4.14
CA ALA C 72 17.10 19.69 5.51
C ALA C 72 17.33 21.20 5.58
N ALA C 73 16.89 21.80 6.68
CA ALA C 73 16.93 23.24 6.90
C ALA C 73 18.32 23.86 6.70
N GLU C 74 19.38 23.16 7.11
N GLU C 74 19.40 23.18 7.11
CA GLU C 74 20.73 23.69 7.01
CA GLU C 74 20.72 23.77 6.99
C GLU C 74 21.35 23.45 5.64
C GLU C 74 21.27 23.62 5.57
N HIS C 75 20.61 22.81 4.73
CA HIS C 75 21.12 22.56 3.39
C HIS C 75 20.99 23.81 2.51
N PRO C 76 22.02 24.18 1.72
CA PRO C 76 21.93 25.36 0.85
C PRO C 76 20.75 25.41 -0.11
N GLY C 77 20.22 24.24 -0.46
CA GLY C 77 19.12 24.13 -1.41
C GLY C 77 17.73 24.13 -0.77
N HIS C 78 17.65 24.35 0.55
CA HIS C 78 16.38 24.32 1.26
C HIS C 78 15.42 25.37 0.71
N ALA C 79 15.91 26.61 0.52
CA ALA C 79 15.09 27.69 -0.01
C ALA C 79 14.54 27.35 -1.39
N ASP C 80 15.41 26.82 -2.28
CA ASP C 80 15.02 26.47 -3.64
C ASP C 80 14.02 25.31 -3.66
N ASP C 81 14.15 24.39 -2.71
CA ASP C 81 13.23 23.27 -2.60
C ASP C 81 11.86 23.79 -2.19
N LEU C 82 11.84 24.72 -1.22
CA LEU C 82 10.60 25.29 -0.71
C LEU C 82 9.89 26.12 -1.78
N ALA C 83 10.66 26.74 -2.68
CA ALA C 83 10.08 27.57 -3.72
C ALA C 83 9.37 26.67 -4.75
N LEU C 84 9.94 25.48 -5.01
CA LEU C 84 9.34 24.53 -5.92
C LEU C 84 8.02 24.04 -5.35
N CYS C 85 8.00 23.75 -4.04
CA CYS C 85 6.79 23.30 -3.37
C CYS C 85 5.71 24.38 -3.36
N ARG C 86 6.13 25.64 -3.24
CA ARG C 86 5.19 26.75 -3.18
C ARG C 86 4.55 27.05 -4.54
N ASP C 87 5.34 26.94 -5.63
CA ASP C 87 4.91 27.37 -6.95
C ASP C 87 4.17 26.33 -7.79
N HIS C 88 4.06 25.08 -7.33
CA HIS C 88 3.39 24.06 -8.13
C HIS C 88 2.22 23.45 -7.36
N ALA C 89 1.00 23.60 -7.91
CA ALA C 89 -0.20 23.10 -7.26
C ALA C 89 -0.19 21.59 -7.10
N GLY C 90 0.60 20.87 -7.91
CA GLY C 90 0.71 19.42 -7.86
C GLY C 90 1.41 18.90 -6.60
N VAL C 91 2.14 19.78 -5.92
CA VAL C 91 2.79 19.40 -4.66
C VAL C 91 1.76 19.63 -3.56
N ILE C 92 1.33 18.55 -2.90
CA ILE C 92 0.28 18.64 -1.89
C ILE C 92 0.84 18.63 -0.46
N GLY C 93 2.16 18.61 -0.32
CA GLY C 93 2.78 18.56 0.98
C GLY C 93 4.26 18.27 0.84
N LEU C 94 5.00 18.51 1.90
CA LEU C 94 6.42 18.28 1.86
C LEU C 94 6.84 17.55 3.14
N LEU C 95 7.83 16.67 2.95
CA LEU C 95 8.50 15.97 4.02
C LEU C 95 9.74 16.77 4.36
N LEU C 96 9.85 17.10 5.66
CA LEU C 96 10.97 17.86 6.19
C LEU C 96 11.87 16.88 6.92
N PRO C 97 13.02 16.51 6.31
CA PRO C 97 13.92 15.54 6.93
C PRO C 97 14.72 16.16 8.06
N LYS C 98 15.22 15.33 8.97
N LYS C 98 15.13 15.29 8.99
CA LYS C 98 16.06 15.75 10.05
CA LYS C 98 15.96 15.56 10.16
C LYS C 98 15.44 16.95 10.77
C LYS C 98 15.46 16.80 10.91
N VAL C 99 14.14 16.89 11.08
CA VAL C 99 13.54 18.02 11.77
C VAL C 99 14.09 18.09 13.20
N GLU C 100 14.48 19.30 13.61
N GLU C 100 14.41 19.29 13.68
CA GLU C 100 15.11 19.48 14.91
CA GLU C 100 14.95 19.33 15.03
C GLU C 100 14.54 20.64 15.71
C GLU C 100 14.29 20.39 15.88
N SER C 101 13.44 21.23 15.26
CA SER C 101 12.79 22.30 16.01
C SER C 101 11.47 22.71 15.38
N ALA C 102 10.63 23.33 16.22
CA ALA C 102 9.36 23.89 15.76
C ALA C 102 9.67 24.99 14.75
N ALA C 103 10.76 25.74 14.98
CA ALA C 103 11.14 26.85 14.11
C ALA C 103 11.40 26.39 12.67
N GLN C 104 11.96 25.19 12.51
CA GLN C 104 12.20 24.65 11.19
C GLN C 104 10.87 24.34 10.50
N VAL C 105 9.89 23.86 11.28
CA VAL C 105 8.60 23.55 10.71
C VAL C 105 7.95 24.85 10.23
N ARG C 106 7.98 25.89 11.08
CA ARG C 106 7.33 27.15 10.77
C ARG C 106 7.94 27.76 9.51
N HIS C 107 9.27 27.75 9.38
CA HIS C 107 9.88 28.31 8.18
C HIS C 107 9.37 27.59 6.93
N ALA C 108 9.37 26.25 6.97
CA ALA C 108 8.95 25.46 5.82
C ALA C 108 7.47 25.63 5.51
N ALA C 109 6.63 25.71 6.55
CA ALA C 109 5.19 25.83 6.39
C ALA C 109 4.83 27.20 5.80
N VAL C 110 5.42 28.28 6.34
CA VAL C 110 5.13 29.63 5.87
C VAL C 110 5.69 29.85 4.46
N ALA C 111 6.92 29.39 4.20
CA ALA C 111 7.57 29.59 2.91
C ALA C 111 6.88 28.80 1.79
N SER C 112 6.39 27.59 2.09
CA SER C 112 5.80 26.77 1.05
C SER C 112 4.31 27.01 0.93
N GLY C 113 3.65 27.25 2.08
CA GLY C 113 2.21 27.38 2.15
C GLY C 113 1.55 26.01 1.99
N LYS C 114 2.32 24.95 2.22
CA LYS C 114 1.84 23.58 2.06
C LYS C 114 1.99 22.81 3.37
N PRO C 115 1.16 21.77 3.59
CA PRO C 115 1.30 20.91 4.77
C PRO C 115 2.70 20.32 4.90
N VAL C 116 3.20 20.24 6.15
CA VAL C 116 4.50 19.70 6.43
C VAL C 116 4.38 18.37 7.17
N TRP C 117 5.19 17.41 6.70
CA TRP C 117 5.37 16.09 7.28
C TRP C 117 6.78 15.99 7.85
N PRO C 118 6.99 16.31 9.13
CA PRO C 118 8.31 16.22 9.75
C PRO C 118 8.75 14.75 9.87
N ILE C 119 10.01 14.49 9.51
CA ILE C 119 10.57 13.16 9.67
C ILE C 119 11.49 13.21 10.88
N VAL C 120 11.15 12.41 11.89
CA VAL C 120 11.93 12.37 13.12
C VAL C 120 13.00 11.31 12.93
N GLU C 121 14.26 11.73 12.92
CA GLU C 121 15.34 10.79 12.65
C GLU C 121 16.64 11.16 13.34
N SER C 122 16.55 11.95 14.41
CA SER C 122 17.74 12.32 15.16
C SER C 122 17.39 12.48 16.63
N ALA C 123 18.39 12.38 17.50
CA ALA C 123 18.19 12.60 18.91
C ALA C 123 17.61 13.99 19.15
N ARG C 124 18.11 15.01 18.44
CA ARG C 124 17.69 16.38 18.62
C ARG C 124 16.18 16.50 18.33
N GLY C 125 15.76 15.79 17.28
CA GLY C 125 14.37 15.72 16.85
C GLY C 125 13.48 15.12 17.95
N LEU C 126 13.94 14.05 18.59
CA LEU C 126 13.19 13.39 19.66
C LEU C 126 13.07 14.32 20.86
N ALA C 127 14.17 15.01 21.18
CA ALA C 127 14.21 15.91 22.31
C ALA C 127 13.20 17.04 22.15
N ALA C 128 12.98 17.48 20.91
CA ALA C 128 12.09 18.61 20.65
C ALA C 128 10.76 18.15 20.06
N LEU C 129 10.40 16.88 20.22
CA LEU C 129 9.25 16.34 19.52
C LEU C 129 7.95 17.01 19.97
N GLY C 130 7.86 17.38 21.26
CA GLY C 130 6.69 18.08 21.78
C GLY C 130 6.37 19.34 20.96
N GLU C 131 7.38 20.22 20.80
CA GLU C 131 7.19 21.49 20.09
C GLU C 131 7.06 21.27 18.58
N ILE C 132 7.75 20.26 18.04
CA ILE C 132 7.68 19.96 16.62
C ILE C 132 6.27 19.51 16.23
N ALA C 133 5.72 18.57 16.99
CA ALA C 133 4.42 18.02 16.69
C ALA C 133 3.32 19.08 16.83
N ALA C 134 3.53 20.05 17.73
CA ALA C 134 2.52 21.06 18.01
C ALA C 134 2.64 22.30 17.11
N ALA C 135 3.64 22.31 16.21
CA ALA C 135 3.88 23.45 15.34
C ALA C 135 2.78 23.59 14.29
N ALA C 136 2.47 24.85 13.95
CA ALA C 136 1.48 25.15 12.93
C ALA C 136 1.93 24.63 11.57
N GLY C 137 1.05 23.92 10.85
CA GLY C 137 1.36 23.43 9.52
C GLY C 137 1.66 21.93 9.46
N VAL C 138 1.86 21.29 10.62
CA VAL C 138 2.16 19.86 10.67
C VAL C 138 0.91 19.03 10.33
N GLU C 139 1.05 18.13 9.36
CA GLU C 139 -0.06 17.25 9.03
C GLU C 139 0.03 15.99 9.88
N ARG C 140 1.22 15.35 9.82
CA ARG C 140 1.46 14.09 10.50
C ARG C 140 2.98 13.89 10.62
N LEU C 141 3.37 12.96 11.48
CA LEU C 141 4.78 12.65 11.71
C LEU C 141 5.14 11.35 11.00
N SER C 142 6.43 11.24 10.71
CA SER C 142 7.00 10.05 10.11
C SER C 142 8.29 9.71 10.85
N PHE C 143 8.67 8.44 10.77
CA PHE C 143 9.82 7.94 11.51
C PHE C 143 10.95 7.49 10.59
N GLY C 144 12.13 8.11 10.74
CA GLY C 144 13.30 7.68 10.00
C GLY C 144 14.10 6.72 10.88
N SER C 145 13.65 5.46 10.96
CA SER C 145 14.24 4.48 11.85
C SER C 145 15.72 4.21 11.55
N LEU C 146 16.10 4.09 10.28
N LEU C 146 16.08 4.10 10.27
CA LEU C 146 17.49 3.80 9.94
CA LEU C 146 17.46 3.81 9.88
C LEU C 146 18.38 4.99 10.27
C LEU C 146 18.38 4.99 10.25
N ASP C 147 17.94 6.21 9.94
CA ASP C 147 18.73 7.39 10.22
C ASP C 147 18.86 7.59 11.74
N LEU C 148 17.79 7.29 12.48
CA LEU C 148 17.87 7.45 13.93
C LEU C 148 18.88 6.44 14.47
N ALA C 149 18.84 5.20 13.95
CA ALA C 149 19.77 4.16 14.38
C ALA C 149 21.21 4.62 14.16
N LEU C 150 21.49 5.24 13.01
CA LEU C 150 22.82 5.75 12.72
C LEU C 150 23.20 6.85 13.70
N ASP C 151 22.24 7.73 13.99
CA ASP C 151 22.49 8.88 14.86
C ASP C 151 22.82 8.42 16.29
N LEU C 152 22.27 7.28 16.72
CA LEU C 152 22.52 6.78 18.07
C LEU C 152 23.49 5.60 18.09
N ASP C 153 24.11 5.27 16.97
CA ASP C 153 25.08 4.19 16.92
C ASP C 153 24.49 2.85 17.34
N LEU C 154 23.25 2.58 16.92
CA LEU C 154 22.58 1.33 17.23
C LEU C 154 22.97 0.25 16.23
N ASN C 155 22.85 -1.02 16.66
CA ASN C 155 23.06 -2.16 15.79
C ASN C 155 21.70 -2.46 15.14
N SER C 156 21.46 -1.81 14.00
CA SER C 156 20.17 -1.94 13.33
C SER C 156 19.72 -3.39 13.24
N GLY C 157 18.45 -3.62 13.60
CA GLY C 157 17.85 -4.93 13.50
C GLY C 157 18.03 -5.78 14.76
N SER C 158 18.92 -5.37 15.68
CA SER C 158 19.13 -6.13 16.90
C SER C 158 17.97 -5.89 17.87
N ASN C 159 17.85 -6.78 18.86
CA ASN C 159 16.80 -6.66 19.86
C ASN C 159 17.00 -5.36 20.66
N ALA C 160 18.24 -5.05 21.05
CA ALA C 160 18.47 -3.84 21.82
C ALA C 160 18.11 -2.61 21.00
N ALA C 161 18.50 -2.58 19.71
CA ALA C 161 18.18 -1.45 18.87
C ALA C 161 16.66 -1.28 18.80
N GLU C 162 15.92 -2.39 18.66
CA GLU C 162 14.46 -2.33 18.57
C GLU C 162 13.88 -1.76 19.87
N GLN C 163 14.52 -2.04 21.00
CA GLN C 163 14.03 -1.50 22.25
C GLN C 163 14.17 0.02 22.23
N ILE C 164 15.33 0.52 21.76
CA ILE C 164 15.53 1.96 21.70
C ILE C 164 14.56 2.59 20.71
N LEU C 165 14.37 1.96 19.54
CA LEU C 165 13.46 2.51 18.56
C LEU C 165 12.04 2.55 19.14
N GLY C 166 11.72 1.64 20.08
CA GLY C 166 10.41 1.62 20.72
C GLY C 166 10.17 2.90 21.52
N HIS C 167 11.23 3.41 22.15
CA HIS C 167 11.13 4.64 22.90
C HIS C 167 10.81 5.79 21.96
N ALA C 168 11.44 5.77 20.78
CA ALA C 168 11.24 6.83 19.80
C ALA C 168 9.84 6.73 19.21
N ARG C 169 9.38 5.51 18.89
CA ARG C 169 8.05 5.31 18.36
C ARG C 169 7.00 5.76 19.37
N TYR C 170 7.20 5.44 20.64
CA TYR C 170 6.28 5.85 21.67
C TYR C 170 6.16 7.38 21.65
N ALA C 171 7.30 8.09 21.54
CA ALA C 171 7.26 9.55 21.53
C ALA C 171 6.43 10.07 20.36
N LEU C 172 6.62 9.48 19.19
N LEU C 172 6.64 9.53 19.15
CA LEU C 172 5.95 9.91 17.99
CA LEU C 172 5.88 10.00 18.00
C LEU C 172 4.43 9.66 18.10
C LEU C 172 4.39 9.72 18.19
N LEU C 173 4.04 8.54 18.69
CA LEU C 173 2.65 8.18 18.84
C LEU C 173 1.96 9.03 19.91
N LEU C 174 2.66 9.27 21.03
CA LEU C 174 2.10 10.08 22.09
C LEU C 174 1.89 11.52 21.62
N GLN C 175 2.92 12.09 20.99
CA GLN C 175 2.83 13.47 20.51
C GLN C 175 1.77 13.59 19.41
N THR C 176 1.62 12.57 18.55
CA THR C 176 0.56 12.58 17.55
C THR C 176 -0.79 12.83 18.23
N ARG C 177 -1.05 12.07 19.30
CA ARG C 177 -2.31 12.16 20.01
C ARG C 177 -2.47 13.52 20.70
N LEU C 178 -1.43 13.99 21.38
CA LEU C 178 -1.50 15.24 22.13
C LEU C 178 -1.73 16.44 21.20
N ALA C 179 -1.09 16.41 20.04
CA ALA C 179 -1.14 17.50 19.08
C ALA C 179 -2.32 17.37 18.12
N GLY C 180 -3.08 16.26 18.20
CA GLY C 180 -4.22 16.04 17.34
C GLY C 180 -3.84 15.92 15.87
N LEU C 181 -2.74 15.23 15.59
CA LEU C 181 -2.29 15.06 14.22
C LEU C 181 -2.96 13.86 13.57
N ALA C 182 -2.80 13.79 12.23
CA ALA C 182 -3.29 12.69 11.43
C ALA C 182 -2.39 11.47 11.68
N PRO C 183 -2.85 10.24 11.39
CA PRO C 183 -2.05 9.03 11.64
C PRO C 183 -0.63 9.04 11.07
N PRO C 184 0.37 8.72 11.90
CA PRO C 184 1.76 8.76 11.45
C PRO C 184 2.17 7.55 10.64
N LEU C 185 3.30 7.71 9.94
CA LEU C 185 3.88 6.66 9.14
C LEU C 185 5.14 6.14 9.82
N ASP C 186 5.25 4.81 9.83
CA ASP C 186 6.42 4.15 10.38
C ASP C 186 7.47 4.13 9.26
N GLY C 187 8.68 3.74 9.65
CA GLY C 187 9.83 3.79 8.78
C GLY C 187 9.81 2.77 7.66
N VAL C 188 10.64 3.06 6.66
CA VAL C 188 10.83 2.18 5.53
C VAL C 188 11.41 0.87 6.03
N TYR C 189 10.88 -0.23 5.50
CA TYR C 189 11.43 -1.56 5.71
C TYR C 189 12.25 -1.82 4.44
N PRO C 190 13.61 -1.80 4.51
CA PRO C 190 14.44 -1.83 3.30
C PRO C 190 14.62 -3.14 2.53
N ALA C 191 14.34 -4.28 3.17
CA ALA C 191 14.51 -5.59 2.56
C ALA C 191 13.36 -5.87 1.58
N ILE C 192 13.51 -5.34 0.35
CA ILE C 192 12.52 -5.47 -0.71
C ILE C 192 12.22 -6.94 -1.03
N GLN C 193 13.19 -7.84 -0.88
CA GLN C 193 12.98 -9.24 -1.21
C GLN C 193 12.66 -10.07 0.04
N ASN C 194 12.07 -9.44 1.06
CA ASN C 194 11.70 -10.14 2.27
C ASN C 194 10.26 -9.75 2.63
N ARG C 195 9.30 -10.38 1.94
CA ARG C 195 7.90 -10.08 2.15
C ARG C 195 7.49 -10.36 3.59
N ALA C 196 7.94 -11.50 4.13
CA ALA C 196 7.57 -11.89 5.48
C ALA C 196 8.04 -10.83 6.47
N GLY C 197 9.20 -10.22 6.23
CA GLY C 197 9.73 -9.20 7.13
C GLY C 197 8.86 -7.94 7.08
N LEU C 198 8.48 -7.55 5.85
CA LEU C 198 7.65 -6.38 5.64
C LEU C 198 6.31 -6.53 6.36
N VAL C 199 5.65 -7.69 6.17
CA VAL C 199 4.37 -7.98 6.78
C VAL C 199 4.45 -7.87 8.30
N GLU C 200 5.55 -8.34 8.88
CA GLU C 200 5.75 -8.27 10.33
C GLU C 200 5.87 -6.80 10.75
N ALA C 201 6.63 -6.00 9.99
CA ALA C 201 6.86 -4.60 10.30
C ALA C 201 5.54 -3.80 10.26
N VAL C 202 4.68 -4.11 9.28
CA VAL C 202 3.41 -3.42 9.12
C VAL C 202 2.45 -3.77 10.26
N ARG C 203 2.32 -5.06 10.57
N ARG C 203 2.34 -5.07 10.53
CA ARG C 203 1.41 -5.50 11.62
CA ARG C 203 1.51 -5.61 11.59
C ARG C 203 1.84 -4.89 12.95
C ARG C 203 1.84 -4.95 12.93
N PHE C 204 3.15 -4.87 13.24
CA PHE C 204 3.60 -4.28 14.49
C PHE C 204 3.28 -2.78 14.51
N ALA C 205 3.54 -2.09 13.40
CA ALA C 205 3.28 -0.66 13.32
C ALA C 205 1.79 -0.38 13.52
N ARG C 206 0.96 -1.13 12.80
CA ARG C 206 -0.48 -1.00 12.86
C ARG C 206 -0.99 -1.21 14.29
N ASP C 207 -0.45 -2.24 14.94
CA ASP C 207 -0.85 -2.59 16.31
C ASP C 207 -0.50 -1.49 17.32
N MET C 208 0.49 -0.63 17.02
CA MET C 208 0.79 0.42 17.99
C MET C 208 0.19 1.76 17.58
N GLY C 209 -0.62 1.79 16.52
CA GLY C 209 -1.33 3.01 16.15
C GLY C 209 -0.83 3.76 14.93
N PHE C 210 0.17 3.23 14.22
CA PHE C 210 0.62 3.88 13.00
C PHE C 210 -0.46 3.65 11.93
N GLY C 211 -0.62 4.62 11.02
CA GLY C 211 -1.59 4.51 9.95
C GLY C 211 -1.00 3.76 8.74
N GLY C 212 0.31 3.86 8.56
CA GLY C 212 0.95 3.21 7.43
C GLY C 212 2.47 3.25 7.49
N LEU C 213 3.08 2.86 6.37
CA LEU C 213 4.53 2.83 6.24
C LEU C 213 5.01 3.63 5.03
N LEU C 214 6.18 4.24 5.22
CA LEU C 214 6.97 4.80 4.14
C LEU C 214 7.48 3.57 3.39
N CYS C 215 7.63 3.65 2.06
CA CYS C 215 8.11 2.52 1.28
C CYS C 215 9.03 3.00 0.16
N ILE C 216 9.83 2.08 -0.41
CA ILE C 216 10.86 2.46 -1.37
C ILE C 216 10.77 1.71 -2.69
N HIS C 217 9.80 0.82 -2.84
CA HIS C 217 9.64 0.12 -4.11
C HIS C 217 8.17 -0.19 -4.28
N PRO C 218 7.60 0.02 -5.49
CA PRO C 218 6.20 -0.27 -5.77
C PRO C 218 5.69 -1.64 -5.30
N SER C 219 6.58 -2.64 -5.31
CA SER C 219 6.20 -3.99 -4.93
C SER C 219 5.84 -4.08 -3.46
N GLN C 220 6.19 -3.07 -2.65
CA GLN C 220 5.86 -3.15 -1.24
C GLN C 220 4.43 -2.71 -0.97
N VAL C 221 3.80 -2.02 -1.92
CA VAL C 221 2.48 -1.45 -1.67
C VAL C 221 1.43 -2.54 -1.38
N GLU C 222 1.39 -3.60 -2.19
CA GLU C 222 0.34 -4.62 -2.02
C GLU C 222 0.41 -5.28 -0.64
N PRO C 223 1.57 -5.79 -0.17
CA PRO C 223 1.66 -6.40 1.16
C PRO C 223 1.29 -5.42 2.27
N ILE C 224 1.66 -4.15 2.13
CA ILE C 224 1.33 -3.17 3.15
C ILE C 224 -0.19 -3.05 3.23
N HIS C 225 -0.85 -2.79 2.10
CA HIS C 225 -2.29 -2.64 2.06
C HIS C 225 -3.00 -3.89 2.59
N GLN C 226 -2.52 -5.06 2.19
CA GLN C 226 -3.13 -6.30 2.63
C GLN C 226 -3.06 -6.45 4.15
N THR C 227 -1.92 -6.09 4.75
CA THR C 227 -1.71 -6.28 6.17
C THR C 227 -2.53 -5.27 6.99
N LEU C 228 -2.80 -4.08 6.42
CA LEU C 228 -3.58 -3.04 7.08
C LEU C 228 -5.08 -3.22 6.89
N MET C 229 -5.47 -4.00 5.88
CA MET C 229 -6.86 -4.22 5.57
C MET C 229 -7.56 -4.82 6.78
N PRO C 230 -8.63 -4.18 7.32
CA PRO C 230 -9.35 -4.75 8.44
C PRO C 230 -10.07 -6.03 8.01
N SER C 231 -10.43 -6.84 9.01
CA SER C 231 -11.12 -8.11 8.77
C SER C 231 -12.51 -7.83 8.20
N PRO C 232 -13.12 -8.78 7.46
CA PRO C 232 -14.47 -8.59 6.95
C PRO C 232 -15.46 -8.15 8.04
N ALA C 233 -15.28 -8.69 9.25
CA ALA C 233 -16.15 -8.38 10.38
C ALA C 233 -16.09 -6.89 10.71
N GLU C 234 -14.86 -6.38 10.87
CA GLU C 234 -14.63 -4.98 11.18
C GLU C 234 -15.26 -4.06 10.14
N LEU C 235 -15.13 -4.43 8.85
CA LEU C 235 -15.63 -3.59 7.76
C LEU C 235 -17.16 -3.57 7.74
N GLU C 236 -17.80 -4.71 8.02
CA GLU C 236 -19.26 -4.73 8.04
C GLU C 236 -19.74 -3.73 9.10
N TRP C 237 -19.26 -3.91 10.33
CA TRP C 237 -19.61 -3.04 11.44
C TRP C 237 -19.28 -1.58 11.14
N ALA C 238 -18.16 -1.32 10.46
CA ALA C 238 -17.71 0.03 10.17
C ALA C 238 -18.66 0.76 9.22
N ARG C 239 -19.05 0.09 8.12
CA ARG C 239 -19.92 0.68 7.11
C ARG C 239 -21.29 1.07 7.67
N ARG C 240 -21.74 0.37 8.72
N ARG C 240 -21.75 0.37 8.72
CA ARG C 240 -23.03 0.64 9.34
CA ARG C 240 -23.05 0.69 9.31
C ARG C 240 -22.93 1.87 10.25
C ARG C 240 -22.90 1.91 10.21
N VAL C 241 -21.86 1.93 11.04
CA VAL C 241 -21.62 3.03 11.96
C VAL C 241 -21.38 4.32 11.17
N ALA C 242 -20.88 4.19 9.94
CA ALA C 242 -20.60 5.34 9.09
C ALA C 242 -21.89 5.89 8.49
N GLU C 243 -22.74 5.00 7.98
CA GLU C 243 -24.00 5.39 7.37
C GLU C 243 -24.89 6.10 8.40
N ALA C 244 -24.77 5.70 9.68
CA ALA C 244 -25.55 6.30 10.74
C ALA C 244 -25.03 7.71 11.03
N GLY C 245 -23.69 7.87 10.99
CA GLY C 245 -23.06 9.15 11.25
C GLY C 245 -23.31 10.12 10.11
N VAL C 259 -23.22 5.73 19.55
CA VAL C 259 -22.21 6.27 18.60
C VAL C 259 -21.77 7.65 19.09
N ASP C 260 -20.56 7.71 19.65
CA ASP C 260 -19.98 8.96 20.14
C ASP C 260 -18.83 9.34 19.20
N ALA C 261 -18.19 10.49 19.48
CA ALA C 261 -17.11 10.98 18.63
C ALA C 261 -16.05 9.91 18.43
N PRO C 262 -15.27 9.51 19.47
CA PRO C 262 -14.25 8.46 19.31
C PRO C 262 -14.69 7.19 18.56
N VAL C 263 -15.90 6.71 18.87
CA VAL C 263 -16.44 5.49 18.27
C VAL C 263 -16.62 5.70 16.76
N LEU C 264 -17.23 6.81 16.37
CA LEU C 264 -17.46 7.09 14.97
C LEU C 264 -16.11 7.32 14.28
N GLY C 265 -15.17 7.93 15.01
CA GLY C 265 -13.83 8.19 14.50
C GLY C 265 -13.07 6.91 14.19
N ARG C 266 -13.30 5.87 15.01
CA ARG C 266 -12.66 4.58 14.82
C ARG C 266 -13.28 3.86 13.63
N ALA C 267 -14.58 4.12 13.39
CA ALA C 267 -15.25 3.51 12.26
C ALA C 267 -14.61 4.03 10.96
N ARG C 268 -14.37 5.35 10.92
CA ARG C 268 -13.75 5.97 9.77
C ARG C 268 -12.34 5.41 9.59
N ARG C 269 -11.61 5.29 10.71
CA ARG C 269 -10.24 4.81 10.68
C ARG C 269 -10.20 3.43 10.01
N LEU C 270 -11.15 2.56 10.34
CA LEU C 270 -11.23 1.24 9.73
C LEU C 270 -11.51 1.37 8.23
N LEU C 271 -12.42 2.30 7.88
CA LEU C 271 -12.78 2.47 6.48
C LEU C 271 -11.59 3.02 5.67
N GLU C 272 -10.80 3.90 6.29
CA GLU C 272 -9.64 4.46 5.61
C GLU C 272 -8.57 3.38 5.46
N ARG C 273 -8.39 2.56 6.50
CA ARG C 273 -7.42 1.48 6.44
C ARG C 273 -7.78 0.48 5.33
N ALA C 274 -9.03 0.54 4.87
CA ALA C 274 -9.50 -0.32 3.79
C ALA C 274 -9.47 0.45 2.47
N GLY C 275 -9.04 1.72 2.54
CA GLY C 275 -8.98 2.57 1.36
C GLY C 275 -10.37 3.04 0.92
N GLU C 276 -11.27 3.26 1.88
CA GLU C 276 -12.62 3.73 1.60
C GLU C 276 -12.87 5.02 2.36
N GLY C 277 -11.81 5.80 2.60
CA GLY C 277 -11.90 7.06 3.32
C GLY C 277 -12.88 8.02 2.66
N MET D 4 -34.20 14.25 -23.71
CA MET D 4 -35.13 13.54 -24.63
C MET D 4 -34.60 12.13 -24.85
N ASN D 5 -35.42 11.27 -25.45
CA ASN D 5 -35.06 9.88 -25.71
C ASN D 5 -33.94 9.73 -26.73
N ARG D 6 -33.25 10.81 -27.08
CA ARG D 6 -32.12 10.72 -27.99
C ARG D 6 -31.03 11.69 -27.55
N GLN D 7 -31.28 12.42 -26.46
CA GLN D 7 -30.30 13.39 -26.02
C GLN D 7 -29.38 12.80 -24.97
N ILE D 8 -28.34 13.56 -24.69
CA ILE D 8 -27.39 13.26 -23.65
C ILE D 8 -28.13 13.22 -22.33
N VAL D 9 -27.83 12.21 -21.52
CA VAL D 9 -28.25 12.13 -20.13
C VAL D 9 -26.93 12.19 -19.36
N ARG D 10 -26.66 13.31 -18.68
CA ARG D 10 -25.40 13.46 -17.97
C ARG D 10 -25.34 12.64 -16.67
N SER D 11 -26.50 12.54 -16.02
CA SER D 11 -26.61 11.91 -14.72
C SER D 11 -27.95 11.22 -14.57
N ALA D 12 -27.91 10.00 -14.05
CA ALA D 12 -29.09 9.22 -13.75
C ALA D 12 -28.90 8.70 -12.33
N LEU D 13 -29.64 9.32 -11.42
CA LEU D 13 -29.52 9.11 -9.99
C LEU D 13 -30.49 8.06 -9.46
N PHE D 14 -29.93 7.05 -8.82
CA PHE D 14 -30.70 5.98 -8.20
C PHE D 14 -31.26 6.38 -6.83
N VAL D 15 -32.52 5.98 -6.61
N VAL D 15 -32.52 5.96 -6.61
CA VAL D 15 -33.19 6.17 -5.34
CA VAL D 15 -33.21 6.15 -5.35
C VAL D 15 -33.91 4.84 -5.06
C VAL D 15 -33.91 4.84 -5.06
N PRO D 16 -33.62 4.17 -3.92
CA PRO D 16 -34.28 2.90 -3.62
C PRO D 16 -35.77 3.08 -3.35
N ALA D 17 -36.60 2.19 -3.93
CA ALA D 17 -38.05 2.31 -3.75
C ALA D 17 -38.45 2.09 -2.29
N THR D 18 -37.51 1.63 -1.47
CA THR D 18 -37.78 1.44 -0.05
C THR D 18 -37.66 2.77 0.67
N ARG D 19 -37.11 3.79 0.00
CA ARG D 19 -36.96 5.10 0.64
C ARG D 19 -37.55 6.18 -0.25
N PRO D 20 -38.90 6.19 -0.42
CA PRO D 20 -39.57 7.16 -1.29
C PRO D 20 -39.47 8.61 -0.81
N GLU D 21 -39.25 8.80 0.49
CA GLU D 21 -39.09 10.14 1.03
C GLU D 21 -37.90 10.84 0.37
N ARG D 22 -37.00 10.06 -0.24
CA ARG D 22 -35.79 10.61 -0.85
C ARG D 22 -35.97 10.90 -2.34
N ILE D 23 -37.16 10.64 -2.91
CA ILE D 23 -37.35 10.86 -4.33
C ILE D 23 -37.38 12.36 -4.64
N PRO D 24 -38.13 13.21 -3.87
CA PRO D 24 -38.14 14.66 -4.12
C PRO D 24 -36.74 15.28 -4.12
N LYS D 25 -35.89 14.86 -3.18
CA LYS D 25 -34.51 15.32 -3.09
C LYS D 25 -33.77 14.96 -4.39
N ALA D 26 -34.01 13.74 -4.86
CA ALA D 26 -33.38 13.31 -6.10
C ALA D 26 -33.86 14.16 -7.28
N LEU D 27 -35.17 14.42 -7.36
CA LEU D 27 -35.76 15.19 -8.45
C LEU D 27 -35.35 16.66 -8.42
N ALA D 28 -35.09 17.20 -7.22
CA ALA D 28 -34.65 18.59 -7.10
C ALA D 28 -33.13 18.68 -7.09
N SER D 29 -32.41 17.57 -7.33
CA SER D 29 -30.95 17.59 -7.29
C SER D 29 -30.35 18.15 -8.58
N GLY D 30 -31.14 18.18 -9.66
CA GLY D 30 -30.64 18.62 -10.94
C GLY D 30 -30.24 17.44 -11.83
N ALA D 31 -30.34 16.21 -11.31
CA ALA D 31 -30.01 15.05 -12.11
C ALA D 31 -30.89 15.04 -13.35
N ASP D 32 -30.31 14.67 -14.49
CA ASP D 32 -31.03 14.62 -15.75
C ASP D 32 -32.15 13.60 -15.69
N ARG D 33 -31.91 12.49 -14.98
CA ARG D 33 -32.90 11.44 -14.77
C ARG D 33 -32.77 10.92 -13.34
N VAL D 34 -33.90 10.47 -12.81
CA VAL D 34 -33.97 9.81 -11.52
C VAL D 34 -34.49 8.41 -11.78
N ILE D 35 -33.81 7.42 -11.21
CA ILE D 35 -34.15 6.02 -11.35
C ILE D 35 -34.62 5.50 -10.00
N VAL D 36 -35.87 5.04 -9.93
CA VAL D 36 -36.39 4.44 -8.72
C VAL D 36 -36.04 2.96 -8.85
N ASP D 37 -35.32 2.45 -7.84
CA ASP D 37 -34.78 1.11 -7.92
C ASP D 37 -35.63 0.07 -7.17
N LEU D 38 -36.01 -0.99 -7.89
CA LEU D 38 -36.75 -2.12 -7.36
C LEU D 38 -35.84 -3.34 -7.32
N GLU D 39 -34.59 -3.18 -7.77
CA GLU D 39 -33.67 -4.32 -7.85
C GLU D 39 -32.74 -4.41 -6.63
N ASP D 40 -31.41 -4.34 -6.89
CA ASP D 40 -30.38 -4.61 -5.88
C ASP D 40 -30.42 -3.75 -4.63
N ALA D 41 -30.99 -2.55 -4.66
CA ALA D 41 -31.01 -1.75 -3.44
C ALA D 41 -32.16 -2.20 -2.53
N VAL D 42 -33.02 -3.09 -3.02
CA VAL D 42 -34.17 -3.54 -2.27
C VAL D 42 -34.02 -5.01 -1.90
N GLU D 43 -34.04 -5.29 -0.58
CA GLU D 43 -33.94 -6.64 -0.06
C GLU D 43 -35.09 -7.48 -0.62
N GLU D 44 -34.77 -8.75 -0.85
CA GLU D 44 -35.68 -9.68 -1.51
C GLU D 44 -37.05 -9.68 -0.84
N GLY D 45 -37.07 -9.69 0.49
CA GLY D 45 -38.32 -9.73 1.24
C GLY D 45 -39.15 -8.45 1.15
N LEU D 46 -38.53 -7.34 0.73
CA LEU D 46 -39.21 -6.04 0.68
C LEU D 46 -39.62 -5.62 -0.74
N LYS D 47 -39.37 -6.46 -1.75
CA LYS D 47 -39.62 -6.08 -3.13
C LYS D 47 -41.10 -5.82 -3.42
N VAL D 48 -42.01 -6.57 -2.79
CA VAL D 48 -43.43 -6.35 -3.00
C VAL D 48 -43.84 -5.02 -2.36
N GLU D 49 -43.32 -4.74 -1.17
CA GLU D 49 -43.63 -3.53 -0.44
C GLU D 49 -43.07 -2.32 -1.18
N ALA D 50 -41.87 -2.47 -1.75
CA ALA D 50 -41.22 -1.38 -2.45
C ALA D 50 -41.98 -1.01 -3.72
N ARG D 51 -42.57 -2.03 -4.37
CA ARG D 51 -43.35 -1.82 -5.58
C ARG D 51 -44.58 -0.98 -5.21
N ALA D 52 -45.17 -1.27 -4.04
CA ALA D 52 -46.33 -0.54 -3.55
C ALA D 52 -45.95 0.91 -3.24
N ASN D 53 -44.77 1.10 -2.64
CA ASN D 53 -44.25 2.43 -2.33
C ASN D 53 -44.13 3.27 -3.61
N LEU D 54 -43.66 2.65 -4.69
CA LEU D 54 -43.50 3.35 -5.95
C LEU D 54 -44.86 3.73 -6.53
N ARG D 55 -45.79 2.77 -6.57
CA ARG D 55 -47.10 3.06 -7.11
C ARG D 55 -47.68 4.24 -6.33
N ARG D 56 -47.62 4.12 -4.99
CA ARG D 56 -48.10 5.14 -4.07
C ARG D 56 -47.62 6.50 -4.55
N PHE D 57 -46.29 6.63 -4.65
CA PHE D 57 -45.62 7.86 -5.05
C PHE D 57 -46.10 8.35 -6.41
N LEU D 58 -46.16 7.45 -7.39
CA LEU D 58 -46.58 7.81 -8.73
C LEU D 58 -48.02 8.33 -8.75
N VAL D 59 -48.92 7.70 -7.98
CA VAL D 59 -50.30 8.14 -7.95
C VAL D 59 -50.42 9.47 -7.21
N ASP D 60 -49.65 9.63 -6.13
CA ASP D 60 -49.70 10.85 -5.33
C ASP D 60 -48.94 12.00 -5.99
N THR D 61 -48.02 11.68 -6.92
CA THR D 61 -47.22 12.69 -7.58
C THR D 61 -47.33 12.47 -9.08
N PRO D 62 -48.46 12.79 -9.74
CA PRO D 62 -48.62 12.55 -11.17
C PRO D 62 -47.71 13.35 -12.10
N GLU D 63 -47.06 14.40 -11.57
CA GLU D 63 -46.19 15.21 -12.40
C GLU D 63 -44.77 14.65 -12.46
N ALA D 64 -44.42 13.77 -11.51
CA ALA D 64 -43.09 13.21 -11.46
C ALA D 64 -42.81 12.38 -12.72
N ARG D 65 -41.56 12.45 -13.20
CA ARG D 65 -41.11 11.68 -14.34
C ARG D 65 -39.89 10.90 -13.88
N VAL D 66 -39.97 9.56 -13.90
CA VAL D 66 -38.87 8.75 -13.43
C VAL D 66 -38.64 7.53 -14.31
N LEU D 67 -37.41 7.03 -14.23
CA LEU D 67 -37.03 5.74 -14.81
C LEU D 67 -37.19 4.75 -13.67
N VAL D 68 -37.36 3.47 -13.99
CA VAL D 68 -37.47 2.42 -12.99
C VAL D 68 -36.49 1.31 -13.33
N ARG D 69 -35.67 0.93 -12.35
CA ARG D 69 -34.81 -0.23 -12.52
C ARG D 69 -35.60 -1.42 -11.99
N ILE D 70 -36.03 -2.29 -12.90
CA ILE D 70 -36.84 -3.44 -12.57
C ILE D 70 -35.94 -4.62 -12.22
N ASN D 71 -36.55 -5.71 -11.76
CA ASN D 71 -35.84 -6.94 -11.46
C ASN D 71 -35.57 -7.66 -12.78
N ALA D 72 -34.52 -8.48 -12.78
CA ALA D 72 -34.07 -9.22 -13.95
C ALA D 72 -35.18 -10.12 -14.50
N ALA D 73 -34.97 -10.58 -15.75
CA ALA D 73 -35.93 -11.37 -16.48
C ALA D 73 -36.28 -12.69 -15.78
N GLU D 74 -35.33 -13.28 -15.03
CA GLU D 74 -35.57 -14.55 -14.36
C GLU D 74 -36.20 -14.35 -12.97
N HIS D 75 -36.25 -13.10 -12.50
CA HIS D 75 -36.79 -12.84 -11.17
C HIS D 75 -38.31 -12.99 -11.21
N PRO D 76 -38.94 -13.64 -10.20
CA PRO D 76 -40.39 -13.81 -10.17
C PRO D 76 -41.22 -12.52 -10.23
N GLY D 77 -40.62 -11.39 -9.82
CA GLY D 77 -41.31 -10.11 -9.79
C GLY D 77 -41.20 -9.32 -11.10
N HIS D 78 -40.51 -9.88 -12.09
CA HIS D 78 -40.28 -9.22 -13.37
C HIS D 78 -41.60 -8.77 -14.00
N ALA D 79 -42.60 -9.66 -14.07
CA ALA D 79 -43.88 -9.32 -14.67
C ALA D 79 -44.58 -8.18 -13.92
N ASP D 80 -44.61 -8.24 -12.58
CA ASP D 80 -45.25 -7.19 -11.80
C ASP D 80 -44.52 -5.86 -11.96
N ASP D 81 -43.19 -5.90 -12.12
CA ASP D 81 -42.42 -4.68 -12.31
C ASP D 81 -42.81 -4.04 -13.64
N LEU D 82 -42.92 -4.87 -14.69
CA LEU D 82 -43.30 -4.40 -16.02
C LEU D 82 -44.72 -3.83 -16.04
N ALA D 83 -45.62 -4.44 -15.28
CA ALA D 83 -46.99 -3.97 -15.19
C ALA D 83 -47.02 -2.56 -14.59
N LEU D 84 -46.24 -2.33 -13.54
CA LEU D 84 -46.15 -1.01 -12.91
C LEU D 84 -45.61 0.00 -13.93
N CYS D 85 -44.60 -0.38 -14.72
CA CYS D 85 -44.05 0.51 -15.73
C CYS D 85 -45.10 0.84 -16.80
N ARG D 86 -45.89 -0.17 -17.19
CA ARG D 86 -46.90 0.00 -18.23
C ARG D 86 -48.06 0.90 -17.80
N ASP D 87 -48.45 0.82 -16.53
CA ASP D 87 -49.65 1.48 -16.05
C ASP D 87 -49.48 2.91 -15.52
N HIS D 88 -48.26 3.44 -15.47
CA HIS D 88 -48.05 4.79 -14.95
C HIS D 88 -47.34 5.68 -15.97
N ALA D 89 -48.00 6.79 -16.33
CA ALA D 89 -47.49 7.75 -17.30
C ALA D 89 -46.17 8.37 -16.83
N GLY D 90 -46.00 8.44 -15.50
CA GLY D 90 -44.82 9.00 -14.87
C GLY D 90 -43.55 8.19 -15.12
N VAL D 91 -43.70 6.91 -15.47
CA VAL D 91 -42.56 6.07 -15.78
C VAL D 91 -42.25 6.27 -17.27
N ILE D 92 -41.07 6.84 -17.54
CA ILE D 92 -40.67 7.24 -18.89
C ILE D 92 -39.69 6.25 -19.51
N GLY D 93 -39.36 5.20 -18.77
CA GLY D 93 -38.44 4.18 -19.26
C GLY D 93 -38.03 3.25 -18.13
N LEU D 94 -37.35 2.17 -18.48
CA LEU D 94 -36.95 1.22 -17.48
C LEU D 94 -35.54 0.72 -17.73
N LEU D 95 -34.83 0.44 -16.65
CA LEU D 95 -33.51 -0.16 -16.69
C LEU D 95 -33.70 -1.67 -16.51
N LEU D 96 -33.14 -2.44 -17.45
CA LEU D 96 -33.23 -3.90 -17.46
C LEU D 96 -31.88 -4.46 -17.01
N PRO D 97 -31.76 -4.92 -15.74
CA PRO D 97 -30.49 -5.42 -15.25
C PRO D 97 -30.14 -6.77 -15.86
N LYS D 98 -28.82 -7.04 -15.87
CA LYS D 98 -28.24 -8.31 -16.28
C LYS D 98 -28.83 -8.78 -17.60
N VAL D 99 -28.87 -7.87 -18.57
CA VAL D 99 -29.45 -8.20 -19.85
C VAL D 99 -28.55 -9.24 -20.53
N GLU D 100 -29.17 -10.27 -21.10
CA GLU D 100 -28.38 -11.34 -21.71
C GLU D 100 -28.87 -11.71 -23.11
N SER D 101 -29.97 -11.12 -23.59
CA SER D 101 -30.44 -11.45 -24.93
C SER D 101 -31.35 -10.36 -25.45
N ALA D 102 -31.51 -10.34 -26.78
CA ALA D 102 -32.42 -9.43 -27.45
C ALA D 102 -33.86 -9.78 -27.02
N ALA D 103 -34.09 -11.08 -26.82
CA ALA D 103 -35.40 -11.59 -26.43
C ALA D 103 -35.86 -10.99 -25.09
N GLN D 104 -34.93 -10.78 -24.15
CA GLN D 104 -35.27 -10.17 -22.85
C GLN D 104 -35.67 -8.72 -23.03
N VAL D 105 -34.97 -8.02 -23.92
CA VAL D 105 -35.29 -6.64 -24.21
C VAL D 105 -36.69 -6.56 -24.82
N ARG D 106 -36.95 -7.37 -25.84
CA ARG D 106 -38.23 -7.34 -26.51
C ARG D 106 -39.36 -7.62 -25.52
N HIS D 107 -39.19 -8.59 -24.63
CA HIS D 107 -40.22 -8.89 -23.66
C HIS D 107 -40.51 -7.66 -22.78
N ALA D 108 -39.46 -7.01 -22.29
CA ALA D 108 -39.60 -5.83 -21.44
C ALA D 108 -40.21 -4.66 -22.20
N ALA D 109 -39.75 -4.42 -23.45
CA ALA D 109 -40.26 -3.32 -24.25
C ALA D 109 -41.74 -3.51 -24.59
N VAL D 110 -42.11 -4.72 -25.01
CA VAL D 110 -43.46 -5.01 -25.41
C VAL D 110 -44.39 -4.97 -24.21
N ALA D 111 -44.00 -5.63 -23.11
CA ALA D 111 -44.87 -5.68 -21.94
C ALA D 111 -45.08 -4.30 -21.31
N SER D 112 -44.05 -3.46 -21.32
CA SER D 112 -44.14 -2.16 -20.65
C SER D 112 -44.64 -1.07 -21.59
N GLY D 113 -44.30 -1.20 -22.87
CA GLY D 113 -44.63 -0.17 -23.84
C GLY D 113 -43.77 1.07 -23.60
N LYS D 114 -42.69 0.90 -22.84
CA LYS D 114 -41.81 2.02 -22.50
C LYS D 114 -40.40 1.75 -23.02
N PRO D 115 -39.55 2.81 -23.17
CA PRO D 115 -38.17 2.63 -23.59
C PRO D 115 -37.38 1.81 -22.59
N VAL D 116 -36.43 1.04 -23.13
CA VAL D 116 -35.62 0.18 -22.31
C VAL D 116 -34.15 0.62 -22.34
N TRP D 117 -33.56 0.66 -21.14
CA TRP D 117 -32.15 0.91 -20.95
C TRP D 117 -31.50 -0.39 -20.48
N PRO D 118 -30.92 -1.22 -21.37
CA PRO D 118 -30.26 -2.44 -20.95
C PRO D 118 -28.99 -2.15 -20.13
N ILE D 119 -28.82 -2.85 -19.01
CA ILE D 119 -27.61 -2.72 -18.19
C ILE D 119 -26.76 -3.96 -18.47
N VAL D 120 -25.58 -3.74 -19.04
CA VAL D 120 -24.67 -4.83 -19.32
C VAL D 120 -23.84 -5.09 -18.07
N GLU D 121 -23.96 -6.29 -17.49
CA GLU D 121 -23.19 -6.58 -16.29
C GLU D 121 -22.79 -8.04 -16.18
N SER D 122 -22.67 -8.71 -17.33
CA SER D 122 -22.25 -10.10 -17.35
C SER D 122 -21.55 -10.42 -18.66
N ALA D 123 -20.75 -11.48 -18.62
CA ALA D 123 -20.07 -11.93 -19.80
C ALA D 123 -21.07 -12.28 -20.90
N ARG D 124 -22.17 -12.92 -20.51
N ARG D 124 -22.16 -12.94 -20.53
CA ARG D 124 -23.18 -13.34 -21.45
CA ARG D 124 -23.15 -13.35 -21.53
C ARG D 124 -23.74 -12.11 -22.19
C ARG D 124 -23.78 -12.12 -22.20
N GLY D 125 -24.02 -11.07 -21.43
CA GLY D 125 -24.55 -9.82 -21.97
C GLY D 125 -23.58 -9.21 -22.99
N LEU D 126 -22.28 -9.22 -22.67
CA LEU D 126 -21.26 -8.73 -23.60
C LEU D 126 -21.24 -9.53 -24.90
N ALA D 127 -21.31 -10.86 -24.80
CA ALA D 127 -21.22 -11.71 -25.98
C ALA D 127 -22.39 -11.45 -26.92
N ALA D 128 -23.56 -11.12 -26.37
CA ALA D 128 -24.75 -10.90 -27.17
C ALA D 128 -25.06 -9.41 -27.31
N LEU D 129 -24.07 -8.54 -27.06
CA LEU D 129 -24.34 -7.12 -27.05
C LEU D 129 -24.79 -6.59 -28.40
N GLY D 130 -24.31 -7.19 -29.50
CA GLY D 130 -24.75 -6.74 -30.81
C GLY D 130 -26.26 -6.87 -30.99
N GLU D 131 -26.81 -8.05 -30.64
N GLU D 131 -26.81 -8.04 -30.65
CA GLU D 131 -28.24 -8.28 -30.77
CA GLU D 131 -28.26 -8.26 -30.78
C GLU D 131 -29.02 -7.46 -29.73
C GLU D 131 -29.02 -7.45 -29.74
N ILE D 132 -28.46 -7.32 -28.53
CA ILE D 132 -29.11 -6.56 -27.48
C ILE D 132 -29.28 -5.10 -27.88
N ALA D 133 -28.20 -4.48 -28.35
CA ALA D 133 -28.22 -3.08 -28.72
C ALA D 133 -29.16 -2.83 -29.89
N ALA D 134 -29.28 -3.82 -30.79
CA ALA D 134 -30.08 -3.67 -31.99
C ALA D 134 -31.55 -4.00 -31.76
N ALA D 135 -31.94 -4.38 -30.54
CA ALA D 135 -33.32 -4.80 -30.30
C ALA D 135 -34.26 -3.59 -30.30
N ALA D 136 -35.45 -3.79 -30.86
CA ALA D 136 -36.45 -2.74 -30.87
C ALA D 136 -36.81 -2.32 -29.45
N GLY D 137 -36.86 -1.00 -29.19
CA GLY D 137 -37.25 -0.50 -27.88
C GLY D 137 -36.07 0.03 -27.05
N VAL D 138 -34.83 -0.23 -27.50
CA VAL D 138 -33.64 0.19 -26.76
C VAL D 138 -33.42 1.69 -26.94
N GLU D 139 -33.26 2.41 -25.82
CA GLU D 139 -32.97 3.83 -25.87
C GLU D 139 -31.46 4.06 -25.87
N ARG D 140 -30.79 3.51 -24.86
CA ARG D 140 -29.35 3.64 -24.68
C ARG D 140 -28.89 2.51 -23.75
N LEU D 141 -27.56 2.31 -23.70
CA LEU D 141 -26.97 1.28 -22.88
C LEU D 141 -26.33 1.88 -21.65
N SER D 142 -26.18 1.06 -20.62
N SER D 142 -26.22 1.05 -20.61
CA SER D 142 -25.42 1.50 -19.47
CA SER D 142 -25.63 1.40 -19.33
C SER D 142 -24.56 0.32 -19.04
C SER D 142 -24.71 0.27 -18.87
N PHE D 143 -23.67 0.61 -18.09
CA PHE D 143 -22.69 -0.37 -17.66
C PHE D 143 -22.74 -0.66 -16.17
N GLY D 144 -22.82 -1.94 -15.82
CA GLY D 144 -22.74 -2.39 -14.44
C GLY D 144 -21.33 -2.94 -14.19
N SER D 145 -20.37 -2.04 -13.96
CA SER D 145 -18.96 -2.43 -13.85
C SER D 145 -18.66 -3.32 -12.65
N LEU D 146 -19.26 -3.04 -11.48
CA LEU D 146 -19.01 -3.88 -10.31
C LEU D 146 -19.56 -5.29 -10.51
N ASP D 147 -20.75 -5.39 -11.09
CA ASP D 147 -21.37 -6.69 -11.33
C ASP D 147 -20.57 -7.46 -12.38
N LEU D 148 -20.05 -6.75 -13.39
CA LEU D 148 -19.28 -7.41 -14.42
C LEU D 148 -17.97 -7.94 -13.81
N ALA D 149 -17.33 -7.15 -12.93
CA ALA D 149 -16.09 -7.56 -12.28
C ALA D 149 -16.31 -8.86 -11.50
N LEU D 150 -17.44 -8.98 -10.80
CA LEU D 150 -17.77 -10.18 -10.05
C LEU D 150 -17.99 -11.34 -11.01
N ASP D 151 -18.64 -11.08 -12.14
CA ASP D 151 -18.95 -12.16 -13.08
C ASP D 151 -17.69 -12.72 -13.71
N LEU D 152 -16.64 -11.89 -13.86
CA LEU D 152 -15.38 -12.30 -14.46
C LEU D 152 -14.26 -12.52 -13.43
N ASP D 153 -14.61 -12.50 -12.13
CA ASP D 153 -13.67 -12.74 -11.05
C ASP D 153 -12.46 -11.79 -11.13
N LEU D 154 -12.73 -10.51 -11.42
CA LEU D 154 -11.68 -9.50 -11.46
C LEU D 154 -11.38 -8.99 -10.04
N ASN D 155 -10.20 -8.40 -9.88
CA ASN D 155 -9.84 -7.75 -8.63
C ASN D 155 -10.24 -6.28 -8.82
N SER D 156 -11.44 -5.94 -8.37
CA SER D 156 -11.97 -4.59 -8.55
C SER D 156 -10.97 -3.54 -8.10
N GLY D 157 -10.83 -2.50 -8.93
CA GLY D 157 -9.95 -1.39 -8.65
C GLY D 157 -8.51 -1.59 -9.12
N SER D 158 -8.14 -2.80 -9.54
CA SER D 158 -6.76 -3.04 -9.97
C SER D 158 -6.56 -2.54 -11.39
N ASN D 159 -5.30 -2.34 -11.78
CA ASN D 159 -4.97 -1.92 -13.12
C ASN D 159 -5.47 -2.97 -14.13
N ALA D 160 -5.26 -4.25 -13.83
CA ALA D 160 -5.65 -5.32 -14.76
C ALA D 160 -7.17 -5.37 -14.92
N ALA D 161 -7.90 -5.20 -13.81
CA ALA D 161 -9.35 -5.21 -13.87
C ALA D 161 -9.87 -4.10 -14.76
N GLU D 162 -9.27 -2.90 -14.65
CA GLU D 162 -9.70 -1.76 -15.46
C GLU D 162 -9.42 -2.03 -16.94
N GLN D 163 -8.35 -2.78 -17.24
CA GLN D 163 -8.03 -3.13 -18.61
C GLN D 163 -9.17 -4.01 -19.16
N ILE D 164 -9.59 -5.01 -18.39
CA ILE D 164 -10.70 -5.88 -18.80
C ILE D 164 -11.98 -5.05 -18.95
N LEU D 165 -12.25 -4.17 -17.98
CA LEU D 165 -13.48 -3.39 -18.05
C LEU D 165 -13.46 -2.49 -19.30
N GLY D 166 -12.25 -2.11 -19.72
CA GLY D 166 -12.05 -1.31 -20.93
C GLY D 166 -12.61 -2.02 -22.16
N HIS D 167 -12.44 -3.34 -22.23
CA HIS D 167 -12.97 -4.12 -23.33
C HIS D 167 -14.50 -4.04 -23.35
N ALA D 168 -15.11 -4.09 -22.17
CA ALA D 168 -16.56 -4.00 -22.04
C ALA D 168 -17.03 -2.61 -22.45
N ARG D 169 -16.32 -1.57 -22.01
CA ARG D 169 -16.65 -0.20 -22.36
C ARG D 169 -16.62 0.00 -23.87
N TYR D 170 -15.57 -0.54 -24.51
CA TYR D 170 -15.42 -0.47 -25.94
C TYR D 170 -16.63 -1.08 -26.64
N ALA D 171 -17.11 -2.23 -26.14
CA ALA D 171 -18.25 -2.91 -26.72
C ALA D 171 -19.50 -2.04 -26.65
N LEU D 172 -19.74 -1.43 -25.49
CA LEU D 172 -20.92 -0.58 -25.32
C LEU D 172 -20.88 0.60 -26.28
N LEU D 173 -19.68 1.20 -26.42
CA LEU D 173 -19.50 2.38 -27.25
C LEU D 173 -19.61 2.02 -28.73
N LEU D 174 -19.05 0.87 -29.10
CA LEU D 174 -19.12 0.40 -30.48
C LEU D 174 -20.57 0.12 -30.86
N GLN D 175 -21.27 -0.70 -30.06
CA GLN D 175 -22.64 -1.10 -30.34
C GLN D 175 -23.58 0.11 -30.30
N THR D 176 -23.28 1.10 -29.45
CA THR D 176 -24.11 2.29 -29.41
C THR D 176 -24.12 2.93 -30.80
N ARG D 177 -22.92 3.07 -31.40
CA ARG D 177 -22.79 3.69 -32.70
C ARG D 177 -23.40 2.82 -33.80
N LEU D 178 -23.14 1.51 -33.77
CA LEU D 178 -23.68 0.64 -34.81
C LEU D 178 -25.21 0.65 -34.81
N ALA D 179 -25.82 0.60 -33.62
CA ALA D 179 -27.27 0.53 -33.48
C ALA D 179 -27.95 1.89 -33.50
N GLY D 180 -27.18 2.98 -33.57
CA GLY D 180 -27.74 4.32 -33.61
C GLY D 180 -28.46 4.70 -32.31
N LEU D 181 -27.90 4.31 -31.15
CA LEU D 181 -28.57 4.59 -29.89
C LEU D 181 -28.16 5.96 -29.35
N ALA D 182 -28.87 6.39 -28.30
CA ALA D 182 -28.57 7.64 -27.63
C ALA D 182 -27.32 7.43 -26.78
N PRO D 183 -26.64 8.50 -26.33
CA PRO D 183 -25.39 8.35 -25.56
C PRO D 183 -25.50 7.46 -24.32
N PRO D 184 -24.57 6.51 -24.16
CA PRO D 184 -24.60 5.60 -23.01
C PRO D 184 -24.15 6.22 -21.70
N LEU D 185 -24.42 5.51 -20.61
CA LEU D 185 -24.01 5.94 -19.28
C LEU D 185 -22.98 4.97 -18.75
N ASP D 186 -21.92 5.53 -18.16
CA ASP D 186 -20.89 4.73 -17.56
C ASP D 186 -21.42 4.33 -16.17
N GLY D 187 -20.75 3.37 -15.53
CA GLY D 187 -21.20 2.82 -14.26
C GLY D 187 -21.03 3.78 -13.08
N VAL D 188 -21.69 3.40 -11.99
CA VAL D 188 -21.65 4.13 -10.73
C VAL D 188 -20.22 4.18 -10.20
N TYR D 189 -19.83 5.35 -9.72
CA TYR D 189 -18.60 5.54 -8.98
C TYR D 189 -19.05 5.50 -7.53
N PRO D 190 -18.78 4.41 -6.77
CA PRO D 190 -19.34 4.26 -5.43
C PRO D 190 -18.82 5.07 -4.24
N ALA D 191 -17.58 5.57 -4.31
CA ALA D 191 -16.99 6.33 -3.20
C ALA D 191 -17.53 7.75 -3.18
N ILE D 192 -18.67 7.94 -2.52
CA ILE D 192 -19.37 9.21 -2.45
C ILE D 192 -18.52 10.29 -1.79
N GLN D 193 -17.53 9.90 -0.97
CA GLN D 193 -16.72 10.88 -0.27
C GLN D 193 -15.50 11.32 -1.08
N ASN D 194 -15.27 10.70 -2.25
CA ASN D 194 -14.06 11.02 -3.01
C ASN D 194 -14.43 11.79 -4.27
N ARG D 195 -14.51 13.12 -4.14
N ARG D 195 -14.49 13.13 -4.15
CA ARG D 195 -14.86 13.98 -5.28
CA ARG D 195 -14.85 14.01 -5.25
C ARG D 195 -13.82 13.78 -6.39
C ARG D 195 -13.82 13.91 -6.38
N ALA D 196 -12.53 13.82 -6.03
CA ALA D 196 -11.45 13.70 -7.00
C ALA D 196 -11.58 12.41 -7.81
N GLY D 197 -11.89 11.30 -7.13
CA GLY D 197 -12.05 10.02 -7.82
C GLY D 197 -13.22 10.05 -8.80
N LEU D 198 -14.30 10.72 -8.41
CA LEU D 198 -15.50 10.84 -9.22
C LEU D 198 -15.18 11.64 -10.48
N VAL D 199 -14.56 12.81 -10.30
CA VAL D 199 -14.20 13.69 -11.40
C VAL D 199 -13.32 12.96 -12.42
N GLU D 200 -12.37 12.16 -11.93
N GLU D 200 -12.36 12.13 -11.97
CA GLU D 200 -11.49 11.40 -12.78
CA GLU D 200 -11.48 11.45 -12.91
C GLU D 200 -12.31 10.43 -13.62
C GLU D 200 -12.23 10.33 -13.62
N ALA D 201 -13.22 9.71 -12.94
CA ALA D 201 -14.05 8.70 -13.59
C ALA D 201 -14.94 9.35 -14.65
N VAL D 202 -15.47 10.54 -14.36
CA VAL D 202 -16.33 11.22 -15.30
C VAL D 202 -15.53 11.69 -16.52
N ARG D 203 -14.33 12.23 -16.26
CA ARG D 203 -13.48 12.72 -17.33
C ARG D 203 -13.15 11.56 -18.25
N PHE D 204 -12.80 10.42 -17.65
CA PHE D 204 -12.41 9.26 -18.43
C PHE D 204 -13.59 8.79 -19.29
N ALA D 205 -14.78 8.73 -18.69
CA ALA D 205 -15.97 8.30 -19.41
C ALA D 205 -16.27 9.25 -20.58
N ARG D 206 -16.24 10.56 -20.30
CA ARG D 206 -16.54 11.61 -21.26
C ARG D 206 -15.61 11.50 -22.47
N ASP D 207 -14.32 11.30 -22.19
CA ASP D 207 -13.28 11.25 -23.20
C ASP D 207 -13.44 10.03 -24.10
N MET D 208 -14.14 9.00 -23.60
CA MET D 208 -14.38 7.79 -24.39
C MET D 208 -15.70 7.86 -25.15
N GLY D 209 -16.49 8.93 -24.97
CA GLY D 209 -17.74 9.02 -25.72
C GLY D 209 -18.98 8.72 -24.90
N PHE D 210 -18.86 8.48 -23.59
CA PHE D 210 -20.05 8.28 -22.79
C PHE D 210 -20.73 9.63 -22.62
N GLY D 211 -22.07 9.62 -22.53
CA GLY D 211 -22.81 10.86 -22.34
C GLY D 211 -22.86 11.31 -20.89
N GLY D 212 -22.81 10.34 -19.97
CA GLY D 212 -22.89 10.63 -18.54
C GLY D 212 -22.64 9.38 -17.70
N LEU D 213 -22.94 9.51 -16.40
CA LEU D 213 -22.78 8.45 -15.42
C LEU D 213 -24.04 8.19 -14.63
N LEU D 214 -24.19 6.92 -14.27
CA LEU D 214 -25.14 6.51 -13.26
C LEU D 214 -24.57 7.02 -11.94
N CYS D 215 -25.43 7.42 -10.99
CA CYS D 215 -24.96 7.92 -9.71
C CYS D 215 -25.87 7.44 -8.59
N ILE D 216 -25.36 7.49 -7.36
CA ILE D 216 -26.06 6.92 -6.21
C ILE D 216 -26.30 7.91 -5.08
N HIS D 217 -25.91 9.17 -5.25
CA HIS D 217 -26.18 10.14 -4.20
C HIS D 217 -26.29 11.51 -4.85
N PRO D 218 -27.28 12.34 -4.43
CA PRO D 218 -27.43 13.69 -4.98
C PRO D 218 -26.14 14.53 -5.04
N SER D 219 -25.28 14.37 -4.04
CA SER D 219 -24.03 15.10 -3.96
C SER D 219 -23.11 14.84 -5.17
N GLN D 220 -23.35 13.77 -5.91
CA GLN D 220 -22.48 13.47 -7.03
C GLN D 220 -22.88 14.22 -8.31
N VAL D 221 -24.10 14.79 -8.33
CA VAL D 221 -24.64 15.40 -9.54
C VAL D 221 -23.81 16.60 -9.98
N GLU D 222 -23.58 17.57 -9.08
CA GLU D 222 -22.84 18.77 -9.46
C GLU D 222 -21.46 18.45 -10.03
N PRO D 223 -20.63 17.61 -9.39
CA PRO D 223 -19.32 17.28 -9.97
C PRO D 223 -19.41 16.59 -11.34
N ILE D 224 -20.45 15.80 -11.55
CA ILE D 224 -20.60 15.14 -12.84
C ILE D 224 -20.89 16.20 -13.90
N HIS D 225 -21.87 17.07 -13.62
CA HIS D 225 -22.26 18.13 -14.54
C HIS D 225 -21.10 19.08 -14.84
N GLN D 226 -20.35 19.45 -13.79
N GLN D 226 -20.39 19.51 -13.80
CA GLN D 226 -19.25 20.40 -13.93
CA GLN D 226 -19.26 20.39 -13.99
C GLN D 226 -18.09 19.80 -14.73
C GLN D 226 -18.25 19.75 -14.93
N THR D 227 -17.95 18.46 -14.71
CA THR D 227 -16.90 17.80 -15.47
C THR D 227 -17.31 17.63 -16.93
N LEU D 228 -18.59 17.39 -17.19
CA LEU D 228 -19.09 17.19 -18.54
C LEU D 228 -19.31 18.51 -19.29
N MET D 229 -19.40 19.63 -18.55
CA MET D 229 -19.61 20.95 -19.14
C MET D 229 -18.54 21.27 -20.19
N PRO D 230 -18.91 21.49 -21.46
CA PRO D 230 -17.91 21.86 -22.47
C PRO D 230 -17.28 23.20 -22.14
N SER D 231 -16.12 23.46 -22.76
CA SER D 231 -15.41 24.71 -22.54
C SER D 231 -16.20 25.87 -23.13
N PRO D 232 -15.99 27.10 -22.63
CA PRO D 232 -16.67 28.28 -23.17
C PRO D 232 -16.49 28.39 -24.69
N ALA D 233 -15.32 27.96 -25.19
CA ALA D 233 -15.03 28.02 -26.61
C ALA D 233 -15.90 27.02 -27.38
N GLU D 234 -16.05 25.80 -26.84
CA GLU D 234 -16.86 24.78 -27.48
C GLU D 234 -18.31 25.25 -27.53
N LEU D 235 -18.73 25.99 -26.49
CA LEU D 235 -20.11 26.47 -26.40
C LEU D 235 -20.37 27.62 -27.36
N GLU D 236 -19.41 28.55 -27.49
CA GLU D 236 -19.55 29.65 -28.42
C GLU D 236 -19.76 29.10 -29.82
N TRP D 237 -18.96 28.09 -30.15
CA TRP D 237 -19.03 27.44 -31.45
C TRP D 237 -20.37 26.72 -31.63
N ALA D 238 -20.72 25.87 -30.66
CA ALA D 238 -21.92 25.07 -30.70
C ALA D 238 -23.18 25.92 -30.93
N ARG D 239 -23.30 27.04 -30.22
CA ARG D 239 -24.46 27.92 -30.31
C ARG D 239 -24.56 28.58 -31.69
N ARG D 240 -23.42 28.97 -32.26
CA ARG D 240 -23.41 29.59 -33.58
C ARG D 240 -23.88 28.56 -34.60
N VAL D 241 -23.29 27.37 -34.54
CA VAL D 241 -23.64 26.29 -35.45
C VAL D 241 -25.12 25.94 -35.29
N ALA D 242 -25.63 26.08 -34.06
CA ALA D 242 -27.02 25.76 -33.75
C ALA D 242 -27.96 26.87 -34.23
N GLU D 243 -27.66 28.12 -33.83
CA GLU D 243 -28.49 29.26 -34.18
C GLU D 243 -28.67 29.34 -35.70
N ALA D 244 -27.57 29.10 -36.44
CA ALA D 244 -27.58 29.13 -37.89
C ALA D 244 -27.50 27.70 -38.43
N GLY D 245 -28.43 26.85 -37.97
CA GLY D 245 -28.50 25.46 -38.40
C GLY D 245 -29.71 25.21 -39.26
N GLU D 257 -16.86 26.53 -41.22
CA GLU D 257 -16.87 25.20 -41.89
C GLU D 257 -18.21 25.07 -42.62
N MET D 258 -18.77 23.86 -42.67
CA MET D 258 -20.05 23.64 -43.35
C MET D 258 -20.95 22.78 -42.46
N VAL D 259 -22.20 23.22 -42.30
CA VAL D 259 -23.17 22.51 -41.48
C VAL D 259 -23.57 21.23 -42.22
N ASP D 260 -23.58 20.11 -41.48
CA ASP D 260 -23.96 18.82 -42.00
C ASP D 260 -24.50 17.98 -40.85
N ALA D 261 -25.22 16.90 -41.17
CA ALA D 261 -25.83 16.04 -40.16
C ALA D 261 -24.83 15.73 -39.05
N PRO D 262 -23.60 15.23 -39.37
CA PRO D 262 -22.62 14.92 -38.32
C PRO D 262 -22.14 16.10 -37.48
N VAL D 263 -21.70 17.18 -38.14
CA VAL D 263 -21.15 18.35 -37.48
C VAL D 263 -22.23 19.09 -36.68
N LEU D 264 -23.43 19.24 -37.27
CA LEU D 264 -24.51 19.90 -36.56
C LEU D 264 -24.88 19.08 -35.32
N GLY D 265 -24.82 17.74 -35.47
CA GLY D 265 -25.10 16.82 -34.37
C GLY D 265 -24.08 16.96 -33.25
N ARG D 266 -22.84 17.32 -33.63
CA ARG D 266 -21.76 17.54 -32.69
C ARG D 266 -22.08 18.76 -31.84
N ALA D 267 -22.59 19.81 -32.49
CA ALA D 267 -22.95 21.06 -31.83
C ALA D 267 -24.09 20.82 -30.84
N ARG D 268 -25.11 20.08 -31.26
CA ARG D 268 -26.26 19.78 -30.40
C ARG D 268 -25.81 18.96 -29.20
N ARG D 269 -24.90 18.01 -29.41
CA ARG D 269 -24.39 17.18 -28.33
C ARG D 269 -23.69 18.05 -27.28
N LEU D 270 -22.91 19.04 -27.74
CA LEU D 270 -22.22 19.95 -26.84
C LEU D 270 -23.23 20.76 -26.01
N LEU D 271 -24.28 21.25 -26.66
CA LEU D 271 -25.29 22.03 -25.95
C LEU D 271 -25.99 21.13 -24.92
N GLU D 272 -26.19 19.85 -25.28
CA GLU D 272 -26.85 18.90 -24.40
C GLU D 272 -25.95 18.64 -23.18
N ARG D 273 -24.64 18.56 -23.42
CA ARG D 273 -23.68 18.34 -22.35
C ARG D 273 -23.62 19.55 -21.42
N ALA D 274 -24.16 20.69 -21.85
CA ALA D 274 -24.17 21.89 -21.04
C ALA D 274 -25.51 22.07 -20.34
N GLY D 275 -26.44 21.15 -20.57
CA GLY D 275 -27.78 21.23 -19.99
C GLY D 275 -28.66 22.19 -20.80
N GLU D 276 -28.39 22.30 -22.11
CA GLU D 276 -29.15 23.18 -23.00
C GLU D 276 -29.76 22.36 -24.15
N GLY D 277 -30.37 21.22 -23.82
CA GLY D 277 -30.99 20.37 -24.82
C GLY D 277 -32.24 21.02 -25.39
N ARG E 6 3.55 -6.84 -51.25
CA ARG E 6 3.58 -7.70 -50.03
C ARG E 6 4.69 -7.26 -49.06
N GLN E 7 5.40 -6.19 -49.40
CA GLN E 7 6.48 -5.70 -48.57
C GLN E 7 5.98 -4.69 -47.56
N ILE E 8 6.88 -4.30 -46.67
CA ILE E 8 6.63 -3.26 -45.69
C ILE E 8 6.61 -1.92 -46.40
N VAL E 9 5.67 -1.08 -45.99
CA VAL E 9 5.59 0.30 -46.41
C VAL E 9 5.79 1.07 -45.11
N ARG E 10 6.97 1.66 -44.95
CA ARG E 10 7.35 2.36 -43.73
C ARG E 10 6.64 3.70 -43.63
N SER E 11 6.41 4.32 -44.80
CA SER E 11 5.81 5.65 -44.88
C SER E 11 5.00 5.82 -46.15
N ALA E 12 3.82 6.43 -45.99
CA ALA E 12 2.92 6.74 -47.10
C ALA E 12 2.52 8.19 -46.91
N LEU E 13 3.07 9.04 -47.79
CA LEU E 13 2.96 10.49 -47.69
C LEU E 13 1.84 11.03 -48.56
N PHE E 14 0.91 11.74 -47.90
CA PHE E 14 -0.20 12.39 -48.56
C PHE E 14 0.23 13.72 -49.20
N VAL E 15 -0.27 13.96 -50.41
N VAL E 15 -0.26 13.95 -50.42
CA VAL E 15 -0.04 15.21 -51.11
CA VAL E 15 -0.05 15.19 -51.15
C VAL E 15 -1.36 15.56 -51.80
C VAL E 15 -1.39 15.54 -51.77
N PRO E 16 -1.94 16.74 -51.54
CA PRO E 16 -3.24 17.09 -52.13
C PRO E 16 -3.12 17.28 -53.63
N ALA E 17 -4.12 16.80 -54.39
CA ALA E 17 -4.12 16.95 -55.84
C ALA E 17 -4.28 18.41 -56.26
N THR E 18 -4.56 19.32 -55.32
CA THR E 18 -4.63 20.75 -55.59
C THR E 18 -3.22 21.33 -55.60
N ARG E 19 -2.21 20.52 -55.29
CA ARG E 19 -0.82 20.97 -55.26
C ARG E 19 0.00 20.01 -56.10
N PRO E 20 -0.31 19.85 -57.41
CA PRO E 20 0.42 18.91 -58.27
C PRO E 20 1.93 19.13 -58.31
N GLU E 21 2.36 20.39 -58.11
CA GLU E 21 3.79 20.71 -58.14
C GLU E 21 4.50 20.13 -56.92
N ARG E 22 3.74 19.68 -55.91
CA ARG E 22 4.39 19.12 -54.75
C ARG E 22 4.54 17.60 -54.87
N ILE E 23 3.96 16.99 -55.90
CA ILE E 23 4.06 15.54 -56.04
C ILE E 23 5.51 15.12 -56.30
N PRO E 24 6.27 15.79 -57.22
CA PRO E 24 7.68 15.43 -57.44
C PRO E 24 8.52 15.48 -56.17
N LYS E 25 8.32 16.53 -55.36
CA LYS E 25 9.03 16.68 -54.09
C LYS E 25 8.75 15.47 -53.19
N ALA E 26 7.48 15.07 -53.12
CA ALA E 26 7.11 13.92 -52.29
C ALA E 26 7.76 12.63 -52.79
N LEU E 27 7.75 12.42 -54.11
CA LEU E 27 8.35 11.24 -54.70
C LEU E 27 9.86 11.21 -54.47
N ALA E 28 10.43 12.35 -54.05
CA ALA E 28 11.86 12.47 -53.82
C ALA E 28 12.19 12.59 -52.33
N SER E 29 11.17 12.51 -51.47
CA SER E 29 11.37 12.64 -50.03
C SER E 29 11.95 11.37 -49.42
N GLY E 30 11.92 10.27 -50.15
CA GLY E 30 12.38 8.98 -49.64
C GLY E 30 11.22 8.17 -49.08
N ALA E 31 10.01 8.76 -49.07
CA ALA E 31 8.81 8.10 -48.59
C ALA E 31 8.61 6.82 -49.39
N ASP E 32 8.20 5.73 -48.72
CA ASP E 32 8.02 4.47 -49.41
C ASP E 32 6.91 4.58 -50.46
N ARG E 33 5.88 5.36 -50.16
CA ARG E 33 4.77 5.57 -51.07
C ARG E 33 4.33 7.01 -51.01
N VAL E 34 3.80 7.48 -52.13
CA VAL E 34 3.19 8.79 -52.19
C VAL E 34 1.72 8.59 -52.54
N ILE E 35 0.85 9.23 -51.73
CA ILE E 35 -0.60 9.15 -51.91
C ILE E 35 -1.09 10.52 -52.40
N VAL E 36 -1.64 10.58 -53.61
CA VAL E 36 -2.19 11.83 -54.11
C VAL E 36 -3.63 11.84 -53.63
N ASP E 37 -4.00 12.88 -52.88
CA ASP E 37 -5.30 12.91 -52.25
C ASP E 37 -6.34 13.66 -53.09
N LEU E 38 -7.47 13.00 -53.37
CA LEU E 38 -8.61 13.62 -54.06
C LEU E 38 -9.74 13.82 -53.06
N GLU E 39 -9.52 13.36 -51.83
CA GLU E 39 -10.60 13.34 -50.86
C GLU E 39 -10.55 14.55 -49.93
N ASP E 40 -10.30 14.27 -48.65
CA ASP E 40 -10.43 15.26 -47.58
C ASP E 40 -9.59 16.53 -47.73
N ALA E 41 -8.40 16.44 -48.35
CA ALA E 41 -7.56 17.62 -48.50
C ALA E 41 -8.07 18.54 -49.62
N VAL E 42 -9.06 18.08 -50.38
CA VAL E 42 -9.56 18.89 -51.49
C VAL E 42 -11.00 19.31 -51.21
N GLU E 43 -11.23 20.62 -51.13
CA GLU E 43 -12.56 21.18 -50.92
C GLU E 43 -13.47 20.74 -52.06
N GLU E 44 -14.76 20.60 -51.76
CA GLU E 44 -15.73 20.11 -52.72
C GLU E 44 -15.62 20.81 -54.08
N GLY E 45 -15.60 22.15 -54.05
CA GLY E 45 -15.56 22.95 -55.27
C GLY E 45 -14.31 22.76 -56.14
N LEU E 46 -13.25 22.12 -55.62
CA LEU E 46 -12.01 21.96 -56.37
C LEU E 46 -11.75 20.52 -56.81
N LYS E 47 -12.68 19.58 -56.54
CA LYS E 47 -12.44 18.18 -56.83
C LYS E 47 -12.28 17.90 -58.32
N VAL E 48 -13.08 18.52 -59.19
CA VAL E 48 -12.98 18.28 -60.62
C VAL E 48 -11.64 18.79 -61.13
N GLU E 49 -11.24 19.99 -60.68
CA GLU E 49 -9.96 20.55 -61.07
C GLU E 49 -8.84 19.67 -60.53
N ALA E 50 -8.97 19.19 -59.30
CA ALA E 50 -7.93 18.35 -58.70
C ALA E 50 -7.77 17.07 -59.51
N ARG E 51 -8.89 16.50 -59.95
CA ARG E 51 -8.86 15.29 -60.75
C ARG E 51 -8.13 15.61 -62.06
N ALA E 52 -8.40 16.79 -62.66
CA ALA E 52 -7.72 17.20 -63.88
C ALA E 52 -6.22 17.39 -63.64
N ASN E 53 -5.85 17.96 -62.49
CA ASN E 53 -4.44 18.16 -62.15
C ASN E 53 -3.72 16.82 -62.10
N LEU E 54 -4.37 15.84 -61.46
CA LEU E 54 -3.77 14.53 -61.29
C LEU E 54 -3.61 13.85 -62.65
N ARG E 55 -4.65 13.88 -63.49
CA ARG E 55 -4.54 13.26 -64.81
C ARG E 55 -3.39 13.88 -65.59
N ARG E 56 -3.21 15.20 -65.48
CA ARG E 56 -2.16 15.86 -66.26
C ARG E 56 -0.79 15.50 -65.72
N PHE E 57 -0.67 15.39 -64.38
CA PHE E 57 0.56 14.97 -63.74
C PHE E 57 0.94 13.56 -64.19
N LEU E 58 -0.03 12.63 -64.23
CA LEU E 58 0.24 11.25 -64.64
C LEU E 58 0.66 11.18 -66.11
N VAL E 59 -0.05 11.92 -66.97
CA VAL E 59 0.26 11.95 -68.40
C VAL E 59 1.63 12.58 -68.66
N ASP E 60 1.95 13.66 -67.95
CA ASP E 60 3.22 14.36 -68.13
C ASP E 60 4.38 13.67 -67.42
N THR E 61 4.09 12.74 -66.50
CA THR E 61 5.13 12.08 -65.72
C THR E 61 4.86 10.58 -65.76
N PRO E 62 4.97 9.94 -66.96
CA PRO E 62 4.65 8.52 -67.10
C PRO E 62 5.40 7.51 -66.22
N GLU E 63 6.54 7.92 -65.65
N GLU E 63 6.54 7.92 -65.65
CA GLU E 63 7.33 7.03 -64.83
CA GLU E 63 7.34 7.02 -64.82
C GLU E 63 6.89 7.10 -63.37
C GLU E 63 6.98 7.15 -63.34
N ALA E 64 6.15 8.14 -63.00
CA ALA E 64 5.71 8.31 -61.62
C ALA E 64 4.79 7.15 -61.25
N ARG E 65 4.91 6.69 -60.00
CA ARG E 65 4.11 5.61 -59.45
C ARG E 65 3.52 6.13 -58.14
N VAL E 66 2.19 6.28 -58.10
CA VAL E 66 1.54 6.82 -56.92
C VAL E 66 0.31 6.02 -56.54
N LEU E 67 -0.08 6.23 -55.29
CA LEU E 67 -1.33 5.76 -54.74
C LEU E 67 -2.26 6.96 -54.82
N VAL E 68 -3.56 6.71 -54.89
CA VAL E 68 -4.53 7.79 -54.94
C VAL E 68 -5.59 7.54 -53.87
N ARG E 69 -5.86 8.55 -53.02
CA ARG E 69 -6.95 8.45 -52.08
C ARG E 69 -8.17 9.03 -52.79
N ILE E 70 -9.12 8.15 -53.12
CA ILE E 70 -10.30 8.57 -53.83
C ILE E 70 -11.39 8.96 -52.85
N ASN E 71 -12.46 9.50 -53.40
CA ASN E 71 -13.65 9.86 -52.66
C ASN E 71 -14.45 8.58 -52.43
N ALA E 72 -15.06 8.48 -51.25
CA ALA E 72 -15.82 7.32 -50.85
C ALA E 72 -16.97 7.04 -51.80
N ALA E 73 -17.50 5.82 -51.64
CA ALA E 73 -18.58 5.26 -52.43
C ALA E 73 -19.81 6.15 -52.48
N GLU E 74 -20.14 6.85 -51.39
CA GLU E 74 -21.34 7.66 -51.35
C GLU E 74 -21.13 9.02 -52.02
N HIS E 75 -19.87 9.39 -52.27
CA HIS E 75 -19.60 10.67 -52.91
C HIS E 75 -19.90 10.56 -54.40
N PRO E 76 -20.48 11.61 -55.04
CA PRO E 76 -20.79 11.58 -56.48
C PRO E 76 -19.63 11.41 -57.47
N GLY E 77 -18.39 11.70 -57.04
CA GLY E 77 -17.22 11.61 -57.91
C GLY E 77 -16.50 10.27 -57.80
N HIS E 78 -17.09 9.34 -57.06
CA HIS E 78 -16.48 8.03 -56.83
C HIS E 78 -16.16 7.34 -58.16
N ALA E 79 -17.14 7.33 -59.09
CA ALA E 79 -16.98 6.67 -60.39
C ALA E 79 -15.85 7.32 -61.19
N ASP E 80 -15.86 8.66 -61.27
CA ASP E 80 -14.86 9.43 -61.99
C ASP E 80 -13.47 9.17 -61.40
N ASP E 81 -13.37 9.11 -60.07
CA ASP E 81 -12.11 8.80 -59.41
C ASP E 81 -11.65 7.39 -59.78
N LEU E 82 -12.57 6.41 -59.76
CA LEU E 82 -12.22 5.03 -60.09
C LEU E 82 -11.76 4.91 -61.53
N ALA E 83 -12.41 5.65 -62.43
CA ALA E 83 -12.06 5.62 -63.83
C ALA E 83 -10.65 6.16 -64.02
N LEU E 84 -10.26 7.18 -63.24
CA LEU E 84 -8.92 7.74 -63.33
C LEU E 84 -7.92 6.69 -62.88
N CYS E 85 -8.20 6.03 -61.76
CA CYS E 85 -7.32 4.98 -61.26
C CYS E 85 -7.22 3.84 -62.29
N ARG E 86 -8.33 3.52 -62.96
CA ARG E 86 -8.36 2.41 -63.92
C ARG E 86 -7.53 2.67 -65.17
N ASP E 87 -7.51 3.92 -65.62
CA ASP E 87 -6.94 4.26 -66.91
C ASP E 87 -5.48 4.70 -66.89
N HIS E 88 -4.90 4.99 -65.73
CA HIS E 88 -3.52 5.47 -65.66
C HIS E 88 -2.61 4.43 -65.04
N ALA E 89 -1.63 3.95 -65.82
CA ALA E 89 -0.70 2.92 -65.35
C ALA E 89 0.07 3.38 -64.12
N GLY E 90 0.32 4.68 -64.01
CA GLY E 90 1.07 5.25 -62.89
C GLY E 90 0.36 5.08 -61.53
N VAL E 91 -0.96 4.83 -61.54
CA VAL E 91 -1.70 4.61 -60.30
C VAL E 91 -1.50 3.14 -59.94
N ILE E 92 -0.77 2.87 -58.84
CA ILE E 92 -0.43 1.51 -58.42
C ILE E 92 -1.34 0.99 -57.32
N GLY E 93 -2.31 1.80 -56.89
CA GLY E 93 -3.24 1.39 -55.85
C GLY E 93 -4.07 2.59 -55.42
N LEU E 94 -5.16 2.33 -54.69
CA LEU E 94 -6.02 3.41 -54.26
C LEU E 94 -6.40 3.18 -52.81
N LEU E 95 -6.48 4.29 -52.06
CA LEU E 95 -6.94 4.28 -50.70
C LEU E 95 -8.43 4.54 -50.77
N LEU E 96 -9.21 3.66 -50.12
CA LEU E 96 -10.66 3.75 -50.08
C LEU E 96 -11.07 4.23 -48.70
N PRO E 97 -11.51 5.49 -48.56
CA PRO E 97 -11.92 5.99 -47.25
C PRO E 97 -13.24 5.41 -46.76
N LYS E 98 -13.38 5.44 -45.42
CA LYS E 98 -14.56 4.99 -44.69
C LYS E 98 -15.10 3.71 -45.29
N VAL E 99 -14.26 2.68 -45.38
CA VAL E 99 -14.68 1.40 -45.91
C VAL E 99 -15.63 0.81 -44.87
N GLU E 100 -16.79 0.34 -45.33
N GLU E 100 -16.80 0.31 -45.31
CA GLU E 100 -17.80 -0.20 -44.44
CA GLU E 100 -17.73 -0.25 -44.36
C GLU E 100 -18.29 -1.58 -44.86
C GLU E 100 -18.20 -1.64 -44.79
N SER E 101 -17.81 -2.11 -45.99
CA SER E 101 -18.25 -3.44 -46.39
C SER E 101 -17.30 -4.03 -47.42
N ALA E 102 -17.38 -5.35 -47.57
CA ALA E 102 -16.59 -6.05 -48.57
C ALA E 102 -17.06 -5.62 -49.95
N ALA E 103 -18.37 -5.33 -50.09
CA ALA E 103 -18.98 -4.94 -51.36
C ALA E 103 -18.37 -3.64 -51.89
N GLN E 104 -18.11 -2.68 -51.00
CA GLN E 104 -17.47 -1.44 -51.38
C GLN E 104 -16.05 -1.69 -51.88
N VAL E 105 -15.33 -2.59 -51.21
CA VAL E 105 -13.97 -2.91 -51.61
C VAL E 105 -14.01 -3.55 -52.99
N ARG E 106 -14.89 -4.54 -53.16
CA ARG E 106 -14.98 -5.23 -54.44
C ARG E 106 -15.37 -4.26 -55.57
N HIS E 107 -16.30 -3.36 -55.29
CA HIS E 107 -16.73 -2.39 -56.30
C HIS E 107 -15.53 -1.57 -56.78
N ALA E 108 -14.71 -1.10 -55.83
CA ALA E 108 -13.55 -0.29 -56.12
C ALA E 108 -12.47 -1.07 -56.83
N ALA E 109 -12.22 -2.30 -56.36
CA ALA E 109 -11.21 -3.17 -56.93
C ALA E 109 -11.57 -3.53 -58.37
N VAL E 110 -12.84 -3.88 -58.62
CA VAL E 110 -13.28 -4.28 -59.95
C VAL E 110 -13.28 -3.09 -60.91
N ALA E 111 -13.82 -1.95 -60.48
CA ALA E 111 -13.89 -0.77 -61.34
C ALA E 111 -12.49 -0.27 -61.72
N SER E 112 -11.53 -0.32 -60.80
CA SER E 112 -10.20 0.23 -61.05
C SER E 112 -9.23 -0.79 -61.63
N GLY E 113 -9.39 -2.07 -61.24
CA GLY E 113 -8.45 -3.09 -61.63
C GLY E 113 -7.12 -2.90 -60.91
N LYS E 114 -7.14 -2.17 -59.78
CA LYS E 114 -5.93 -1.88 -59.02
C LYS E 114 -6.09 -2.32 -57.55
N PRO E 115 -4.96 -2.56 -56.83
CA PRO E 115 -4.99 -2.89 -55.41
C PRO E 115 -5.68 -1.82 -54.59
N VAL E 116 -6.41 -2.26 -53.57
CA VAL E 116 -7.15 -1.37 -52.69
C VAL E 116 -6.55 -1.39 -51.30
N TRP E 117 -6.41 -0.21 -50.72
CA TRP E 117 -5.97 -0.04 -49.35
C TRP E 117 -7.17 0.51 -48.58
N PRO E 118 -7.99 -0.35 -47.95
CA PRO E 118 -9.14 0.15 -47.18
C PRO E 118 -8.67 0.98 -45.99
N ILE E 119 -9.33 2.11 -45.76
N ILE E 119 -9.32 2.11 -45.73
CA ILE E 119 -9.06 2.95 -44.60
CA ILE E 119 -8.96 2.91 -44.56
C ILE E 119 -10.18 2.70 -43.61
C ILE E 119 -10.12 2.80 -43.58
N VAL E 120 -9.84 2.19 -42.42
CA VAL E 120 -10.83 1.93 -41.41
C VAL E 120 -10.96 3.19 -40.57
N GLU E 121 -12.13 3.83 -40.61
CA GLU E 121 -12.33 5.07 -39.85
C GLU E 121 -13.76 5.25 -39.35
N SER E 122 -14.48 4.14 -39.18
CA SER E 122 -15.84 4.20 -38.65
C SER E 122 -16.14 2.93 -37.86
N ALA E 123 -17.10 3.00 -36.94
CA ALA E 123 -17.52 1.84 -36.19
C ALA E 123 -17.97 0.75 -37.18
N ARG E 124 -18.69 1.15 -38.23
CA ARG E 124 -19.23 0.17 -39.16
C ARG E 124 -18.11 -0.59 -39.87
N GLY E 125 -17.01 0.12 -40.16
CA GLY E 125 -15.86 -0.51 -40.79
C GLY E 125 -15.21 -1.53 -39.84
N LEU E 126 -15.14 -1.18 -38.56
CA LEU E 126 -14.57 -2.08 -37.57
C LEU E 126 -15.40 -3.35 -37.45
N ALA E 127 -16.73 -3.20 -37.42
CA ALA E 127 -17.61 -4.35 -37.27
C ALA E 127 -17.53 -5.30 -38.47
N ALA E 128 -17.30 -4.76 -39.66
CA ALA E 128 -17.21 -5.57 -40.87
C ALA E 128 -15.77 -5.84 -41.28
N LEU E 129 -14.81 -5.63 -40.39
CA LEU E 129 -13.42 -5.70 -40.81
C LEU E 129 -13.01 -7.11 -41.26
N GLY E 130 -13.63 -8.15 -40.69
CA GLY E 130 -13.31 -9.51 -41.13
C GLY E 130 -13.59 -9.68 -42.62
N GLU E 131 -14.78 -9.25 -43.06
CA GLU E 131 -15.13 -9.44 -44.47
C GLU E 131 -14.33 -8.48 -45.35
N ILE E 132 -14.09 -7.25 -44.86
CA ILE E 132 -13.32 -6.23 -45.58
C ILE E 132 -11.91 -6.72 -45.86
N ALA E 133 -11.25 -7.22 -44.82
CA ALA E 133 -9.86 -7.66 -44.91
C ALA E 133 -9.73 -8.85 -45.86
N ALA E 134 -10.76 -9.69 -45.91
CA ALA E 134 -10.72 -10.90 -46.72
C ALA E 134 -11.15 -10.68 -48.16
N ALA E 135 -11.54 -9.45 -48.54
CA ALA E 135 -12.03 -9.21 -49.90
C ALA E 135 -10.91 -9.27 -50.92
N ALA E 136 -11.26 -9.73 -52.13
CA ALA E 136 -10.32 -9.76 -53.23
C ALA E 136 -9.87 -8.34 -53.57
N GLY E 137 -8.55 -8.18 -53.75
CA GLY E 137 -7.97 -6.93 -54.17
C GLY E 137 -7.38 -6.11 -53.03
N VAL E 138 -7.54 -6.55 -51.79
CA VAL E 138 -7.01 -5.82 -50.64
C VAL E 138 -5.51 -6.05 -50.50
N GLU E 139 -4.72 -4.95 -50.44
CA GLU E 139 -3.30 -5.10 -50.28
C GLU E 139 -2.93 -5.09 -48.80
N ARG E 140 -3.45 -4.09 -48.09
CA ARG E 140 -3.17 -3.90 -46.68
C ARG E 140 -4.20 -2.92 -46.12
N LEU E 141 -4.26 -2.84 -44.79
CA LEU E 141 -5.19 -1.96 -44.11
C LEU E 141 -4.46 -0.75 -43.55
N SER E 142 -5.20 0.37 -43.40
N SER E 142 -5.20 0.36 -43.40
CA SER E 142 -4.67 1.56 -42.77
CA SER E 142 -4.69 1.58 -42.81
C SER E 142 -5.75 2.07 -41.82
C SER E 142 -5.76 2.09 -41.84
N PHE E 143 -5.34 2.90 -40.86
CA PHE E 143 -6.25 3.39 -39.84
C PHE E 143 -6.48 4.89 -39.95
N GLY E 144 -7.75 5.31 -39.97
CA GLY E 144 -8.08 6.72 -39.94
C GLY E 144 -8.46 7.08 -38.50
N SER E 145 -7.44 7.33 -37.67
CA SER E 145 -7.60 7.58 -36.24
C SER E 145 -8.42 8.85 -35.92
N LEU E 146 -8.18 9.96 -36.60
N LEU E 146 -8.17 9.93 -36.64
CA LEU E 146 -8.94 11.17 -36.29
CA LEU E 146 -8.88 11.17 -36.41
C LEU E 146 -10.40 10.98 -36.69
C LEU E 146 -10.37 11.00 -36.70
N ASP E 147 -10.65 10.37 -37.85
CA ASP E 147 -12.03 10.17 -38.30
C ASP E 147 -12.77 9.17 -37.42
N LEU E 148 -12.07 8.11 -36.99
CA LEU E 148 -12.69 7.15 -36.09
C LEU E 148 -13.04 7.84 -34.78
N ALA E 149 -12.16 8.73 -34.30
CA ALA E 149 -12.42 9.43 -33.05
C ALA E 149 -13.68 10.30 -33.19
N LEU E 150 -13.87 10.93 -34.35
CA LEU E 150 -15.05 11.75 -34.59
C LEU E 150 -16.29 10.85 -34.64
N ASP E 151 -16.18 9.68 -35.30
CA ASP E 151 -17.33 8.81 -35.44
C ASP E 151 -17.82 8.28 -34.08
N LEU E 152 -16.87 8.12 -33.14
CA LEU E 152 -17.18 7.56 -31.83
C LEU E 152 -17.26 8.63 -30.74
N ASP E 153 -17.22 9.92 -31.12
CA ASP E 153 -17.29 11.04 -30.21
C ASP E 153 -16.20 10.98 -29.14
N LEU E 154 -14.98 10.65 -29.55
CA LEU E 154 -13.85 10.56 -28.62
C LEU E 154 -13.17 11.92 -28.49
N ASN E 155 -12.47 12.12 -27.35
CA ASN E 155 -11.65 13.30 -27.14
C ASN E 155 -10.24 12.97 -27.64
N SER E 156 -9.94 13.25 -28.91
CA SER E 156 -8.65 12.87 -29.50
C SER E 156 -7.48 13.36 -28.66
N GLY E 157 -6.54 12.44 -28.41
CA GLY E 157 -5.33 12.74 -27.65
C GLY E 157 -5.42 12.32 -26.19
N SER E 158 -6.64 12.05 -25.70
CA SER E 158 -6.81 11.69 -24.31
C SER E 158 -6.44 10.23 -24.09
N ASN E 159 -6.12 9.90 -22.84
CA ASN E 159 -5.79 8.53 -22.48
C ASN E 159 -6.98 7.61 -22.80
N ALA E 160 -8.20 8.05 -22.48
CA ALA E 160 -9.38 7.23 -22.72
C ALA E 160 -9.56 7.01 -24.22
N ALA E 161 -9.32 8.05 -25.03
CA ALA E 161 -9.48 7.92 -26.47
C ALA E 161 -8.46 6.95 -27.06
N GLU E 162 -7.21 7.00 -26.58
CA GLU E 162 -6.17 6.11 -27.07
C GLU E 162 -6.47 4.68 -26.64
N GLN E 163 -7.14 4.51 -25.50
CA GLN E 163 -7.52 3.18 -25.06
C GLN E 163 -8.49 2.62 -26.09
N ILE E 164 -9.48 3.42 -26.49
CA ILE E 164 -10.46 2.99 -27.47
C ILE E 164 -9.76 2.74 -28.80
N LEU E 165 -8.88 3.65 -29.22
CA LEU E 165 -8.21 3.48 -30.51
C LEU E 165 -7.37 2.20 -30.50
N GLY E 166 -6.87 1.81 -29.31
CA GLY E 166 -6.09 0.58 -29.17
C GLY E 166 -6.88 -0.66 -29.56
N HIS E 167 -8.16 -0.69 -29.17
CA HIS E 167 -9.05 -1.79 -29.53
C HIS E 167 -9.21 -1.85 -31.04
N ALA E 168 -9.34 -0.69 -31.67
CA ALA E 168 -9.49 -0.60 -33.11
C ALA E 168 -8.22 -1.07 -33.82
N ARG E 169 -7.05 -0.69 -33.28
CA ARG E 169 -5.77 -1.09 -33.83
C ARG E 169 -5.62 -2.61 -33.78
N TYR E 170 -6.03 -3.22 -32.67
CA TYR E 170 -5.97 -4.66 -32.54
C TYR E 170 -6.74 -5.33 -33.67
N ALA E 171 -7.90 -4.78 -34.03
CA ALA E 171 -8.72 -5.38 -35.09
C ALA E 171 -7.96 -5.39 -36.41
N LEU E 172 -7.29 -4.28 -36.74
CA LEU E 172 -6.52 -4.20 -37.97
C LEU E 172 -5.39 -5.23 -37.96
N LEU E 173 -4.69 -5.34 -36.82
CA LEU E 173 -3.57 -6.26 -36.71
C LEU E 173 -4.01 -7.73 -36.77
N LEU E 174 -5.12 -8.06 -36.10
CA LEU E 174 -5.63 -9.42 -36.07
C LEU E 174 -6.09 -9.82 -37.48
N GLN E 175 -6.91 -8.95 -38.09
CA GLN E 175 -7.42 -9.23 -39.44
C GLN E 175 -6.31 -9.28 -40.48
N THR E 176 -5.27 -8.43 -40.34
CA THR E 176 -4.12 -8.52 -41.24
C THR E 176 -3.58 -9.96 -41.26
N ARG E 177 -3.34 -10.50 -40.06
CA ARG E 177 -2.78 -11.83 -39.91
C ARG E 177 -3.72 -12.91 -40.45
N LEU E 178 -5.01 -12.81 -40.09
CA LEU E 178 -5.97 -13.81 -40.54
C LEU E 178 -6.14 -13.83 -42.06
N ALA E 179 -6.14 -12.63 -42.69
CA ALA E 179 -6.37 -12.53 -44.11
C ALA E 179 -5.08 -12.61 -44.93
N GLY E 180 -3.94 -12.71 -44.23
CA GLY E 180 -2.63 -12.82 -44.86
C GLY E 180 -2.28 -11.57 -45.67
N LEU E 181 -2.60 -10.40 -45.15
CA LEU E 181 -2.34 -9.16 -45.87
C LEU E 181 -0.92 -8.70 -45.59
N ALA E 182 -0.51 -7.68 -46.35
CA ALA E 182 0.79 -7.07 -46.18
C ALA E 182 0.72 -6.19 -44.93
N PRO E 183 1.86 -5.79 -44.33
CA PRO E 183 1.85 -5.01 -43.11
C PRO E 183 1.05 -3.72 -43.17
N PRO E 184 0.17 -3.49 -42.17
CA PRO E 184 -0.69 -2.30 -42.16
C PRO E 184 0.02 -1.03 -41.76
N LEU E 185 -0.66 0.09 -42.01
N LEU E 185 -0.61 0.11 -42.04
CA LEU E 185 -0.17 1.41 -41.67
CA LEU E 185 -0.07 1.41 -41.66
C LEU E 185 -0.98 2.00 -40.51
C LEU E 185 -0.94 2.04 -40.56
N ASP E 186 -0.26 2.60 -39.56
CA ASP E 186 -0.91 3.26 -38.45
C ASP E 186 -1.35 4.64 -38.97
N GLY E 187 -2.19 5.31 -38.18
CA GLY E 187 -2.75 6.59 -38.58
C GLY E 187 -1.75 7.73 -38.56
N VAL E 188 -2.12 8.80 -39.26
CA VAL E 188 -1.32 10.00 -39.33
C VAL E 188 -1.12 10.55 -37.92
N TYR E 189 0.12 10.95 -37.65
CA TYR E 189 0.45 11.66 -36.43
C TYR E 189 0.41 13.12 -36.86
N PRO E 190 -0.62 13.90 -36.47
CA PRO E 190 -0.78 15.26 -37.00
C PRO E 190 0.08 16.41 -36.48
N ALA E 191 0.68 16.27 -35.28
CA ALA E 191 1.51 17.35 -34.74
C ALA E 191 2.87 17.31 -35.43
N ILE E 192 2.96 18.03 -36.56
CA ILE E 192 4.16 18.04 -37.37
C ILE E 192 5.38 18.55 -36.60
N GLN E 193 5.18 19.47 -35.66
CA GLN E 193 6.31 20.05 -34.95
C GLN E 193 6.80 19.21 -33.77
N ASN E 194 6.03 18.18 -33.40
CA ASN E 194 6.37 17.37 -32.24
C ASN E 194 7.07 16.09 -32.70
N ARG E 195 8.39 16.20 -32.93
CA ARG E 195 9.18 15.09 -33.42
C ARG E 195 9.24 13.98 -32.36
N ALA E 196 9.26 14.37 -31.08
CA ALA E 196 9.32 13.43 -29.99
C ALA E 196 8.04 12.58 -29.97
N GLY E 197 6.89 13.26 -30.13
CA GLY E 197 5.59 12.62 -30.13
C GLY E 197 5.44 11.66 -31.32
N LEU E 198 6.05 12.03 -32.47
CA LEU E 198 6.00 11.20 -33.66
C LEU E 198 6.81 9.93 -33.38
N VAL E 199 8.04 10.11 -32.91
CA VAL E 199 8.93 9.01 -32.58
C VAL E 199 8.21 8.04 -31.64
N GLU E 200 7.58 8.54 -30.57
CA GLU E 200 6.86 7.67 -29.64
C GLU E 200 5.72 6.92 -30.34
N ALA E 201 5.04 7.57 -31.29
CA ALA E 201 3.92 6.96 -32.00
C ALA E 201 4.43 5.85 -32.91
N VAL E 202 5.56 6.09 -33.56
CA VAL E 202 6.12 5.13 -34.48
C VAL E 202 6.58 3.89 -33.71
N ARG E 203 7.24 4.11 -32.56
CA ARG E 203 7.73 2.99 -31.76
C ARG E 203 6.58 2.12 -31.29
N PHE E 204 5.51 2.77 -30.82
CA PHE E 204 4.36 2.05 -30.30
C PHE E 204 3.77 1.22 -31.44
N ALA E 205 3.58 1.84 -32.62
CA ALA E 205 3.02 1.13 -33.77
C ALA E 205 3.89 -0.06 -34.18
N ARG E 206 5.20 0.20 -34.29
CA ARG E 206 6.18 -0.81 -34.66
C ARG E 206 6.09 -2.02 -33.72
N ASP E 207 6.03 -1.72 -32.42
CA ASP E 207 6.01 -2.75 -31.39
C ASP E 207 4.77 -3.61 -31.42
N MET E 208 3.66 -3.11 -31.99
CA MET E 208 2.45 -3.92 -32.04
C MET E 208 2.25 -4.57 -33.42
N GLY E 209 3.21 -4.43 -34.34
CA GLY E 209 3.12 -5.16 -35.61
C GLY E 209 2.84 -4.30 -36.84
N PHE E 210 2.66 -2.99 -36.69
CA PHE E 210 2.43 -2.15 -37.85
C PHE E 210 3.72 -2.05 -38.64
N GLY E 211 3.59 -1.97 -39.98
CA GLY E 211 4.74 -1.87 -40.85
C GLY E 211 5.23 -0.43 -40.99
N GLY E 212 4.32 0.53 -40.85
CA GLY E 212 4.69 1.94 -40.97
C GLY E 212 3.53 2.87 -40.62
N LEU E 213 3.70 4.16 -40.96
CA LEU E 213 2.69 5.19 -40.72
C LEU E 213 2.34 5.96 -41.99
N LEU E 214 1.07 6.38 -42.02
CA LEU E 214 0.59 7.36 -42.97
C LEU E 214 1.22 8.65 -42.47
N CYS E 215 1.58 9.58 -43.36
CA CYS E 215 2.18 10.84 -42.92
C CYS E 215 1.68 11.97 -43.82
N ILE E 216 1.85 13.21 -43.34
CA ILE E 216 1.31 14.37 -44.04
C ILE E 216 2.35 15.44 -44.30
N HIS E 217 3.60 15.21 -43.91
CA HIS E 217 4.64 16.19 -44.20
C HIS E 217 5.95 15.45 -44.45
N PRO E 218 6.70 15.82 -45.51
CA PRO E 218 7.97 15.14 -45.81
C PRO E 218 8.98 15.14 -44.68
N SER E 219 8.84 16.08 -43.72
CA SER E 219 9.74 16.15 -42.58
C SER E 219 9.49 14.98 -41.62
N GLN E 220 8.34 14.29 -41.76
CA GLN E 220 8.01 13.16 -40.91
C GLN E 220 8.65 11.86 -41.40
N VAL E 221 9.07 11.82 -42.67
CA VAL E 221 9.60 10.60 -43.25
C VAL E 221 10.88 10.15 -42.55
N GLU E 222 11.88 11.03 -42.45
CA GLU E 222 13.16 10.68 -41.84
C GLU E 222 12.95 10.12 -40.43
N PRO E 223 12.20 10.81 -39.52
CA PRO E 223 11.96 10.31 -38.16
C PRO E 223 11.27 8.94 -38.10
N ILE E 224 10.35 8.69 -39.03
CA ILE E 224 9.65 7.42 -39.11
C ILE E 224 10.65 6.31 -39.48
N HIS E 225 11.38 6.52 -40.59
CA HIS E 225 12.35 5.56 -41.07
C HIS E 225 13.42 5.26 -40.04
N GLN E 226 13.86 6.28 -39.29
CA GLN E 226 14.90 6.09 -38.29
C GLN E 226 14.41 5.25 -37.12
N THR E 227 13.16 5.50 -36.70
CA THR E 227 12.60 4.79 -35.56
C THR E 227 12.32 3.33 -35.92
N LEU E 228 11.96 3.05 -37.18
CA LEU E 228 11.64 1.70 -37.62
C LEU E 228 12.91 0.88 -37.88
N MET E 229 14.05 1.57 -38.03
CA MET E 229 15.32 0.91 -38.35
C MET E 229 15.70 -0.11 -37.27
N PRO E 230 15.89 -1.40 -37.63
CA PRO E 230 16.29 -2.41 -36.64
C PRO E 230 17.65 -2.11 -36.03
N SER E 231 17.89 -2.72 -34.86
CA SER E 231 19.14 -2.54 -34.13
C SER E 231 20.34 -2.87 -35.02
N PRO E 232 21.51 -2.22 -34.82
CA PRO E 232 22.70 -2.49 -35.64
C PRO E 232 23.10 -3.97 -35.70
N ALA E 233 22.89 -4.69 -34.59
CA ALA E 233 23.26 -6.09 -34.50
C ALA E 233 22.10 -6.99 -34.94
N GLU E 234 20.89 -6.44 -35.00
CA GLU E 234 19.71 -7.19 -35.39
C GLU E 234 19.68 -7.38 -36.90
N LEU E 235 20.39 -6.50 -37.63
CA LEU E 235 20.43 -6.56 -39.09
C LEU E 235 21.44 -7.60 -39.58
N GLU E 236 22.50 -7.86 -38.79
CA GLU E 236 23.52 -8.83 -39.16
C GLU E 236 22.90 -10.22 -39.21
N TRP E 237 22.03 -10.53 -38.24
CA TRP E 237 21.34 -11.80 -38.16
C TRP E 237 20.34 -11.96 -39.30
N ALA E 238 19.65 -10.86 -39.63
CA ALA E 238 18.63 -10.84 -40.68
C ALA E 238 19.19 -11.22 -42.05
N ARG E 239 20.42 -10.77 -42.34
CA ARG E 239 21.05 -11.04 -43.62
C ARG E 239 21.39 -12.52 -43.77
N ARG E 240 21.87 -13.14 -42.68
CA ARG E 240 22.27 -14.54 -42.69
C ARG E 240 21.14 -15.47 -43.10
N VAL E 241 19.92 -15.22 -42.58
CA VAL E 241 18.77 -16.06 -42.89
C VAL E 241 18.35 -15.87 -44.35
N ALA E 242 18.57 -14.65 -44.88
CA ALA E 242 18.21 -14.33 -46.26
C ALA E 242 19.42 -14.43 -47.18
N GLU E 243 20.63 -14.51 -46.61
CA GLU E 243 21.86 -14.63 -47.37
C GLU E 243 22.05 -16.07 -47.84
N ALA E 244 21.72 -17.02 -46.95
CA ALA E 244 21.87 -18.44 -47.25
C ALA E 244 20.53 -19.00 -47.78
N VAL E 263 10.61 -18.24 -39.94
CA VAL E 263 11.90 -17.53 -39.67
C VAL E 263 12.28 -16.68 -40.90
N LEU E 264 12.09 -17.25 -42.10
CA LEU E 264 12.40 -16.57 -43.35
C LEU E 264 11.61 -15.27 -43.46
N GLY E 265 10.32 -15.33 -43.11
CA GLY E 265 9.42 -14.18 -43.19
C GLY E 265 9.68 -13.14 -42.09
N ARG E 266 10.08 -13.63 -40.91
CA ARG E 266 10.36 -12.79 -39.76
C ARG E 266 11.72 -12.11 -39.94
N ALA E 267 12.62 -12.75 -40.70
CA ALA E 267 13.93 -12.19 -40.99
C ALA E 267 13.82 -11.20 -42.15
N ARG E 268 13.06 -11.60 -43.18
CA ARG E 268 12.81 -10.80 -44.36
C ARG E 268 12.16 -9.47 -43.97
N ARG E 269 11.36 -9.50 -42.91
CA ARG E 269 10.65 -8.32 -42.43
C ARG E 269 11.63 -7.29 -41.88
N LEU E 270 12.72 -7.75 -41.26
CA LEU E 270 13.72 -6.86 -40.68
C LEU E 270 14.40 -6.04 -41.78
N LEU E 271 14.78 -6.72 -42.88
CA LEU E 271 15.44 -6.06 -44.00
C LEU E 271 14.51 -5.04 -44.65
N GLU E 272 13.19 -5.31 -44.63
CA GLU E 272 12.21 -4.40 -45.22
C GLU E 272 12.06 -3.17 -44.33
N ARG E 273 12.23 -3.36 -43.01
CA ARG E 273 12.15 -2.26 -42.06
C ARG E 273 13.41 -1.39 -42.19
N ALA E 274 14.49 -1.99 -42.70
CA ALA E 274 15.75 -1.30 -42.89
C ALA E 274 15.73 -0.51 -44.20
N GLY E 275 15.23 -1.14 -45.28
CA GLY E 275 15.15 -0.49 -46.58
C GLY E 275 15.61 -1.38 -47.73
N GLU E 276 16.19 -2.55 -47.42
CA GLU E 276 16.66 -3.47 -48.45
C GLU E 276 15.43 -4.18 -49.08
N ASN F 5 -10.75 -31.05 -11.12
CA ASN F 5 -10.73 -30.63 -12.55
C ASN F 5 -11.54 -29.35 -12.79
N ARG F 6 -12.38 -28.95 -11.83
CA ARG F 6 -13.08 -27.67 -11.98
C ARG F 6 -12.53 -26.66 -10.99
N GLN F 7 -11.44 -27.01 -10.29
CA GLN F 7 -10.84 -26.10 -9.35
C GLN F 7 -9.75 -25.29 -10.01
N ILE F 8 -9.28 -24.28 -9.28
CA ILE F 8 -8.16 -23.46 -9.67
C ILE F 8 -6.90 -24.32 -9.67
N VAL F 9 -6.08 -24.10 -10.69
CA VAL F 9 -4.75 -24.64 -10.80
C VAL F 9 -3.83 -23.42 -10.75
N ARG F 10 -3.20 -23.20 -9.60
CA ARG F 10 -2.34 -22.04 -9.44
C ARG F 10 -1.08 -22.13 -10.28
N SER F 11 -0.58 -23.35 -10.45
CA SER F 11 0.68 -23.58 -11.10
C SER F 11 0.65 -24.91 -11.84
N ALA F 12 1.15 -24.91 -13.07
CA ALA F 12 1.26 -26.12 -13.88
C ALA F 12 2.69 -26.13 -14.42
N LEU F 13 3.50 -27.01 -13.83
CA LEU F 13 4.93 -27.04 -14.03
C LEU F 13 5.35 -28.03 -15.11
N PHE F 14 6.04 -27.50 -16.12
CA PHE F 14 6.54 -28.32 -17.20
C PHE F 14 7.84 -29.03 -16.81
N VAL F 15 7.97 -30.27 -17.28
N VAL F 15 7.95 -30.27 -17.30
CA VAL F 15 9.17 -31.07 -17.10
CA VAL F 15 9.11 -31.12 -17.11
C VAL F 15 9.35 -31.85 -18.41
C VAL F 15 9.33 -31.85 -18.43
N PRO F 16 10.52 -31.77 -19.06
CA PRO F 16 10.74 -32.50 -20.32
C PRO F 16 10.79 -34.02 -20.07
N ALA F 17 10.22 -34.78 -21.00
CA ALA F 17 10.17 -36.23 -20.90
C ALA F 17 11.57 -36.83 -21.07
N THR F 18 12.54 -36.02 -21.50
CA THR F 18 13.92 -36.47 -21.61
C THR F 18 14.57 -36.52 -20.22
N ARG F 19 13.90 -35.98 -19.21
CA ARG F 19 14.47 -35.96 -17.87
C ARG F 19 13.48 -36.59 -16.90
N PRO F 20 13.22 -37.91 -17.04
CA PRO F 20 12.24 -38.59 -16.20
C PRO F 20 12.56 -38.47 -14.71
N GLU F 21 13.86 -38.39 -14.37
CA GLU F 21 14.28 -38.28 -12.98
C GLU F 21 13.80 -36.97 -12.34
N ARG F 22 13.44 -35.97 -13.15
CA ARG F 22 12.96 -34.70 -12.63
C ARG F 22 11.43 -34.69 -12.41
N ILE F 23 10.71 -35.70 -12.88
CA ILE F 23 9.26 -35.71 -12.71
C ILE F 23 8.92 -35.81 -11.22
N PRO F 24 9.56 -36.72 -10.45
CA PRO F 24 9.29 -36.81 -9.01
C PRO F 24 9.60 -35.50 -8.26
N LYS F 25 10.63 -34.77 -8.69
CA LYS F 25 11.00 -33.50 -8.08
C LYS F 25 9.94 -32.46 -8.39
N ALA F 26 9.42 -32.49 -9.61
CA ALA F 26 8.37 -31.56 -9.98
C ALA F 26 7.12 -31.86 -9.15
N LEU F 27 6.83 -33.16 -8.97
CA LEU F 27 5.68 -33.59 -8.19
C LEU F 27 5.84 -33.22 -6.71
N ALA F 28 7.08 -33.14 -6.20
CA ALA F 28 7.32 -32.75 -4.80
C ALA F 28 7.48 -31.25 -4.62
N SER F 29 7.47 -30.47 -5.72
CA SER F 29 7.67 -29.02 -5.63
C SER F 29 6.45 -28.31 -5.05
N GLY F 30 5.29 -28.96 -5.03
CA GLY F 30 4.08 -28.28 -4.52
C GLY F 30 3.20 -27.76 -5.66
N ALA F 31 3.70 -27.85 -6.90
CA ALA F 31 2.94 -27.41 -8.07
C ALA F 31 1.59 -28.12 -8.08
N ASP F 32 0.52 -27.38 -8.42
CA ASP F 32 -0.82 -27.96 -8.45
C ASP F 32 -0.91 -29.04 -9.53
N ARG F 33 -0.18 -28.83 -10.63
CA ARG F 33 -0.14 -29.82 -11.68
C ARG F 33 1.27 -29.88 -12.26
N VAL F 34 1.62 -31.06 -12.74
CA VAL F 34 2.88 -31.30 -13.41
C VAL F 34 2.55 -31.74 -14.84
N ILE F 35 3.19 -31.08 -15.80
CA ILE F 35 3.01 -31.37 -17.22
C ILE F 35 4.31 -31.96 -17.79
N VAL F 36 4.25 -33.21 -18.21
CA VAL F 36 5.40 -33.82 -18.85
C VAL F 36 5.33 -33.45 -20.32
N ASP F 37 6.41 -32.85 -20.84
CA ASP F 37 6.40 -32.33 -22.19
C ASP F 37 7.08 -33.28 -23.19
N LEU F 38 6.33 -33.63 -24.26
CA LEU F 38 6.85 -34.42 -25.37
C LEU F 38 7.08 -33.49 -26.57
N GLU F 39 6.68 -32.23 -26.44
CA GLU F 39 6.74 -31.27 -27.53
C GLU F 39 8.03 -30.44 -27.53
N ASP F 40 7.90 -29.09 -27.44
CA ASP F 40 9.01 -28.17 -27.65
C ASP F 40 10.24 -28.40 -26.77
N ALA F 41 10.09 -28.90 -25.56
CA ALA F 41 11.28 -29.09 -24.73
C ALA F 41 12.06 -30.33 -25.14
N VAL F 42 11.55 -31.11 -26.11
CA VAL F 42 12.24 -32.33 -26.51
C VAL F 42 12.64 -32.25 -27.99
N GLU F 43 13.96 -32.27 -28.25
CA GLU F 43 14.47 -32.18 -29.62
C GLU F 43 13.93 -33.36 -30.43
N GLU F 44 13.74 -33.12 -31.73
CA GLU F 44 13.13 -34.08 -32.64
C GLU F 44 13.71 -35.48 -32.49
N GLY F 45 15.05 -35.59 -32.53
CA GLY F 45 15.72 -36.88 -32.45
C GLY F 45 15.54 -37.65 -31.14
N LEU F 46 15.03 -37.00 -30.08
CA LEU F 46 14.86 -37.65 -28.79
C LEU F 46 13.39 -37.89 -28.42
N LYS F 47 12.43 -37.47 -29.25
CA LYS F 47 11.03 -37.60 -28.90
C LYS F 47 10.61 -39.06 -28.71
N VAL F 48 11.16 -39.97 -29.51
CA VAL F 48 10.79 -41.37 -29.38
C VAL F 48 11.27 -41.94 -28.06
N GLU F 49 12.53 -41.67 -27.71
CA GLU F 49 13.08 -42.14 -26.46
C GLU F 49 12.34 -41.48 -25.28
N ALA F 50 11.97 -40.21 -25.45
CA ALA F 50 11.30 -39.46 -24.39
C ALA F 50 9.93 -40.07 -24.10
N ARG F 51 9.22 -40.47 -25.14
CA ARG F 51 7.92 -41.08 -24.95
C ARG F 51 8.09 -42.40 -24.18
N ALA F 52 9.13 -43.20 -24.49
CA ALA F 52 9.37 -44.45 -23.77
C ALA F 52 9.69 -44.17 -22.30
N ASN F 53 10.44 -43.07 -22.02
CA ASN F 53 10.78 -42.66 -20.68
C ASN F 53 9.52 -42.36 -19.86
N LEU F 54 8.56 -41.68 -20.49
CA LEU F 54 7.32 -41.31 -19.82
C LEU F 54 6.50 -42.57 -19.53
N ARG F 55 6.43 -43.50 -20.49
CA ARG F 55 5.68 -44.73 -20.22
C ARG F 55 6.30 -45.50 -19.05
N ARG F 56 7.63 -45.62 -19.05
CA ARG F 56 8.33 -46.35 -18.01
C ARG F 56 8.03 -45.70 -16.66
N PHE F 57 8.00 -44.37 -16.64
CA PHE F 57 7.72 -43.63 -15.42
C PHE F 57 6.30 -43.89 -14.92
N LEU F 58 5.32 -43.89 -15.84
CA LEU F 58 3.93 -44.11 -15.47
C LEU F 58 3.71 -45.53 -14.95
N VAL F 59 4.34 -46.51 -15.60
CA VAL F 59 4.23 -47.90 -15.20
C VAL F 59 4.89 -48.11 -13.83
N ASP F 60 6.04 -47.48 -13.61
CA ASP F 60 6.79 -47.63 -12.37
C ASP F 60 6.24 -46.79 -11.23
N THR F 61 5.41 -45.78 -11.53
CA THR F 61 4.90 -44.87 -10.51
C THR F 61 3.39 -44.74 -10.66
N PRO F 62 2.60 -45.78 -10.31
CA PRO F 62 1.14 -45.74 -10.47
C PRO F 62 0.39 -44.68 -9.69
N GLU F 63 1.02 -44.07 -8.68
CA GLU F 63 0.33 -43.04 -7.92
C GLU F 63 0.52 -41.67 -8.58
N ALA F 64 1.48 -41.55 -9.52
CA ALA F 64 1.72 -40.27 -10.15
C ALA F 64 0.54 -39.83 -11.02
N ARG F 65 0.19 -38.54 -10.92
CA ARG F 65 -0.86 -37.94 -11.71
C ARG F 65 -0.22 -36.77 -12.44
N VAL F 66 -0.24 -36.81 -13.78
CA VAL F 66 0.39 -35.77 -14.55
C VAL F 66 -0.44 -35.43 -15.80
N LEU F 67 -0.15 -34.22 -16.31
CA LEU F 67 -0.66 -33.77 -17.59
C LEU F 67 0.46 -34.06 -18.58
N VAL F 68 0.12 -34.19 -19.86
CA VAL F 68 1.11 -34.40 -20.89
C VAL F 68 0.89 -33.38 -22.02
N ARG F 69 1.96 -32.69 -22.42
CA ARG F 69 1.87 -31.80 -23.57
C ARG F 69 2.33 -32.63 -24.76
N ILE F 70 1.39 -32.89 -25.69
CA ILE F 70 1.69 -33.75 -26.82
C ILE F 70 2.11 -32.93 -28.03
N ASN F 71 2.66 -33.63 -29.02
CA ASN F 71 2.99 -33.03 -30.30
C ASN F 71 1.70 -32.76 -31.04
N ALA F 72 1.71 -31.79 -31.96
CA ALA F 72 0.55 -31.41 -32.75
C ALA F 72 0.21 -32.49 -33.80
N ALA F 73 -1.01 -32.36 -34.36
CA ALA F 73 -1.57 -33.34 -35.29
C ALA F 73 -0.67 -33.66 -36.48
N GLU F 74 0.18 -32.71 -36.90
CA GLU F 74 1.02 -32.92 -38.08
C GLU F 74 2.23 -33.80 -37.79
N HIS F 75 2.62 -33.88 -36.51
CA HIS F 75 3.83 -34.60 -36.12
C HIS F 75 3.64 -36.10 -36.28
N PRO F 76 4.65 -36.87 -36.75
CA PRO F 76 4.53 -38.32 -36.90
C PRO F 76 4.26 -39.09 -35.60
N GLY F 77 4.49 -38.46 -34.44
CA GLY F 77 4.29 -39.12 -33.17
C GLY F 77 2.97 -38.74 -32.48
N HIS F 78 2.15 -37.91 -33.15
CA HIS F 78 0.91 -37.46 -32.56
C HIS F 78 0.05 -38.65 -32.10
N ALA F 79 -0.13 -39.65 -32.97
CA ALA F 79 -0.95 -40.81 -32.62
C ALA F 79 -0.37 -41.58 -31.44
N ASP F 80 0.96 -41.79 -31.44
CA ASP F 80 1.63 -42.47 -30.33
C ASP F 80 1.44 -41.66 -29.04
N ASP F 81 1.53 -40.34 -29.10
CA ASP F 81 1.34 -39.50 -27.92
C ASP F 81 -0.08 -39.67 -27.38
N LEU F 82 -1.08 -39.68 -28.28
CA LEU F 82 -2.47 -39.83 -27.88
C LEU F 82 -2.69 -41.18 -27.20
N ALA F 83 -2.11 -42.24 -27.77
CA ALA F 83 -2.24 -43.58 -27.25
C ALA F 83 -1.67 -43.66 -25.84
N LEU F 84 -0.52 -42.99 -25.60
CA LEU F 84 0.09 -43.01 -24.28
C LEU F 84 -0.86 -42.35 -23.27
N CYS F 85 -1.48 -41.25 -23.67
CA CYS F 85 -2.43 -40.56 -22.81
C CYS F 85 -3.64 -41.46 -22.53
N ARG F 86 -4.07 -42.19 -23.55
CA ARG F 86 -5.25 -43.04 -23.43
C ARG F 86 -5.03 -44.23 -22.50
N ASP F 87 -3.84 -44.84 -22.54
CA ASP F 87 -3.62 -46.11 -21.89
C ASP F 87 -3.03 -46.03 -20.49
N HIS F 88 -2.76 -44.85 -19.93
CA HIS F 88 -2.18 -44.77 -18.60
C HIS F 88 -3.10 -43.94 -17.71
N ALA F 89 -3.63 -44.54 -16.64
CA ALA F 89 -4.54 -43.83 -15.74
C ALA F 89 -3.86 -42.63 -15.10
N GLY F 90 -2.52 -42.67 -14.97
CA GLY F 90 -1.77 -41.57 -14.38
C GLY F 90 -1.89 -40.25 -15.17
N VAL F 91 -2.20 -40.34 -16.46
CA VAL F 91 -2.38 -39.16 -17.29
C VAL F 91 -3.81 -38.64 -17.08
N ILE F 92 -3.95 -37.49 -16.43
CA ILE F 92 -5.26 -36.92 -16.11
C ILE F 92 -5.68 -35.82 -17.09
N GLY F 93 -4.86 -35.57 -18.13
CA GLY F 93 -5.21 -34.58 -19.12
C GLY F 93 -4.05 -34.31 -20.06
N LEU F 94 -4.33 -33.63 -21.18
CA LEU F 94 -3.28 -33.31 -22.11
C LEU F 94 -3.40 -31.87 -22.59
N LEU F 95 -2.22 -31.27 -22.82
CA LEU F 95 -2.13 -29.96 -23.41
C LEU F 95 -1.95 -30.15 -24.91
N LEU F 96 -2.82 -29.48 -25.67
CA LEU F 96 -2.81 -29.57 -27.12
C LEU F 96 -2.22 -28.27 -27.65
N PRO F 97 -1.05 -28.32 -28.30
CA PRO F 97 -0.46 -27.08 -28.82
C PRO F 97 -1.20 -26.49 -30.02
N LYS F 98 -1.04 -25.17 -30.14
CA LYS F 98 -1.54 -24.35 -31.25
C LYS F 98 -2.92 -24.81 -31.72
N VAL F 99 -3.91 -24.73 -30.82
CA VAL F 99 -5.25 -25.15 -31.16
C VAL F 99 -5.88 -24.08 -32.04
N GLU F 100 -6.42 -24.52 -33.19
CA GLU F 100 -6.99 -23.59 -34.15
C GLU F 100 -8.43 -23.91 -34.53
N SER F 101 -8.98 -25.03 -34.05
CA SER F 101 -10.36 -25.36 -34.36
C SER F 101 -10.93 -26.32 -33.32
N ALA F 102 -12.25 -26.41 -33.31
CA ALA F 102 -12.97 -27.32 -32.45
C ALA F 102 -12.65 -28.75 -32.86
N ALA F 103 -12.51 -28.97 -34.17
CA ALA F 103 -12.27 -30.32 -34.68
C ALA F 103 -10.95 -30.91 -34.13
N GLN F 104 -9.94 -30.05 -33.96
CA GLN F 104 -8.64 -30.47 -33.43
C GLN F 104 -8.81 -30.97 -32.00
N VAL F 105 -9.60 -30.23 -31.22
CA VAL F 105 -9.87 -30.59 -29.84
C VAL F 105 -10.61 -31.93 -29.80
N ARG F 106 -11.73 -32.04 -30.53
CA ARG F 106 -12.51 -33.26 -30.50
C ARG F 106 -11.65 -34.47 -30.88
N HIS F 107 -10.78 -34.32 -31.87
CA HIS F 107 -9.94 -35.43 -32.29
C HIS F 107 -9.09 -35.96 -31.11
N ALA F 108 -8.43 -35.02 -30.42
CA ALA F 108 -7.56 -35.35 -29.31
C ALA F 108 -8.35 -35.89 -28.11
N ALA F 109 -9.54 -35.32 -27.88
CA ALA F 109 -10.36 -35.71 -26.74
C ALA F 109 -10.88 -37.13 -26.93
N VAL F 110 -11.39 -37.42 -28.12
CA VAL F 110 -11.94 -38.73 -28.41
C VAL F 110 -10.84 -39.78 -28.42
N ALA F 111 -9.71 -39.48 -29.07
CA ALA F 111 -8.63 -40.45 -29.19
C ALA F 111 -8.02 -40.80 -27.84
N SER F 112 -7.93 -39.81 -26.94
CA SER F 112 -7.31 -40.05 -25.65
C SER F 112 -8.33 -40.44 -24.57
N GLY F 113 -9.59 -39.99 -24.70
CA GLY F 113 -10.57 -40.20 -23.65
C GLY F 113 -10.20 -39.42 -22.38
N LYS F 114 -9.35 -38.40 -22.54
CA LYS F 114 -8.94 -37.60 -21.40
C LYS F 114 -9.25 -36.12 -21.63
N PRO F 115 -9.36 -35.32 -20.55
CA PRO F 115 -9.57 -33.87 -20.67
C PRO F 115 -8.48 -33.20 -21.49
N VAL F 116 -8.89 -32.19 -22.25
CA VAL F 116 -7.99 -31.43 -23.09
C VAL F 116 -7.84 -30.01 -22.57
N TRP F 117 -6.58 -29.57 -22.56
CA TRP F 117 -6.21 -28.21 -22.23
C TRP F 117 -5.68 -27.55 -23.50
N PRO F 118 -6.53 -26.81 -24.24
CA PRO F 118 -6.09 -26.16 -25.47
C PRO F 118 -5.11 -25.03 -25.15
N ILE F 119 -4.03 -24.96 -25.92
CA ILE F 119 -3.07 -23.87 -25.81
C ILE F 119 -3.36 -22.91 -26.95
N VAL F 120 -3.73 -21.67 -26.60
CA VAL F 120 -4.04 -20.65 -27.59
C VAL F 120 -2.76 -19.88 -27.86
N GLU F 121 -2.26 -19.97 -29.09
CA GLU F 121 -0.97 -19.32 -29.35
C GLU F 121 -0.83 -18.83 -30.79
N SER F 122 -1.97 -18.58 -31.44
CA SER F 122 -1.97 -18.06 -32.79
C SER F 122 -3.21 -17.19 -33.00
N ALA F 123 -3.15 -16.31 -34.00
CA ALA F 123 -4.28 -15.46 -34.33
C ALA F 123 -5.49 -16.30 -34.72
N ARG F 124 -5.27 -17.39 -35.47
N ARG F 124 -5.23 -17.42 -35.40
CA ARG F 124 -6.34 -18.26 -35.94
CA ARG F 124 -6.31 -18.25 -35.88
C ARG F 124 -7.06 -18.90 -34.73
C ARG F 124 -7.07 -18.85 -34.70
N GLY F 125 -6.30 -19.25 -33.69
CA GLY F 125 -6.84 -19.82 -32.47
C GLY F 125 -7.72 -18.81 -31.75
N LEU F 126 -7.27 -17.54 -31.74
CA LEU F 126 -8.03 -16.46 -31.14
C LEU F 126 -9.34 -16.28 -31.90
N ALA F 127 -9.27 -16.29 -33.24
CA ALA F 127 -10.48 -16.04 -34.03
C ALA F 127 -11.50 -17.17 -33.86
N ALA F 128 -11.04 -18.39 -33.56
CA ALA F 128 -11.93 -19.53 -33.42
C ALA F 128 -12.12 -19.91 -31.95
N LEU F 129 -11.80 -19.01 -31.03
CA LEU F 129 -11.81 -19.38 -29.62
C LEU F 129 -13.20 -19.74 -29.11
N GLY F 130 -14.26 -19.09 -29.63
CA GLY F 130 -15.61 -19.45 -29.23
C GLY F 130 -15.90 -20.94 -29.46
N GLU F 131 -15.58 -21.46 -30.66
CA GLU F 131 -15.85 -22.86 -30.98
C GLU F 131 -14.89 -23.79 -30.20
N ILE F 132 -13.64 -23.37 -30.01
CA ILE F 132 -12.64 -24.13 -29.29
C ILE F 132 -13.08 -24.35 -27.85
N ALA F 133 -13.42 -23.25 -27.17
CA ALA F 133 -13.79 -23.28 -25.77
C ALA F 133 -15.04 -24.11 -25.52
N ALA F 134 -15.93 -24.17 -26.52
CA ALA F 134 -17.20 -24.85 -26.37
C ALA F 134 -17.11 -26.32 -26.76
N ALA F 135 -15.94 -26.76 -27.23
CA ALA F 135 -15.78 -28.14 -27.66
C ALA F 135 -15.89 -29.10 -26.47
N ALA F 136 -16.51 -30.27 -26.73
CA ALA F 136 -16.64 -31.29 -25.71
C ALA F 136 -15.24 -31.80 -25.34
N GLY F 137 -14.95 -31.88 -24.04
CA GLY F 137 -13.68 -32.41 -23.56
C GLY F 137 -12.73 -31.34 -23.02
N VAL F 138 -13.02 -30.06 -23.28
CA VAL F 138 -12.16 -28.98 -22.83
C VAL F 138 -12.30 -28.77 -21.32
N GLU F 139 -11.18 -28.77 -20.60
CA GLU F 139 -11.21 -28.53 -19.17
C GLU F 139 -11.04 -27.04 -18.88
N ARG F 140 -9.99 -26.43 -19.48
CA ARG F 140 -9.66 -25.03 -19.27
C ARG F 140 -8.70 -24.59 -20.37
N LEU F 141 -8.51 -23.26 -20.53
CA LEU F 141 -7.65 -22.73 -21.57
C LEU F 141 -6.32 -22.27 -20.99
N SER F 142 -5.29 -22.29 -21.84
CA SER F 142 -3.96 -21.83 -21.49
C SER F 142 -3.43 -20.90 -22.58
N PHE F 143 -2.60 -19.94 -22.17
CA PHE F 143 -2.12 -18.92 -23.08
C PHE F 143 -0.66 -19.17 -23.49
N GLY F 144 -0.41 -19.21 -24.80
CA GLY F 144 0.94 -19.33 -25.34
C GLY F 144 1.39 -17.93 -25.78
N SER F 145 1.71 -17.08 -24.81
CA SER F 145 2.04 -15.69 -25.09
C SER F 145 3.27 -15.51 -25.97
N LEU F 146 4.29 -16.36 -25.84
CA LEU F 146 5.48 -16.12 -26.64
C LEU F 146 5.21 -16.47 -28.11
N ASP F 147 4.54 -17.59 -28.35
CA ASP F 147 4.22 -18.00 -29.71
C ASP F 147 3.21 -17.05 -30.34
N LEU F 148 2.25 -16.54 -29.55
CA LEU F 148 1.28 -15.59 -30.09
C LEU F 148 2.01 -14.31 -30.51
N ALA F 149 2.97 -13.85 -29.69
CA ALA F 149 3.70 -12.64 -30.04
C ALA F 149 4.44 -12.83 -31.37
N LEU F 150 5.04 -14.02 -31.56
CA LEU F 150 5.71 -14.32 -32.81
C LEU F 150 4.70 -14.36 -33.95
N ASP F 151 3.52 -14.92 -33.70
CA ASP F 151 2.53 -15.06 -34.77
C ASP F 151 2.00 -13.70 -35.22
N LEU F 152 1.98 -12.71 -34.31
CA LEU F 152 1.46 -11.37 -34.59
C LEU F 152 2.57 -10.34 -34.80
N ASP F 153 3.83 -10.79 -34.83
CA ASP F 153 4.96 -9.93 -35.11
C ASP F 153 5.08 -8.81 -34.09
N LEU F 154 4.89 -9.13 -32.80
CA LEU F 154 4.99 -8.16 -31.73
C LEU F 154 6.43 -8.06 -31.23
N ASN F 155 6.76 -6.93 -30.60
CA ASN F 155 8.04 -6.75 -29.93
C ASN F 155 7.83 -7.22 -28.48
N SER F 156 8.09 -8.53 -28.25
CA SER F 156 7.87 -9.15 -26.95
C SER F 156 8.52 -8.37 -25.84
N GLY F 157 7.74 -8.12 -24.78
CA GLY F 157 8.21 -7.37 -23.64
C GLY F 157 7.87 -5.89 -23.72
N SER F 158 7.52 -5.37 -24.91
CA SER F 158 7.21 -3.94 -25.02
C SER F 158 5.80 -3.68 -24.49
N ASN F 159 5.52 -2.41 -24.17
N ASN F 159 5.52 -2.42 -24.14
CA ASN F 159 4.22 -2.00 -23.66
CA ASN F 159 4.20 -2.04 -23.65
C ASN F 159 3.13 -2.24 -24.70
C ASN F 159 3.14 -2.30 -24.72
N ALA F 160 3.46 -1.95 -25.97
CA ALA F 160 2.52 -2.13 -27.06
C ALA F 160 2.18 -3.61 -27.23
N ALA F 161 3.20 -4.47 -27.13
CA ALA F 161 3.00 -5.90 -27.25
C ALA F 161 2.09 -6.40 -26.13
N GLU F 162 2.29 -5.88 -24.91
CA GLU F 162 1.46 -6.31 -23.80
C GLU F 162 0.03 -5.85 -23.97
N GLN F 163 -0.17 -4.71 -24.65
CA GLN F 163 -1.50 -4.23 -24.92
C GLN F 163 -2.20 -5.22 -25.85
N ILE F 164 -1.50 -5.68 -26.88
CA ILE F 164 -2.10 -6.61 -27.82
C ILE F 164 -2.40 -7.94 -27.14
N LEU F 165 -1.45 -8.46 -26.36
CA LEU F 165 -1.63 -9.73 -25.67
C LEU F 165 -2.78 -9.59 -24.68
N GLY F 166 -3.04 -8.36 -24.21
CA GLY F 166 -4.15 -8.07 -23.30
C GLY F 166 -5.49 -8.41 -23.95
N HIS F 167 -5.63 -8.09 -25.24
CA HIS F 167 -6.83 -8.41 -25.99
C HIS F 167 -7.00 -9.92 -26.04
N ALA F 168 -5.88 -10.61 -26.29
CA ALA F 168 -5.93 -12.05 -26.39
C ALA F 168 -6.32 -12.64 -25.05
N ARG F 169 -5.74 -12.09 -23.97
CA ARG F 169 -6.07 -12.59 -22.64
C ARG F 169 -7.57 -12.44 -22.39
N TYR F 170 -8.13 -11.28 -22.77
CA TYR F 170 -9.55 -11.03 -22.59
C TYR F 170 -10.38 -12.12 -23.26
N ALA F 171 -9.97 -12.52 -24.47
CA ALA F 171 -10.67 -13.57 -25.20
C ALA F 171 -10.69 -14.86 -24.37
N LEU F 172 -9.54 -15.24 -23.80
CA LEU F 172 -9.49 -16.45 -22.99
C LEU F 172 -10.45 -16.35 -21.80
N LEU F 173 -10.44 -15.19 -21.14
CA LEU F 173 -11.25 -14.99 -19.95
C LEU F 173 -12.74 -14.96 -20.26
N LEU F 174 -13.10 -14.31 -21.38
CA LEU F 174 -14.49 -14.20 -21.75
C LEU F 174 -15.02 -15.58 -22.14
N GLN F 175 -14.28 -16.28 -23.01
CA GLN F 175 -14.72 -17.59 -23.47
C GLN F 175 -14.75 -18.59 -22.31
N THR F 176 -13.87 -18.44 -21.31
CA THR F 176 -13.90 -19.29 -20.13
C THR F 176 -15.28 -19.19 -19.49
N ARG F 177 -15.69 -17.94 -19.24
CA ARG F 177 -16.95 -17.69 -18.57
C ARG F 177 -18.14 -18.16 -19.42
N LEU F 178 -18.09 -17.88 -20.72
CA LEU F 178 -19.21 -18.22 -21.61
C LEU F 178 -19.40 -19.73 -21.73
N ALA F 179 -18.29 -20.48 -21.83
CA ALA F 179 -18.35 -21.93 -21.99
C ALA F 179 -18.40 -22.68 -20.66
N GLY F 180 -18.28 -21.97 -19.54
CA GLY F 180 -18.33 -22.59 -18.22
C GLY F 180 -17.11 -23.46 -17.90
N LEU F 181 -15.92 -23.01 -18.34
CA LEU F 181 -14.70 -23.77 -18.14
C LEU F 181 -14.10 -23.48 -16.76
N ALA F 182 -13.11 -24.28 -16.37
CA ALA F 182 -12.39 -24.08 -15.12
C ALA F 182 -11.43 -22.91 -15.33
N PRO F 183 -10.87 -22.30 -14.26
CA PRO F 183 -10.01 -21.12 -14.42
C PRO F 183 -8.80 -21.35 -15.32
N PRO F 184 -8.55 -20.41 -16.27
CA PRO F 184 -7.46 -20.54 -17.22
C PRO F 184 -6.09 -20.25 -16.65
N LEU F 185 -5.07 -20.64 -17.43
CA LEU F 185 -3.71 -20.41 -17.03
C LEU F 185 -3.06 -19.40 -17.96
N ASP F 186 -2.38 -18.41 -17.35
CA ASP F 186 -1.65 -17.41 -18.11
C ASP F 186 -0.34 -18.06 -18.54
N GLY F 187 0.39 -17.41 -19.45
CA GLY F 187 1.58 -17.99 -20.08
C GLY F 187 2.81 -18.03 -19.18
N VAL F 188 3.76 -18.86 -19.61
CA VAL F 188 5.03 -19.01 -18.93
C VAL F 188 5.73 -17.66 -18.83
N TYR F 189 6.30 -17.40 -17.66
CA TYR F 189 7.17 -16.26 -17.44
C TYR F 189 8.58 -16.84 -17.49
N PRO F 190 9.31 -16.65 -18.62
CA PRO F 190 10.59 -17.33 -18.81
C PRO F 190 11.85 -16.91 -18.05
N ALA F 191 11.86 -15.70 -17.46
CA ALA F 191 13.03 -15.22 -16.74
C ALA F 191 13.04 -15.81 -15.32
N ILE F 192 13.65 -16.99 -15.18
CA ILE F 192 13.69 -17.71 -13.92
C ILE F 192 14.44 -16.95 -12.82
N GLN F 193 15.34 -16.04 -13.20
CA GLN F 193 16.14 -15.31 -12.22
C GLN F 193 15.49 -13.99 -11.81
N ASN F 194 14.37 -13.62 -12.47
CA ASN F 194 13.71 -12.37 -12.17
C ASN F 194 12.45 -12.68 -11.35
N ARG F 195 12.63 -12.87 -10.04
CA ARG F 195 11.54 -13.22 -9.15
C ARG F 195 10.55 -12.05 -9.07
N ALA F 196 11.07 -10.81 -9.03
CA ALA F 196 10.21 -9.64 -8.95
C ALA F 196 9.28 -9.54 -10.18
N GLY F 197 9.84 -9.84 -11.36
CA GLY F 197 9.09 -9.79 -12.61
C GLY F 197 8.00 -10.85 -12.65
N LEU F 198 8.31 -12.04 -12.13
CA LEU F 198 7.35 -13.12 -12.05
C LEU F 198 6.19 -12.69 -11.15
N VAL F 199 6.51 -12.10 -9.99
CA VAL F 199 5.48 -11.66 -9.07
C VAL F 199 4.55 -10.67 -9.76
N GLU F 200 5.11 -9.71 -10.52
CA GLU F 200 4.28 -8.75 -11.23
C GLU F 200 3.40 -9.45 -12.25
N ALA F 201 3.94 -10.46 -12.95
CA ALA F 201 3.18 -11.20 -13.94
C ALA F 201 2.00 -11.95 -13.29
N VAL F 202 2.25 -12.57 -12.14
CA VAL F 202 1.23 -13.33 -11.44
C VAL F 202 0.16 -12.38 -10.90
N ARG F 203 0.57 -11.21 -10.39
CA ARG F 203 -0.40 -10.25 -9.86
C ARG F 203 -1.35 -9.78 -10.96
N PHE F 204 -0.81 -9.54 -12.16
CA PHE F 204 -1.63 -9.01 -13.23
C PHE F 204 -2.60 -10.09 -13.70
N ALA F 205 -2.12 -11.33 -13.79
CA ALA F 205 -2.95 -12.44 -14.22
C ALA F 205 -4.08 -12.69 -13.22
N ARG F 206 -3.71 -12.72 -11.93
CA ARG F 206 -4.67 -12.91 -10.84
C ARG F 206 -5.76 -11.86 -10.90
N ASP F 207 -5.35 -10.60 -11.06
CA ASP F 207 -6.25 -9.45 -11.04
C ASP F 207 -7.25 -9.47 -12.20
N MET F 208 -6.92 -10.15 -13.30
CA MET F 208 -7.84 -10.22 -14.42
C MET F 208 -8.61 -11.53 -14.45
N GLY F 209 -8.46 -12.39 -13.43
CA GLY F 209 -9.32 -13.57 -13.36
C GLY F 209 -8.67 -14.89 -13.74
N PHE F 210 -7.38 -14.91 -14.03
CA PHE F 210 -6.70 -16.16 -14.31
C PHE F 210 -6.56 -16.90 -13.00
N GLY F 211 -6.62 -18.24 -13.06
CA GLY F 211 -6.47 -19.09 -11.89
C GLY F 211 -5.00 -19.26 -11.52
N GLY F 212 -4.12 -19.28 -12.52
CA GLY F 212 -2.70 -19.43 -12.25
C GLY F 212 -1.83 -19.28 -13.50
N LEU F 213 -0.57 -19.72 -13.40
CA LEU F 213 0.39 -19.66 -14.48
C LEU F 213 1.00 -21.03 -14.80
N LEU F 214 1.30 -21.21 -16.08
CA LEU F 214 2.20 -22.26 -16.52
C LEU F 214 3.58 -21.84 -16.01
N CYS F 215 4.43 -22.81 -15.67
CA CYS F 215 5.76 -22.48 -15.16
C CYS F 215 6.76 -23.52 -15.64
N ILE F 216 8.04 -23.17 -15.57
CA ILE F 216 9.07 -24.00 -16.17
C ILE F 216 10.19 -24.40 -15.23
N HIS F 217 10.15 -23.95 -13.97
CA HIS F 217 11.16 -24.34 -13.01
C HIS F 217 10.50 -24.44 -11.64
N PRO F 218 10.85 -25.44 -10.82
CA PRO F 218 10.24 -25.58 -9.50
C PRO F 218 10.37 -24.34 -8.62
N SER F 219 11.41 -23.52 -8.87
CA SER F 219 11.63 -22.30 -8.08
C SER F 219 10.54 -21.26 -8.32
N GLN F 220 9.76 -21.41 -9.39
CA GLN F 220 8.70 -20.45 -9.68
C GLN F 220 7.43 -20.77 -8.89
N VAL F 221 7.33 -21.96 -8.29
CA VAL F 221 6.11 -22.38 -7.64
C VAL F 221 5.79 -21.53 -6.40
N GLU F 222 6.77 -21.38 -5.49
CA GLU F 222 6.58 -20.64 -4.25
C GLU F 222 6.13 -19.21 -4.53
N PRO F 223 6.87 -18.40 -5.32
CA PRO F 223 6.40 -17.05 -5.66
C PRO F 223 5.01 -17.01 -6.29
N ILE F 224 4.69 -17.94 -7.20
CA ILE F 224 3.37 -17.95 -7.80
C ILE F 224 2.31 -18.14 -6.72
N HIS F 225 2.46 -19.17 -5.90
CA HIS F 225 1.51 -19.46 -4.82
C HIS F 225 1.42 -18.32 -3.81
N GLN F 226 2.55 -17.71 -3.45
CA GLN F 226 2.52 -16.63 -2.48
C GLN F 226 1.71 -15.44 -3.00
N THR F 227 1.90 -15.09 -4.28
CA THR F 227 1.25 -13.95 -4.89
C THR F 227 -0.26 -14.19 -5.04
N LEU F 228 -0.65 -15.46 -5.25
CA LEU F 228 -2.06 -15.80 -5.41
C LEU F 228 -2.77 -15.95 -4.06
N MET F 229 -2.00 -16.14 -2.98
CA MET F 229 -2.51 -16.44 -1.66
C MET F 229 -3.34 -15.28 -1.09
N PRO F 230 -4.62 -15.50 -0.70
CA PRO F 230 -5.42 -14.46 -0.04
C PRO F 230 -4.80 -14.13 1.32
N SER F 231 -5.27 -13.05 1.93
CA SER F 231 -4.76 -12.59 3.21
C SER F 231 -5.16 -13.51 4.36
N PRO F 232 -4.46 -13.46 5.51
CA PRO F 232 -4.81 -14.30 6.66
C PRO F 232 -6.26 -14.06 7.08
N ALA F 233 -6.66 -12.79 7.11
CA ALA F 233 -8.01 -12.41 7.50
C ALA F 233 -9.04 -12.99 6.51
N GLU F 234 -8.74 -12.94 5.21
CA GLU F 234 -9.67 -13.45 4.21
C GLU F 234 -9.85 -14.96 4.35
N LEU F 235 -8.77 -15.70 4.61
CA LEU F 235 -8.86 -17.14 4.74
C LEU F 235 -9.60 -17.52 6.02
N GLU F 236 -9.32 -16.81 7.13
CA GLU F 236 -10.02 -17.09 8.37
C GLU F 236 -11.52 -16.94 8.16
N TRP F 237 -11.90 -15.98 7.30
CA TRP F 237 -13.30 -15.75 6.97
C TRP F 237 -13.83 -16.87 6.08
N ALA F 238 -13.15 -17.10 4.95
CA ALA F 238 -13.55 -18.10 3.96
C ALA F 238 -13.77 -19.48 4.58
N ARG F 239 -12.90 -19.88 5.51
CA ARG F 239 -13.02 -21.18 6.16
C ARG F 239 -14.35 -21.25 6.92
N ARG F 240 -14.55 -20.33 7.88
CA ARG F 240 -15.76 -20.30 8.68
C ARG F 240 -17.00 -20.39 7.79
N VAL F 241 -16.99 -19.64 6.68
CA VAL F 241 -18.11 -19.63 5.74
C VAL F 241 -18.24 -21.00 5.09
N ALA F 242 -17.11 -21.64 4.77
CA ALA F 242 -17.11 -22.96 4.15
C ALA F 242 -17.65 -24.01 5.11
N GLU F 243 -17.32 -23.89 6.42
CA GLU F 243 -17.81 -24.84 7.41
C GLU F 243 -19.30 -24.62 7.65
N ALA F 244 -19.77 -23.37 7.49
CA ALA F 244 -21.17 -23.05 7.67
C ALA F 244 -22.00 -23.69 6.55
N GLY F 245 -21.52 -23.55 5.31
CA GLY F 245 -22.19 -24.10 4.15
C GLY F 245 -21.76 -25.54 3.88
N ASP F 260 -26.13 -17.80 1.44
CA ASP F 260 -26.48 -17.56 0.01
C ASP F 260 -25.29 -17.97 -0.87
N ALA F 261 -25.60 -18.41 -2.10
CA ALA F 261 -24.61 -18.89 -3.05
C ALA F 261 -23.47 -17.88 -3.26
N PRO F 262 -23.75 -16.57 -3.45
CA PRO F 262 -22.67 -15.59 -3.67
C PRO F 262 -21.61 -15.47 -2.57
N VAL F 263 -22.01 -15.73 -1.32
CA VAL F 263 -21.09 -15.65 -0.18
C VAL F 263 -20.20 -16.89 -0.20
N LEU F 264 -20.83 -18.07 -0.34
CA LEU F 264 -20.10 -19.34 -0.41
C LEU F 264 -19.27 -19.37 -1.70
N GLY F 265 -19.79 -18.72 -2.75
CA GLY F 265 -19.12 -18.67 -4.04
C GLY F 265 -17.80 -17.91 -3.98
N ARG F 266 -17.75 -16.88 -3.12
CA ARG F 266 -16.54 -16.09 -2.95
C ARG F 266 -15.60 -16.82 -2.00
N ALA F 267 -16.18 -17.64 -1.11
CA ALA F 267 -15.41 -18.39 -0.13
C ALA F 267 -14.59 -19.48 -0.83
N ARG F 268 -15.27 -20.30 -1.66
CA ARG F 268 -14.58 -21.38 -2.35
C ARG F 268 -13.47 -20.81 -3.23
N ARG F 269 -13.72 -19.65 -3.84
CA ARG F 269 -12.72 -19.01 -4.69
C ARG F 269 -11.46 -18.78 -3.85
N LEU F 270 -11.62 -18.10 -2.70
CA LEU F 270 -10.52 -17.79 -1.79
C LEU F 270 -9.77 -19.06 -1.37
N LEU F 271 -10.51 -20.12 -1.06
CA LEU F 271 -9.90 -21.35 -0.57
C LEU F 271 -9.07 -22.03 -1.67
N GLU F 272 -9.55 -22.00 -2.91
CA GLU F 272 -8.82 -22.62 -4.02
C GLU F 272 -7.57 -21.79 -4.29
N ARG F 273 -7.69 -20.47 -4.13
CA ARG F 273 -6.55 -19.58 -4.32
C ARG F 273 -5.48 -19.88 -3.27
N ALA F 274 -5.89 -20.43 -2.12
CA ALA F 274 -4.99 -20.76 -1.03
C ALA F 274 -4.49 -22.20 -1.12
N GLY F 275 -5.01 -22.96 -2.08
CA GLY F 275 -4.63 -24.36 -2.24
C GLY F 275 -5.35 -25.23 -1.21
N GLU F 276 -6.50 -24.72 -0.74
CA GLU F 276 -7.29 -25.42 0.26
C GLU F 276 -8.68 -25.71 -0.32
N GLY F 277 -8.71 -26.07 -1.60
CA GLY F 277 -9.95 -26.41 -2.27
C GLY F 277 -10.24 -27.90 -2.15
#